data_5A02
#
_entry.id   5A02
#
_cell.length_a   101.310
_cell.length_b   153.590
_cell.length_c   108.010
_cell.angle_alpha   90.00
_cell.angle_beta   109.85
_cell.angle_gamma   90.00
#
_symmetry.space_group_name_H-M   'P 1 21 1'
#
loop_
_entity.id
_entity.type
_entity.pdbx_description
1 polymer 'ALDOSE-ALDOSE OXIDOREDUCTASE'
2 non-polymer 'NADP NICOTINAMIDE-ADENINE-DINUCLEOTIDE PHOSPHATE'
3 non-polymer GLYCEROL
4 non-polymer 'SULFATE ION'
5 water water
#
_entity_poly.entity_id   1
_entity_poly.type   'polypeptide(L)'
_entity_poly.pdbx_seq_one_letter_code
;AQPGRKLGYAILGLGYYATRIIMPRFAECEHSRLAALVSGTPEKLKTYGEQYGIPETHRYSYETFDRIIDNPDVDIVYVI
TPNSLHRPFTERAARAGKHVMCEKPMANTVADCEAMIAACKKAGRKLMIGYRSRFQAHNIEAIKLVRDGALGPVRTVVTD
HGFTIGDPKQWRLNRALAGGGSLMDIGIYSLNAARYLTGEEPVAVNAVESTDRSDPRFGEVEDIINFQLLFPSGATANCV
SAYSVNCNRYRVSGPKGWVEIDPATSYQGQAMRAQLGGPPAPREPAPQPKNQFSAQLDHLSECILTGREPIVGGDDGLKD
LRVIEAIYRAAREGRTVKL
;
_entity_poly.pdbx_strand_id   A,B,C,D,E,F
#
# COMPACT_ATOMS: atom_id res chain seq x y z
N ARG A 5 -14.20 -30.81 23.05
CA ARG A 5 -14.22 -30.06 21.81
C ARG A 5 -12.92 -29.28 21.59
N LYS A 6 -12.14 -29.08 22.65
CA LYS A 6 -10.77 -28.54 22.52
C LYS A 6 -9.72 -29.50 23.08
N LEU A 7 -8.78 -29.93 22.26
CA LEU A 7 -7.70 -30.78 22.77
C LEU A 7 -6.63 -29.89 23.36
N GLY A 8 -5.92 -30.40 24.37
CA GLY A 8 -4.94 -29.60 25.06
C GLY A 8 -3.54 -29.78 24.53
N TYR A 9 -2.88 -28.66 24.22
CA TYR A 9 -1.49 -28.66 23.73
C TYR A 9 -0.49 -28.41 24.84
N ALA A 10 0.58 -29.21 24.86
CA ALA A 10 1.78 -28.85 25.60
C ALA A 10 2.82 -28.31 24.61
N ILE A 11 3.27 -27.07 24.81
CA ILE A 11 4.30 -26.50 23.95
C ILE A 11 5.67 -26.81 24.55
N LEU A 12 6.54 -27.43 23.75
CA LEU A 12 7.83 -27.89 24.24
C LEU A 12 8.96 -27.16 23.50
N GLY A 13 9.76 -26.41 24.26
CA GLY A 13 10.83 -25.59 23.70
C GLY A 13 10.33 -24.17 23.47
N LEU A 14 10.48 -23.32 24.49
CA LEU A 14 9.90 -21.99 24.50
C LEU A 14 10.85 -20.97 23.89
N GLY A 15 11.11 -21.13 22.60
CA GLY A 15 12.02 -20.24 21.88
C GLY A 15 11.22 -19.24 21.08
N TYR A 16 11.83 -18.66 20.05
CA TYR A 16 11.15 -17.58 19.31
C TYR A 16 9.85 -18.03 18.66
N TYR A 17 9.89 -19.12 17.90
CA TYR A 17 8.72 -19.56 17.15
C TYR A 17 7.57 -19.93 18.09
N ALA A 18 7.91 -20.67 19.15
CA ALA A 18 6.93 -21.05 20.15
C ALA A 18 6.22 -19.85 20.79
N THR A 19 7.01 -18.88 21.26
CA THR A 19 6.46 -17.85 22.14
C THR A 19 5.94 -16.65 21.37
N ARG A 20 6.64 -16.28 20.29
CA ARG A 20 6.23 -15.09 19.54
C ARG A 20 5.19 -15.43 18.49
N ILE A 21 5.29 -16.61 17.89
CA ILE A 21 4.44 -16.91 16.73
C ILE A 21 3.30 -17.86 17.07
N ILE A 22 3.62 -19.02 17.64
CA ILE A 22 2.60 -20.05 17.87
C ILE A 22 1.67 -19.78 19.05
N MET A 23 2.24 -19.52 20.23
CA MET A 23 1.41 -19.49 21.42
C MET A 23 0.31 -18.42 21.38
N PRO A 24 0.61 -17.21 20.84
CA PRO A 24 -0.51 -16.26 20.72
C PRO A 24 -1.65 -16.74 19.83
N ARG A 25 -1.42 -17.70 18.94
CA ARG A 25 -2.44 -18.01 17.94
C ARG A 25 -3.43 -19.03 18.42
N PHE A 26 -3.31 -19.46 19.66
CA PHE A 26 -4.39 -20.26 20.23
C PHE A 26 -5.67 -19.41 20.35
N ALA A 27 -5.51 -18.08 20.32
CA ALA A 27 -6.64 -17.16 20.41
C ALA A 27 -7.72 -17.46 19.37
N GLU A 28 -7.31 -17.84 18.16
CA GLU A 28 -8.29 -18.06 17.10
C GLU A 28 -8.60 -19.53 16.90
N CYS A 29 -8.10 -20.40 17.76
CA CYS A 29 -8.38 -21.83 17.61
C CYS A 29 -9.79 -22.17 18.08
N GLU A 30 -10.41 -23.13 17.40
CA GLU A 30 -11.74 -23.60 17.77
C GLU A 30 -11.71 -24.96 18.47
N HIS A 31 -10.61 -25.70 18.29
CA HIS A 31 -10.54 -27.07 18.80
C HIS A 31 -9.24 -27.37 19.54
N SER A 32 -8.53 -26.31 19.91
CA SER A 32 -7.24 -26.47 20.57
C SER A 32 -7.08 -25.43 21.65
N ARG A 33 -6.42 -25.80 22.75
CA ARG A 33 -6.10 -24.83 23.78
C ARG A 33 -4.71 -25.08 24.32
N LEU A 34 -4.10 -24.02 24.84
CA LEU A 34 -2.81 -24.12 25.50
C LEU A 34 -2.98 -24.72 26.90
N ALA A 35 -2.43 -25.92 27.12
CA ALA A 35 -2.67 -26.62 28.38
C ALA A 35 -1.42 -26.77 29.24
N ALA A 36 -0.24 -26.82 28.62
CA ALA A 36 0.98 -27.01 29.38
C ALA A 36 2.21 -26.44 28.70
N LEU A 37 3.27 -26.31 29.49
CA LEU A 37 4.52 -25.77 29.02
C LEU A 37 5.66 -26.71 29.39
N VAL A 38 6.60 -26.89 28.47
CA VAL A 38 7.78 -27.72 28.70
C VAL A 38 9.01 -26.94 28.28
N SER A 39 9.94 -26.77 29.20
CA SER A 39 11.06 -25.86 28.98
C SER A 39 12.32 -26.24 29.77
N GLY A 40 13.48 -25.98 29.19
CA GLY A 40 14.73 -26.13 29.89
C GLY A 40 15.14 -24.88 30.66
N THR A 41 14.31 -23.85 30.61
CA THR A 41 14.59 -22.57 31.28
C THR A 41 13.51 -22.24 32.31
N PRO A 42 13.82 -22.43 33.62
CA PRO A 42 12.81 -22.22 34.68
C PRO A 42 12.14 -20.85 34.60
N GLU A 43 12.92 -19.83 34.27
CA GLU A 43 12.39 -18.47 34.14
C GLU A 43 11.27 -18.38 33.08
N LYS A 44 11.40 -19.13 31.99
CA LYS A 44 10.39 -19.08 30.93
C LYS A 44 9.10 -19.72 31.41
N LEU A 45 9.22 -20.79 32.18
CA LEU A 45 8.04 -21.44 32.74
C LEU A 45 7.24 -20.47 33.63
N LYS A 46 7.93 -19.66 34.44
CA LYS A 46 7.24 -18.66 35.25
C LYS A 46 6.59 -17.61 34.36
N THR A 47 7.41 -16.98 33.51
CA THR A 47 6.97 -15.89 32.67
C THR A 47 5.76 -16.24 31.80
N TYR A 48 5.84 -17.35 31.08
CA TYR A 48 4.77 -17.72 30.17
C TYR A 48 3.65 -18.45 30.90
N GLY A 49 3.99 -19.14 31.98
CA GLY A 49 2.97 -19.77 32.81
C GLY A 49 2.04 -18.71 33.39
N GLU A 50 2.63 -17.63 33.90
CA GLU A 50 1.82 -16.54 34.43
C GLU A 50 1.02 -15.83 33.34
N GLN A 51 1.64 -15.51 32.20
CA GLN A 51 0.92 -14.84 31.13
C GLN A 51 -0.30 -15.63 30.66
N TYR A 52 -0.14 -16.94 30.50
CA TYR A 52 -1.22 -17.74 29.92
C TYR A 52 -2.04 -18.50 30.97
N GLY A 53 -1.78 -18.27 32.24
CA GLY A 53 -2.57 -18.90 33.28
C GLY A 53 -2.38 -20.41 33.33
N ILE A 54 -1.13 -20.83 33.16
CA ILE A 54 -0.77 -22.25 33.24
C ILE A 54 -0.27 -22.55 34.66
N PRO A 55 -1.00 -23.40 35.38
CA PRO A 55 -0.61 -23.74 36.76
C PRO A 55 0.72 -24.51 36.81
N GLU A 56 1.41 -24.43 37.95
CA GLU A 56 2.71 -25.08 38.11
C GLU A 56 2.64 -26.59 37.84
N THR A 57 1.52 -27.21 38.18
CA THR A 57 1.27 -28.61 37.89
C THR A 57 1.40 -28.94 36.41
N HIS A 58 1.18 -27.94 35.56
CA HIS A 58 1.21 -28.12 34.11
C HIS A 58 2.45 -27.49 33.48
N ARG A 59 3.46 -27.23 34.30
CA ARG A 59 4.75 -26.76 33.82
C ARG A 59 5.78 -27.85 34.02
N TYR A 60 6.54 -28.14 32.98
CA TYR A 60 7.52 -29.23 33.02
C TYR A 60 8.91 -28.77 32.57
N SER A 61 9.94 -29.34 33.18
CA SER A 61 11.28 -29.23 32.65
C SER A 61 11.50 -30.41 31.70
N TYR A 62 12.58 -30.39 30.94
CA TYR A 62 12.94 -31.53 30.11
C TYR A 62 13.19 -32.76 30.99
N GLU A 63 13.68 -32.53 32.19
CA GLU A 63 13.92 -33.62 33.14
C GLU A 63 12.63 -34.23 33.68
N THR A 64 11.59 -33.42 33.90
CA THR A 64 10.34 -33.96 34.42
C THR A 64 9.32 -34.25 33.32
N PHE A 65 9.70 -34.02 32.06
CA PHE A 65 8.74 -34.09 30.95
C PHE A 65 7.98 -35.42 30.86
N ASP A 66 8.60 -36.53 31.17
CA ASP A 66 7.94 -37.82 31.03
C ASP A 66 6.73 -37.98 31.96
N ARG A 67 6.72 -37.25 33.06
CA ARG A 67 5.59 -37.23 33.99
C ARG A 67 4.29 -36.77 33.33
N ILE A 68 4.40 -36.18 32.14
CA ILE A 68 3.23 -35.61 31.47
C ILE A 68 2.24 -36.70 31.07
N ILE A 69 2.70 -37.94 31.09
CA ILE A 69 1.84 -39.10 30.87
C ILE A 69 0.64 -39.11 31.83
N ASP A 70 0.81 -38.54 33.02
CA ASP A 70 -0.24 -38.54 34.04
C ASP A 70 -1.12 -37.29 34.00
N ASN A 71 -0.88 -36.40 33.03
CA ASN A 71 -1.68 -35.18 32.87
C ASN A 71 -2.72 -35.35 31.78
N PRO A 72 -3.99 -35.59 32.18
CA PRO A 72 -5.06 -35.81 31.22
C PRO A 72 -5.49 -34.54 30.46
N ASP A 73 -5.03 -33.37 30.89
CA ASP A 73 -5.34 -32.13 30.15
C ASP A 73 -4.47 -31.94 28.91
N VAL A 74 -3.41 -32.76 28.80
CA VAL A 74 -2.52 -32.71 27.64
C VAL A 74 -2.81 -33.83 26.65
N ASP A 75 -3.24 -33.47 25.46
CA ASP A 75 -3.51 -34.45 24.41
C ASP A 75 -2.37 -34.49 23.38
N ILE A 76 -1.75 -33.34 23.16
CA ILE A 76 -0.77 -33.15 22.10
C ILE A 76 0.47 -32.45 22.62
N VAL A 77 1.64 -32.98 22.26
CA VAL A 77 2.89 -32.27 22.49
C VAL A 77 3.42 -31.68 21.17
N TYR A 78 3.69 -30.38 21.18
CA TYR A 78 4.20 -29.65 20.03
C TYR A 78 5.69 -29.38 20.28
N VAL A 79 6.54 -30.13 19.58
CA VAL A 79 7.99 -30.00 19.71
C VAL A 79 8.53 -28.86 18.84
N ILE A 80 9.11 -27.86 19.49
CA ILE A 80 9.60 -26.67 18.79
C ILE A 80 11.02 -26.34 19.25
N THR A 81 11.90 -27.34 19.12
CA THR A 81 13.29 -27.30 19.56
C THR A 81 14.25 -27.23 18.36
N PRO A 82 15.57 -27.08 18.62
CA PRO A 82 16.49 -27.31 17.52
C PRO A 82 16.28 -28.70 16.88
N ASN A 83 16.64 -28.81 15.61
CA ASN A 83 16.27 -29.96 14.79
C ASN A 83 16.69 -31.32 15.31
N SER A 84 17.90 -31.39 15.87
CA SER A 84 18.44 -32.64 16.36
C SER A 84 17.69 -33.14 17.59
N LEU A 85 16.87 -32.30 18.19
CA LEU A 85 16.15 -32.72 19.39
C LEU A 85 14.73 -33.16 19.07
N HIS A 86 14.32 -32.99 17.81
CA HIS A 86 12.97 -33.37 17.39
C HIS A 86 12.68 -34.85 17.66
N ARG A 87 13.58 -35.74 17.24
CA ARG A 87 13.35 -37.16 17.40
C ARG A 87 13.22 -37.60 18.88
N PRO A 88 14.19 -37.26 19.74
CA PRO A 88 14.02 -37.78 21.10
C PRO A 88 12.81 -37.19 21.85
N PHE A 89 12.50 -35.91 21.70
CA PHE A 89 11.30 -35.41 22.38
C PHE A 89 10.04 -36.02 21.79
N THR A 90 10.01 -36.25 20.48
CA THR A 90 8.85 -36.89 19.84
C THR A 90 8.64 -38.30 20.39
N GLU A 91 9.73 -39.06 20.48
CA GLU A 91 9.65 -40.43 20.99
C GLU A 91 9.15 -40.46 22.43
N ARG A 92 9.68 -39.55 23.26
CA ARG A 92 9.28 -39.45 24.66
C ARG A 92 7.82 -39.04 24.79
N ALA A 93 7.39 -38.10 23.97
CA ALA A 93 5.98 -37.70 23.94
C ALA A 93 5.09 -38.87 23.61
N ALA A 94 5.48 -39.64 22.59
CA ALA A 94 4.69 -40.80 22.18
C ALA A 94 4.59 -41.82 23.31
N ARG A 95 5.71 -42.11 23.96
CA ARG A 95 5.72 -43.04 25.10
C ARG A 95 4.92 -42.48 26.28
N ALA A 96 4.78 -41.16 26.35
CA ALA A 96 3.92 -40.55 27.35
C ALA A 96 2.46 -40.58 26.91
N GLY A 97 2.20 -41.22 25.78
CA GLY A 97 0.85 -41.40 25.27
C GLY A 97 0.23 -40.18 24.63
N LYS A 98 1.06 -39.24 24.17
CA LYS A 98 0.54 -38.03 23.54
C LYS A 98 0.67 -38.07 22.03
N HIS A 99 -0.30 -37.46 21.34
CA HIS A 99 -0.15 -37.15 19.93
C HIS A 99 0.94 -36.08 19.78
N VAL A 100 1.52 -35.98 18.59
CA VAL A 100 2.66 -35.09 18.43
C VAL A 100 2.53 -34.19 17.21
N MET A 101 2.76 -32.90 17.44
CA MET A 101 3.02 -31.96 16.37
C MET A 101 4.52 -31.68 16.42
N CYS A 102 5.21 -31.94 15.31
CA CYS A 102 6.65 -31.72 15.31
C CYS A 102 7.00 -30.68 14.25
N GLU A 103 7.81 -29.70 14.64
CA GLU A 103 8.23 -28.67 13.68
C GLU A 103 9.09 -29.25 12.58
N LYS A 104 9.12 -28.57 11.44
CA LYS A 104 10.05 -28.89 10.35
C LYS A 104 11.44 -28.34 10.67
N PRO A 105 12.50 -28.90 10.04
CA PRO A 105 12.50 -30.17 9.33
C PRO A 105 12.21 -31.27 10.35
N MET A 106 11.57 -32.34 9.92
CA MET A 106 11.11 -33.37 10.85
C MET A 106 12.24 -33.88 11.74
N ALA A 107 13.37 -34.24 11.12
CA ALA A 107 14.55 -34.69 11.87
C ALA A 107 15.75 -34.65 10.95
N ASN A 108 16.89 -35.15 11.41
CA ASN A 108 18.14 -34.97 10.67
C ASN A 108 18.29 -35.92 9.49
N THR A 109 17.67 -37.09 9.58
CA THR A 109 17.84 -38.11 8.55
C THR A 109 16.54 -38.85 8.31
N VAL A 110 16.49 -39.55 7.18
CA VAL A 110 15.41 -40.49 6.91
C VAL A 110 15.20 -41.49 8.05
N ALA A 111 16.29 -42.12 8.50
CA ALA A 111 16.20 -43.10 9.58
C ALA A 111 15.58 -42.51 10.85
N ASP A 112 15.97 -41.29 11.20
CA ASP A 112 15.38 -40.62 12.37
C ASP A 112 13.87 -40.43 12.19
N CYS A 113 13.45 -40.04 10.99
CA CYS A 113 12.02 -39.88 10.70
C CYS A 113 11.29 -41.22 10.83
N GLU A 114 11.90 -42.27 10.30
CA GLU A 114 11.30 -43.60 10.37
C GLU A 114 11.11 -44.05 11.83
N ALA A 115 12.11 -43.78 12.68
CA ALA A 115 12.02 -44.10 14.10
C ALA A 115 10.88 -43.33 14.77
N MET A 116 10.74 -42.05 14.41
CA MET A 116 9.68 -41.22 14.97
C MET A 116 8.30 -41.76 14.62
N ILE A 117 8.14 -42.13 13.35
CA ILE A 117 6.90 -42.67 12.84
C ILE A 117 6.57 -43.99 13.53
N ALA A 118 7.58 -44.84 13.73
CA ALA A 118 7.38 -46.13 14.41
C ALA A 118 6.96 -45.93 15.87
N ALA A 119 7.56 -44.96 16.55
CA ALA A 119 7.21 -44.73 17.94
C ALA A 119 5.77 -44.25 18.09
N CYS A 120 5.31 -43.39 17.18
CA CYS A 120 3.94 -42.89 17.30
C CYS A 120 2.93 -43.97 16.92
N LYS A 121 3.27 -44.76 15.90
CA LYS A 121 2.44 -45.89 15.51
C LYS A 121 2.30 -46.87 16.67
N LYS A 122 3.43 -47.20 17.29
CA LYS A 122 3.42 -48.13 18.41
C LYS A 122 2.58 -47.60 19.57
N ALA A 123 2.54 -46.28 19.74
CA ALA A 123 1.78 -45.65 20.81
C ALA A 123 0.31 -45.46 20.46
N GLY A 124 -0.06 -45.75 19.21
CA GLY A 124 -1.41 -45.51 18.76
C GLY A 124 -1.73 -44.02 18.76
N ARG A 125 -0.72 -43.19 18.48
CA ARG A 125 -0.91 -41.75 18.51
C ARG A 125 -0.55 -41.10 17.17
N LYS A 126 -1.19 -39.98 16.88
CA LYS A 126 -0.99 -39.32 15.60
C LYS A 126 0.24 -38.41 15.58
N LEU A 127 0.82 -38.26 14.39
CA LEU A 127 2.03 -37.47 14.19
C LEU A 127 1.81 -36.51 13.03
N MET A 128 2.01 -35.22 13.28
CA MET A 128 1.87 -34.22 12.22
C MET A 128 3.10 -33.31 12.20
N ILE A 129 3.53 -32.91 11.01
CA ILE A 129 4.67 -32.01 10.88
C ILE A 129 4.18 -30.60 10.59
N GLY A 130 4.88 -29.61 11.15
CA GLY A 130 4.45 -28.22 11.08
C GLY A 130 4.63 -27.49 9.74
N TYR A 131 4.01 -28.01 8.68
CA TYR A 131 4.03 -27.32 7.40
C TYR A 131 2.81 -26.39 7.30
N ARG A 132 2.90 -25.25 7.98
CA ARG A 132 1.76 -24.33 8.07
C ARG A 132 1.30 -23.79 6.71
N SER A 133 2.21 -23.78 5.73
CA SER A 133 1.88 -23.21 4.42
C SER A 133 0.72 -23.96 3.76
N ARG A 134 0.49 -25.21 4.18
CA ARG A 134 -0.62 -25.98 3.63
C ARG A 134 -1.97 -25.45 4.12
N PHE A 135 -1.95 -24.57 5.11
CA PHE A 135 -3.18 -24.02 5.68
C PHE A 135 -3.29 -22.53 5.39
N GLN A 136 -2.41 -22.04 4.50
CA GLN A 136 -2.32 -20.62 4.22
C GLN A 136 -3.08 -20.29 2.94
N ALA A 137 -3.87 -19.22 2.95
CA ALA A 137 -4.87 -18.99 1.90
C ALA A 137 -4.32 -18.94 0.46
N HIS A 138 -3.23 -18.21 0.26
CA HIS A 138 -2.64 -18.08 -1.07
C HIS A 138 -2.06 -19.41 -1.56
N ASN A 139 -1.41 -20.14 -0.66
CA ASN A 139 -0.86 -21.44 -1.00
C ASN A 139 -1.98 -22.43 -1.38
N ILE A 140 -3.06 -22.43 -0.61
CA ILE A 140 -4.21 -23.28 -0.95
C ILE A 140 -4.79 -22.93 -2.33
N GLU A 141 -4.91 -21.64 -2.61
CA GLU A 141 -5.37 -21.19 -3.91
C GLU A 141 -4.46 -21.68 -5.03
N ALA A 142 -3.15 -21.55 -4.86
CA ALA A 142 -2.22 -22.03 -5.89
C ALA A 142 -2.35 -23.54 -6.12
N ILE A 143 -2.35 -24.31 -5.03
CA ILE A 143 -2.51 -25.75 -5.12
C ILE A 143 -3.78 -26.14 -5.89
N LYS A 144 -4.89 -25.46 -5.59
CA LYS A 144 -6.16 -25.80 -6.23
C LYS A 144 -6.22 -25.38 -7.69
N LEU A 145 -5.64 -24.23 -8.03
CA LEU A 145 -5.49 -23.85 -9.44
C LEU A 145 -4.77 -24.95 -10.23
N VAL A 146 -3.67 -25.44 -9.67
CA VAL A 146 -2.93 -26.53 -10.31
C VAL A 146 -3.81 -27.77 -10.45
N ARG A 147 -4.41 -28.20 -9.34
CA ARG A 147 -5.23 -29.42 -9.35
C ARG A 147 -6.42 -29.30 -10.30
N ASP A 148 -6.99 -28.11 -10.40
CA ASP A 148 -8.14 -27.89 -11.26
C ASP A 148 -7.77 -27.83 -12.74
N GLY A 149 -6.47 -27.92 -13.04
CA GLY A 149 -6.00 -27.87 -14.41
C GLY A 149 -5.90 -26.49 -15.05
N ALA A 150 -5.94 -25.43 -14.24
CA ALA A 150 -5.85 -24.06 -14.75
C ALA A 150 -4.56 -23.75 -15.51
N LEU A 151 -3.49 -24.47 -15.19
CA LEU A 151 -2.18 -24.22 -15.81
C LEU A 151 -1.89 -25.23 -16.90
N GLY A 152 -2.72 -26.27 -17.00
CA GLY A 152 -2.37 -27.45 -17.77
C GLY A 152 -1.42 -28.30 -16.95
N PRO A 153 -0.71 -29.24 -17.57
CA PRO A 153 0.31 -29.99 -16.82
C PRO A 153 1.40 -29.07 -16.28
N VAL A 154 1.79 -29.26 -15.03
CA VAL A 154 2.91 -28.50 -14.49
C VAL A 154 4.19 -28.78 -15.27
N ARG A 155 4.86 -27.73 -15.70
CA ARG A 155 6.11 -27.86 -16.43
C ARG A 155 7.29 -27.39 -15.57
N THR A 156 7.12 -26.23 -14.92
CA THR A 156 8.18 -25.70 -14.07
C THR A 156 7.66 -25.18 -12.75
N VAL A 157 8.50 -25.34 -11.73
CA VAL A 157 8.34 -24.68 -10.45
C VAL A 157 9.65 -24.01 -10.15
N VAL A 158 9.63 -22.68 -10.00
CA VAL A 158 10.84 -21.96 -9.66
C VAL A 158 10.60 -21.33 -8.30
N THR A 159 11.37 -21.75 -7.31
CA THR A 159 11.10 -21.32 -5.94
C THR A 159 12.39 -21.03 -5.20
N ASP A 160 12.44 -19.88 -4.52
CA ASP A 160 13.62 -19.44 -3.82
C ASP A 160 13.26 -19.15 -2.38
N HIS A 161 13.99 -19.77 -1.44
CA HIS A 161 13.83 -19.43 -0.02
C HIS A 161 15.20 -19.20 0.60
N GLY A 162 15.33 -18.09 1.31
CA GLY A 162 16.57 -17.80 1.99
C GLY A 162 16.41 -16.59 2.88
N PHE A 163 17.31 -16.44 3.85
CA PHE A 163 17.42 -15.19 4.58
C PHE A 163 18.86 -14.97 5.02
N THR A 164 19.23 -13.71 5.23
CA THR A 164 20.59 -13.39 5.61
C THR A 164 20.77 -13.68 7.09
N ILE A 165 21.28 -14.86 7.41
CA ILE A 165 21.37 -15.27 8.81
C ILE A 165 22.44 -14.44 9.54
N GLY A 166 22.21 -14.18 10.82
CA GLY A 166 23.08 -13.27 11.57
C GLY A 166 24.08 -13.93 12.48
N ASP A 167 23.72 -14.02 13.76
CA ASP A 167 24.62 -14.48 14.82
C ASP A 167 25.29 -15.85 14.54
N PRO A 168 26.61 -15.83 14.34
CA PRO A 168 27.39 -17.05 14.05
C PRO A 168 27.23 -18.14 15.12
N LYS A 169 26.86 -17.75 16.33
CA LYS A 169 26.83 -18.70 17.44
C LYS A 169 25.51 -19.45 17.63
N GLN A 170 24.46 -19.07 16.90
CA GLN A 170 23.15 -19.69 17.09
C GLN A 170 23.10 -21.17 16.66
N TRP A 171 22.14 -21.92 17.20
CA TRP A 171 22.12 -23.37 16.97
C TRP A 171 21.98 -23.75 15.48
N ARG A 172 21.34 -22.90 14.67
CA ARG A 172 21.18 -23.19 13.24
C ARG A 172 22.51 -23.35 12.50
N LEU A 173 23.58 -22.75 13.03
CA LEU A 173 24.87 -22.81 12.34
C LEU A 173 25.80 -23.83 13.00
N ASN A 174 25.21 -24.64 13.87
CA ASN A 174 25.91 -25.70 14.58
C ASN A 174 25.42 -27.05 14.05
N ARG A 175 26.30 -27.82 13.40
CA ARG A 175 25.88 -29.07 12.76
C ARG A 175 25.21 -30.02 13.77
N ALA A 176 25.78 -30.10 14.97
CA ALA A 176 25.28 -31.05 15.96
C ALA A 176 23.82 -30.79 16.34
N LEU A 177 23.40 -29.51 16.36
CA LEU A 177 22.03 -29.17 16.73
C LEU A 177 21.09 -28.97 15.52
N ALA A 178 21.64 -28.60 14.37
CA ALA A 178 20.81 -28.24 13.21
C ALA A 178 20.70 -29.34 12.17
N GLY A 179 21.69 -30.23 12.13
CA GLY A 179 21.68 -31.32 11.17
C GLY A 179 22.11 -30.93 9.76
N GLY A 180 22.33 -29.63 9.55
CA GLY A 180 22.67 -29.12 8.23
C GLY A 180 22.43 -27.62 8.20
N GLY A 181 22.69 -26.98 7.06
CA GLY A 181 22.56 -25.54 6.93
C GLY A 181 21.23 -25.07 6.38
N SER A 182 21.29 -24.19 5.38
CA SER A 182 20.09 -23.51 4.90
C SER A 182 19.02 -24.50 4.43
N LEU A 183 19.43 -25.62 3.86
CA LEU A 183 18.47 -26.59 3.30
C LEU A 183 17.57 -27.14 4.42
N MET A 184 18.16 -27.39 5.57
CA MET A 184 17.41 -27.94 6.70
C MET A 184 16.41 -26.94 7.24
N ASP A 185 16.76 -25.67 7.19
CA ASP A 185 15.98 -24.63 7.88
C ASP A 185 15.00 -23.88 6.99
N ILE A 186 15.47 -23.42 5.84
CA ILE A 186 14.65 -22.53 5.02
C ILE A 186 14.51 -23.11 3.60
N GLY A 187 15.52 -23.81 3.11
CA GLY A 187 15.46 -24.43 1.78
C GLY A 187 14.37 -25.48 1.70
N ILE A 188 14.06 -26.07 2.84
CA ILE A 188 13.02 -27.07 2.91
C ILE A 188 11.66 -26.49 2.44
N TYR A 189 11.46 -25.18 2.57
CA TYR A 189 10.23 -24.59 2.04
C TYR A 189 10.16 -24.69 0.51
N SER A 190 11.30 -24.50 -0.16
CA SER A 190 11.34 -24.64 -1.61
C SER A 190 10.99 -26.07 -2.00
N LEU A 191 11.62 -27.02 -1.31
CA LEU A 191 11.40 -28.44 -1.59
C LEU A 191 9.95 -28.83 -1.33
N ASN A 192 9.44 -28.45 -0.17
CA ASN A 192 8.10 -28.86 0.22
C ASN A 192 7.07 -28.27 -0.76
N ALA A 193 7.29 -27.03 -1.19
CA ALA A 193 6.38 -26.41 -2.17
C ALA A 193 6.44 -27.08 -3.54
N ALA A 194 7.64 -27.41 -4.02
CA ALA A 194 7.74 -28.14 -5.29
C ALA A 194 6.94 -29.43 -5.24
N ARG A 195 7.01 -30.10 -4.10
CA ARG A 195 6.26 -31.32 -3.91
C ARG A 195 4.75 -31.05 -3.83
N TYR A 196 4.30 -30.07 -3.05
CA TYR A 196 2.83 -29.92 -2.95
C TYR A 196 2.21 -29.22 -4.16
N LEU A 197 2.97 -28.42 -4.90
CA LEU A 197 2.44 -27.84 -6.12
C LEU A 197 2.31 -28.89 -7.24
N THR A 198 3.34 -29.72 -7.43
CA THR A 198 3.24 -30.78 -8.43
C THR A 198 2.30 -31.87 -7.96
N GLY A 199 2.26 -32.09 -6.65
CA GLY A 199 1.62 -33.26 -6.09
C GLY A 199 2.38 -34.54 -6.40
N GLU A 200 3.67 -34.43 -6.70
CA GLU A 200 4.50 -35.57 -7.06
C GLU A 200 5.72 -35.69 -6.18
N GLU A 201 6.42 -36.82 -6.29
CA GLU A 201 7.69 -37.01 -5.61
C GLU A 201 8.80 -37.08 -6.66
N PRO A 202 9.93 -36.45 -6.38
CA PRO A 202 10.96 -36.39 -7.44
C PRO A 202 11.62 -37.74 -7.69
N VAL A 203 12.09 -37.92 -8.92
CA VAL A 203 12.79 -39.14 -9.30
C VAL A 203 14.26 -38.86 -9.64
N ALA A 204 14.61 -37.59 -9.78
CA ALA A 204 16.00 -37.24 -10.04
C ALA A 204 16.31 -35.88 -9.43
N VAL A 205 17.54 -35.74 -8.94
CA VAL A 205 17.97 -34.59 -8.17
C VAL A 205 19.36 -34.11 -8.59
N ASN A 206 19.49 -32.83 -8.92
CA ASN A 206 20.80 -32.16 -9.09
C ASN A 206 21.00 -31.15 -7.98
N ALA A 207 22.24 -30.84 -7.63
CA ALA A 207 22.46 -29.74 -6.70
C ALA A 207 23.86 -29.16 -6.81
N VAL A 208 23.97 -27.88 -6.45
CA VAL A 208 25.24 -27.19 -6.34
C VAL A 208 25.31 -26.46 -5.01
N GLU A 209 26.37 -26.70 -4.25
CA GLU A 209 26.58 -26.01 -2.99
C GLU A 209 27.59 -24.86 -3.17
N SER A 210 27.36 -23.74 -2.47
CA SER A 210 28.33 -22.66 -2.49
C SER A 210 28.38 -21.95 -1.14
N THR A 211 29.52 -22.11 -0.46
CA THR A 211 29.67 -21.64 0.91
C THR A 211 31.06 -21.08 1.10
N ASP A 212 31.14 -19.84 1.57
CA ASP A 212 32.42 -19.23 1.90
C ASP A 212 32.80 -19.64 3.33
N ARG A 213 33.72 -20.59 3.46
CA ARG A 213 34.07 -21.14 4.76
C ARG A 213 34.91 -20.18 5.59
N SER A 214 35.30 -19.05 5.01
CA SER A 214 36.02 -18.05 5.79
C SER A 214 35.02 -17.16 6.52
N ASP A 215 33.75 -17.31 6.19
CA ASP A 215 32.68 -16.58 6.87
C ASP A 215 32.48 -17.20 8.24
N PRO A 216 32.50 -16.37 9.30
CA PRO A 216 32.31 -16.80 10.69
C PRO A 216 31.06 -17.66 10.87
N ARG A 217 30.06 -17.46 10.01
CA ARG A 217 28.78 -18.17 10.11
C ARG A 217 28.84 -19.62 9.61
N PHE A 218 29.79 -19.91 8.72
CA PHE A 218 29.68 -21.11 7.90
C PHE A 218 30.85 -22.07 8.01
N GLY A 219 31.38 -22.22 9.22
CA GLY A 219 32.46 -23.16 9.47
C GLY A 219 32.00 -24.60 9.50
N GLU A 220 30.70 -24.81 9.72
CA GLU A 220 30.17 -26.16 9.93
C GLU A 220 29.07 -26.57 8.95
N VAL A 221 28.23 -25.62 8.55
CA VAL A 221 27.09 -25.96 7.67
C VAL A 221 27.07 -25.07 6.43
N GLU A 222 26.25 -25.46 5.46
CA GLU A 222 26.25 -24.79 4.15
C GLU A 222 25.44 -23.50 4.13
N ASP A 223 25.87 -22.58 3.28
CA ASP A 223 25.18 -21.34 3.02
C ASP A 223 24.15 -21.56 1.91
N ILE A 224 24.64 -21.65 0.68
CA ILE A 224 23.76 -21.83 -0.47
C ILE A 224 23.83 -23.28 -0.95
N ILE A 225 22.67 -23.89 -1.17
CA ILE A 225 22.66 -25.16 -1.87
C ILE A 225 21.39 -25.15 -2.72
N ASN A 226 21.62 -24.95 -4.02
CA ASN A 226 20.51 -24.82 -4.97
C ASN A 226 20.29 -26.16 -5.60
N PHE A 227 19.05 -26.51 -5.89
CA PHE A 227 18.83 -27.84 -6.43
C PHE A 227 17.78 -27.87 -7.52
N GLN A 228 17.87 -28.93 -8.32
CA GLN A 228 16.88 -29.17 -9.39
C GLN A 228 16.18 -30.49 -9.10
N LEU A 229 14.89 -30.53 -9.36
CA LEU A 229 14.11 -31.75 -9.23
C LEU A 229 13.42 -32.08 -10.54
N LEU A 230 13.44 -33.36 -10.87
CA LEU A 230 12.62 -33.89 -11.96
C LEU A 230 11.57 -34.83 -11.38
N PHE A 231 10.33 -34.74 -11.87
CA PHE A 231 9.21 -35.53 -11.39
C PHE A 231 8.75 -36.52 -12.48
N PRO A 232 8.02 -37.59 -12.11
CA PRO A 232 7.58 -38.57 -13.12
C PRO A 232 6.77 -38.00 -14.29
N SER A 233 5.97 -36.97 -14.05
CA SER A 233 5.16 -36.37 -15.12
C SER A 233 5.97 -35.61 -16.16
N GLY A 234 7.24 -35.39 -15.87
CA GLY A 234 8.04 -34.47 -16.67
C GLY A 234 8.15 -33.09 -16.04
N ALA A 235 7.37 -32.82 -14.98
CA ALA A 235 7.47 -31.55 -14.26
C ALA A 235 8.90 -31.37 -13.75
N THR A 236 9.37 -30.13 -13.74
CA THR A 236 10.71 -29.80 -13.24
C THR A 236 10.63 -28.71 -12.17
N ALA A 237 11.63 -28.68 -11.29
CA ALA A 237 11.76 -27.58 -10.34
C ALA A 237 13.21 -27.10 -10.24
N ASN A 238 13.38 -25.77 -10.23
CA ASN A 238 14.64 -25.08 -9.88
C ASN A 238 14.46 -24.43 -8.53
N CYS A 239 15.30 -24.78 -7.57
CA CYS A 239 15.09 -24.34 -6.20
C CYS A 239 16.32 -23.68 -5.61
N VAL A 240 16.12 -22.55 -4.93
CA VAL A 240 17.19 -21.90 -4.18
C VAL A 240 17.00 -22.10 -2.69
N SER A 241 18.12 -22.37 -2.01
CA SER A 241 18.18 -22.42 -0.54
C SER A 241 19.40 -21.60 -0.13
N ALA A 242 19.22 -20.58 0.71
CA ALA A 242 20.34 -19.70 1.02
C ALA A 242 20.30 -19.13 2.43
N TYR A 243 21.50 -18.90 2.99
CA TYR A 243 21.65 -18.20 4.26
C TYR A 243 22.33 -16.85 4.05
N SER A 244 22.49 -16.41 2.80
CA SER A 244 23.15 -15.13 2.57
C SER A 244 22.39 -14.20 1.64
N VAL A 245 21.17 -14.57 1.22
CA VAL A 245 20.28 -13.65 0.50
C VAL A 245 18.87 -13.76 1.06
N ASN A 246 18.06 -12.74 0.86
CA ASN A 246 16.66 -12.79 1.28
C ASN A 246 15.73 -13.10 0.11
N CYS A 247 14.93 -14.13 0.25
CA CYS A 247 13.98 -14.49 -0.79
C CYS A 247 12.94 -15.44 -0.23
N ASN A 248 11.73 -15.36 -0.78
CA ASN A 248 10.64 -16.20 -0.35
C ASN A 248 9.55 -16.15 -1.40
N ARG A 249 9.53 -17.14 -2.28
CA ARG A 249 8.65 -17.05 -3.45
C ARG A 249 8.57 -18.36 -4.19
N TYR A 250 7.49 -18.51 -4.96
CA TYR A 250 7.47 -19.51 -5.99
C TYR A 250 6.58 -19.10 -7.13
N ARG A 251 6.92 -19.60 -8.30
CA ARG A 251 6.04 -19.53 -9.47
C ARG A 251 5.92 -20.92 -10.02
N VAL A 252 4.70 -21.37 -10.26
CA VAL A 252 4.47 -22.62 -10.93
C VAL A 252 3.84 -22.30 -12.28
N SER A 253 4.40 -22.91 -13.35
CA SER A 253 3.99 -22.59 -14.71
C SER A 253 3.63 -23.84 -15.49
N GLY A 254 2.64 -23.70 -16.38
CA GLY A 254 2.27 -24.73 -17.34
C GLY A 254 1.97 -24.07 -18.68
N PRO A 255 1.56 -24.86 -19.69
CA PRO A 255 1.29 -24.37 -21.04
C PRO A 255 0.13 -23.37 -21.08
N LYS A 256 -0.78 -23.44 -20.11
CA LYS A 256 -1.93 -22.54 -20.09
C LYS A 256 -1.70 -21.30 -19.23
N GLY A 257 -0.63 -21.30 -18.45
CA GLY A 257 -0.29 -20.11 -17.70
C GLY A 257 0.43 -20.39 -16.40
N TRP A 258 0.47 -19.40 -15.51
CA TRP A 258 1.24 -19.58 -14.29
C TRP A 258 0.65 -18.82 -13.11
N VAL A 259 1.06 -19.19 -11.90
CA VAL A 259 0.68 -18.45 -10.72
C VAL A 259 1.91 -18.35 -9.82
N GLU A 260 2.11 -17.18 -9.22
CA GLU A 260 3.22 -17.02 -8.29
C GLU A 260 2.75 -16.35 -6.99
N ILE A 261 3.54 -16.54 -5.94
CA ILE A 261 3.34 -15.86 -4.67
C ILE A 261 4.69 -15.36 -4.17
N ASP A 262 4.71 -14.12 -3.70
CA ASP A 262 5.95 -13.48 -3.28
C ASP A 262 5.55 -12.30 -2.40
N PRO A 263 5.75 -12.41 -1.07
CA PRO A 263 6.31 -13.57 -0.38
C PRO A 263 5.34 -14.76 -0.37
N ALA A 264 5.88 -15.99 -0.34
CA ALA A 264 5.02 -17.17 -0.50
C ALA A 264 4.67 -17.87 0.81
N THR A 265 5.65 -18.02 1.70
CA THR A 265 5.50 -18.86 2.87
C THR A 265 5.87 -18.11 4.16
N SER A 266 5.76 -16.79 4.10
CA SER A 266 6.03 -15.93 5.24
C SER A 266 4.92 -15.99 6.28
N TYR A 267 5.13 -15.39 7.44
CA TYR A 267 4.12 -15.40 8.50
C TYR A 267 2.87 -14.61 8.07
N GLN A 268 3.08 -13.61 7.23
CA GLN A 268 2.03 -12.77 6.68
C GLN A 268 2.58 -12.03 5.47
N GLY A 269 1.71 -11.33 4.76
CA GLY A 269 2.12 -10.46 3.66
C GLY A 269 2.10 -11.10 2.29
N GLN A 270 1.66 -12.35 2.19
CA GLN A 270 1.53 -13.03 0.90
C GLN A 270 0.82 -12.16 -0.15
N ALA A 271 1.38 -12.16 -1.35
CA ALA A 271 0.78 -11.48 -2.49
C ALA A 271 0.90 -12.41 -3.68
N MET A 272 -0.22 -12.63 -4.37
CA MET A 272 -0.29 -13.57 -5.46
C MET A 272 -0.56 -12.86 -6.78
N ARG A 273 0.04 -13.38 -7.84
CA ARG A 273 -0.11 -12.82 -9.17
C ARG A 273 -0.24 -14.00 -10.11
N ALA A 274 -1.12 -13.91 -11.09
CA ALA A 274 -1.37 -15.06 -11.95
C ALA A 274 -1.53 -14.64 -13.39
N GLN A 275 -1.27 -15.58 -14.28
CA GLN A 275 -1.38 -15.35 -15.71
C GLN A 275 -2.11 -16.58 -16.27
N LEU A 276 -3.41 -16.44 -16.55
CA LEU A 276 -4.24 -17.60 -16.87
C LEU A 276 -5.04 -17.42 -18.16
N GLY A 277 -4.35 -17.25 -19.27
CA GLY A 277 -5.01 -17.11 -20.55
C GLY A 277 -5.34 -15.66 -20.83
N GLY A 278 -4.81 -14.79 -19.99
CA GLY A 278 -4.99 -13.35 -20.11
C GLY A 278 -3.73 -12.68 -19.63
N PRO A 279 -3.80 -11.37 -19.33
CA PRO A 279 -2.59 -10.68 -18.86
C PRO A 279 -2.22 -11.13 -17.44
N PRO A 280 -0.97 -10.93 -17.03
CA PRO A 280 -0.67 -11.18 -15.61
C PRO A 280 -1.38 -10.15 -14.76
N ALA A 281 -1.94 -10.56 -13.62
CA ALA A 281 -2.67 -9.66 -12.76
C ALA A 281 -2.66 -10.16 -11.33
N PRO A 282 -2.84 -9.26 -10.36
CA PRO A 282 -3.01 -9.68 -8.97
C PRO A 282 -4.18 -10.63 -8.85
N ARG A 283 -4.09 -11.58 -7.94
CA ARG A 283 -5.21 -12.47 -7.69
C ARG A 283 -5.38 -12.62 -6.18
N GLU A 284 -6.60 -12.43 -5.70
CA GLU A 284 -6.87 -12.64 -4.29
C GLU A 284 -7.35 -14.07 -4.12
N PRO A 285 -6.83 -14.74 -3.10
CA PRO A 285 -7.24 -16.13 -2.85
C PRO A 285 -8.62 -16.17 -2.18
N ALA A 286 -9.28 -17.31 -2.23
CA ALA A 286 -10.53 -17.47 -1.48
C ALA A 286 -10.25 -17.26 0.01
N PRO A 287 -11.15 -16.54 0.71
CA PRO A 287 -10.97 -16.33 2.16
C PRO A 287 -10.82 -17.63 2.96
N GLN A 288 -9.98 -17.60 3.99
CA GLN A 288 -9.88 -18.75 4.89
C GLN A 288 -10.49 -18.34 6.24
N PRO A 289 -11.18 -19.27 6.91
CA PRO A 289 -11.84 -18.97 8.18
C PRO A 289 -10.86 -18.46 9.24
N LYS A 290 -9.64 -18.98 9.26
CA LYS A 290 -8.69 -18.56 10.26
C LYS A 290 -7.27 -18.60 9.73
N ASN A 291 -6.37 -17.92 10.42
CA ASN A 291 -4.98 -17.79 9.99
C ASN A 291 -4.27 -19.16 9.96
N GLN A 292 -3.14 -19.21 9.26
CA GLN A 292 -2.43 -20.47 8.99
C GLN A 292 -1.96 -21.20 10.27
N PHE A 293 -1.59 -20.43 11.30
CA PHE A 293 -1.08 -21.01 12.52
C PHE A 293 -2.20 -21.69 13.31
N SER A 294 -3.29 -20.96 13.53
CA SER A 294 -4.46 -21.52 14.21
C SER A 294 -5.05 -22.69 13.42
N ALA A 295 -5.08 -22.56 12.09
CA ALA A 295 -5.57 -23.63 11.23
C ALA A 295 -4.70 -24.90 11.38
N GLN A 296 -3.38 -24.71 11.42
CA GLN A 296 -2.47 -25.85 11.59
C GLN A 296 -2.76 -26.56 12.91
N LEU A 297 -2.86 -25.79 13.99
CA LEU A 297 -3.08 -26.35 15.31
C LEU A 297 -4.40 -27.11 15.38
N ASP A 298 -5.45 -26.52 14.81
CA ASP A 298 -6.78 -27.12 14.82
C ASP A 298 -6.85 -28.34 13.92
N HIS A 299 -6.01 -28.40 12.89
CA HIS A 299 -6.07 -29.53 11.96
C HIS A 299 -5.73 -30.83 12.70
N LEU A 300 -4.66 -30.81 13.48
CA LEU A 300 -4.28 -31.99 14.26
C LEU A 300 -5.39 -32.36 15.25
N SER A 301 -5.89 -31.39 16.00
CA SER A 301 -6.99 -31.64 16.96
C SER A 301 -8.22 -32.23 16.28
N GLU A 302 -8.60 -31.67 15.14
CA GLU A 302 -9.76 -32.17 14.41
C GLU A 302 -9.52 -33.59 13.89
N CYS A 303 -8.29 -33.87 13.45
CA CYS A 303 -7.96 -35.21 12.98
C CYS A 303 -8.13 -36.22 14.09
N ILE A 304 -7.67 -35.85 15.29
CA ILE A 304 -7.82 -36.72 16.46
C ILE A 304 -9.29 -36.90 16.82
N LEU A 305 -10.05 -35.81 16.81
CA LEU A 305 -11.47 -35.85 17.17
C LEU A 305 -12.31 -36.68 16.21
N THR A 306 -11.91 -36.73 14.95
CA THR A 306 -12.72 -37.40 13.94
C THR A 306 -12.05 -38.69 13.44
N GLY A 307 -10.88 -38.99 13.98
CA GLY A 307 -10.16 -40.20 13.61
C GLY A 307 -9.60 -40.19 12.20
N ARG A 308 -9.20 -39.02 11.71
CA ARG A 308 -8.61 -38.91 10.37
C ARG A 308 -7.11 -38.69 10.43
N GLU A 309 -6.43 -38.88 9.30
CA GLU A 309 -4.99 -38.66 9.25
C GLU A 309 -4.67 -37.26 8.76
N PRO A 310 -3.67 -36.60 9.39
CA PRO A 310 -3.29 -35.23 9.02
C PRO A 310 -2.86 -35.16 7.56
N ILE A 311 -3.11 -34.05 6.88
CA ILE A 311 -2.69 -33.93 5.50
C ILE A 311 -1.16 -33.81 5.41
N VAL A 312 -0.53 -33.41 6.50
CA VAL A 312 0.94 -33.40 6.56
C VAL A 312 1.45 -34.24 7.73
N GLY A 313 1.37 -35.56 7.56
CA GLY A 313 1.79 -36.49 8.59
C GLY A 313 3.30 -36.72 8.56
N GLY A 314 3.77 -37.62 9.42
CA GLY A 314 5.18 -37.95 9.49
C GLY A 314 5.70 -38.41 8.13
N ASP A 315 4.83 -39.04 7.35
CA ASP A 315 5.21 -39.49 6.02
C ASP A 315 5.65 -38.33 5.12
N ASP A 316 5.03 -37.16 5.29
CA ASP A 316 5.39 -36.00 4.47
C ASP A 316 6.76 -35.44 4.87
N GLY A 317 7.02 -35.40 6.18
CA GLY A 317 8.31 -34.97 6.67
C GLY A 317 9.39 -35.94 6.23
N LEU A 318 9.08 -37.23 6.24
CA LEU A 318 10.01 -38.25 5.79
C LEU A 318 10.32 -38.11 4.30
N LYS A 319 9.28 -37.88 3.50
CA LYS A 319 9.48 -37.66 2.06
C LYS A 319 10.40 -36.48 1.77
N ASP A 320 10.31 -35.41 2.56
CA ASP A 320 11.24 -34.29 2.42
C ASP A 320 12.68 -34.69 2.77
N LEU A 321 12.85 -35.42 3.87
CA LEU A 321 14.20 -35.85 4.28
C LEU A 321 14.83 -36.79 3.25
N ARG A 322 14.03 -37.59 2.56
CA ARG A 322 14.55 -38.43 1.46
C ARG A 322 15.20 -37.58 0.38
N VAL A 323 14.50 -36.51 -0.03
CA VAL A 323 15.05 -35.66 -1.08
C VAL A 323 16.21 -34.84 -0.56
N ILE A 324 16.08 -34.38 0.69
CA ILE A 324 17.18 -33.64 1.31
C ILE A 324 18.48 -34.45 1.34
N GLU A 325 18.41 -35.72 1.72
CA GLU A 325 19.63 -36.54 1.67
C GLU A 325 20.18 -36.66 0.24
N ALA A 326 19.28 -36.80 -0.74
CA ALA A 326 19.68 -36.89 -2.15
C ALA A 326 20.31 -35.58 -2.63
N ILE A 327 19.77 -34.45 -2.17
CA ILE A 327 20.30 -33.12 -2.52
C ILE A 327 21.74 -32.95 -2.01
N TYR A 328 21.96 -33.21 -0.72
CA TYR A 328 23.31 -33.15 -0.17
C TYR A 328 24.28 -34.10 -0.92
N ARG A 329 23.80 -35.28 -1.24
CA ARG A 329 24.60 -36.25 -1.99
C ARG A 329 24.92 -35.75 -3.40
N ALA A 330 23.94 -35.19 -4.09
CA ALA A 330 24.16 -34.72 -5.45
C ALA A 330 25.17 -33.58 -5.48
N ALA A 331 25.14 -32.71 -4.47
CA ALA A 331 26.09 -31.59 -4.40
C ALA A 331 27.49 -32.06 -4.05
N ARG A 332 27.58 -33.10 -3.24
CA ARG A 332 28.88 -33.65 -2.84
C ARG A 332 29.51 -34.45 -3.98
N GLU A 333 28.72 -35.27 -4.65
CA GLU A 333 29.24 -36.14 -5.71
C GLU A 333 29.26 -35.52 -7.10
N GLY A 334 28.65 -34.35 -7.27
CA GLY A 334 28.58 -33.74 -8.58
C GLY A 334 27.91 -34.63 -9.62
N ARG A 335 26.79 -35.23 -9.24
CA ARG A 335 26.04 -36.04 -10.19
C ARG A 335 24.55 -35.99 -9.89
N THR A 336 23.75 -36.34 -10.89
CA THR A 336 22.31 -36.47 -10.73
C THR A 336 22.00 -37.70 -9.86
N VAL A 337 21.34 -37.49 -8.73
CA VAL A 337 20.95 -38.61 -7.88
C VAL A 337 19.54 -39.07 -8.22
N LYS A 338 19.39 -40.37 -8.42
CA LYS A 338 18.08 -40.93 -8.76
C LYS A 338 17.33 -41.40 -7.52
N LEU A 339 16.02 -41.17 -7.51
CA LEU A 339 15.17 -41.62 -6.40
C LEU A 339 14.00 -42.44 -6.91
N ARG B 5 -33.25 -22.22 15.61
CA ARG B 5 -33.79 -22.84 14.40
C ARG B 5 -32.89 -22.58 13.19
N LYS B 6 -32.49 -23.66 12.51
CA LYS B 6 -31.70 -23.55 11.29
C LYS B 6 -32.43 -24.16 10.11
N LEU B 7 -32.42 -23.45 8.98
CA LEU B 7 -33.00 -23.98 7.76
C LEU B 7 -31.94 -24.66 6.91
N GLY B 8 -32.35 -25.70 6.18
CA GLY B 8 -31.42 -26.51 5.43
C GLY B 8 -31.27 -26.06 3.98
N TYR B 9 -30.02 -25.88 3.56
CA TYR B 9 -29.67 -25.50 2.20
C TYR B 9 -29.22 -26.69 1.37
N ALA B 10 -29.76 -26.81 0.18
CA ALA B 10 -29.15 -27.65 -0.85
C ALA B 10 -28.38 -26.74 -1.80
N ILE B 11 -27.07 -26.98 -1.93
CA ILE B 11 -26.26 -26.24 -2.87
C ILE B 11 -26.26 -26.95 -4.23
N LEU B 12 -26.58 -26.20 -5.29
CA LEU B 12 -26.74 -26.77 -6.63
C LEU B 12 -25.74 -26.13 -7.59
N GLY B 13 -24.82 -26.95 -8.09
CA GLY B 13 -23.77 -26.48 -8.98
C GLY B 13 -22.51 -26.28 -8.16
N LEU B 14 -21.71 -27.34 -8.02
CA LEU B 14 -20.57 -27.31 -7.12
C LEU B 14 -19.33 -26.77 -7.83
N GLY B 15 -19.35 -25.48 -8.14
CA GLY B 15 -18.26 -24.83 -8.84
C GLY B 15 -17.43 -23.97 -7.90
N TYR B 16 -16.70 -23.00 -8.45
CA TYR B 16 -15.78 -22.21 -7.63
C TYR B 16 -16.51 -21.47 -6.52
N TYR B 17 -17.57 -20.73 -6.87
CA TYR B 17 -18.23 -19.90 -5.87
C TYR B 17 -18.89 -20.77 -4.80
N ALA B 18 -19.56 -21.82 -5.24
CA ALA B 18 -20.21 -22.74 -4.32
C ALA B 18 -19.22 -23.38 -3.35
N THR B 19 -18.15 -23.98 -3.88
CA THR B 19 -17.29 -24.80 -3.03
C THR B 19 -16.19 -24.01 -2.31
N ARG B 20 -15.66 -22.97 -2.94
CA ARG B 20 -14.56 -22.22 -2.31
C ARG B 20 -15.04 -21.05 -1.46
N ILE B 21 -16.22 -20.51 -1.78
CA ILE B 21 -16.67 -19.29 -1.13
C ILE B 21 -17.89 -19.47 -0.25
N ILE B 22 -18.95 -20.07 -0.78
CA ILE B 22 -20.20 -20.16 -0.03
C ILE B 22 -20.18 -21.28 1.02
N MET B 23 -19.83 -22.49 0.60
CA MET B 23 -19.97 -23.65 1.49
C MET B 23 -19.15 -23.56 2.80
N PRO B 24 -17.90 -23.03 2.75
CA PRO B 24 -17.21 -22.84 4.04
C PRO B 24 -17.90 -21.89 5.02
N ARG B 25 -18.78 -21.02 4.52
CA ARG B 25 -19.33 -19.97 5.37
C ARG B 25 -20.57 -20.38 6.15
N PHE B 26 -21.05 -21.60 5.93
CA PHE B 26 -22.16 -22.10 6.75
C PHE B 26 -21.76 -22.20 8.22
N ALA B 27 -20.46 -22.40 8.47
CA ALA B 27 -19.93 -22.46 9.84
C ALA B 27 -20.26 -21.21 10.67
N GLU B 28 -20.29 -20.04 10.03
CA GLU B 28 -20.58 -18.83 10.78
C GLU B 28 -22.06 -18.45 10.76
N CYS B 29 -22.89 -19.29 10.14
CA CYS B 29 -24.33 -19.02 10.11
C CYS B 29 -25.02 -19.33 11.44
N GLU B 30 -26.12 -18.64 11.70
CA GLU B 30 -26.90 -18.85 12.91
C GLU B 30 -28.24 -19.52 12.65
N HIS B 31 -28.73 -19.42 11.41
CA HIS B 31 -30.07 -19.92 11.11
C HIS B 31 -30.08 -20.74 9.82
N SER B 32 -28.90 -21.19 9.42
CA SER B 32 -28.73 -21.85 8.13
C SER B 32 -27.76 -23.02 8.30
N ARG B 33 -28.05 -24.14 7.66
CA ARG B 33 -27.06 -25.21 7.61
C ARG B 33 -27.01 -25.86 6.23
N LEU B 34 -25.87 -26.46 5.93
CA LEU B 34 -25.68 -27.21 4.71
C LEU B 34 -26.33 -28.58 4.85
N ALA B 35 -27.36 -28.85 4.07
CA ALA B 35 -28.15 -30.07 4.25
C ALA B 35 -28.04 -31.02 3.06
N ALA B 36 -27.84 -30.47 1.85
CA ALA B 36 -27.77 -31.32 0.66
C ALA B 36 -26.86 -30.77 -0.44
N LEU B 37 -26.43 -31.66 -1.32
CA LEU B 37 -25.63 -31.29 -2.47
C LEU B 37 -26.30 -31.75 -3.77
N VAL B 38 -26.28 -30.89 -4.78
CA VAL B 38 -26.82 -31.25 -6.10
C VAL B 38 -25.77 -30.95 -7.16
N SER B 39 -25.39 -31.96 -7.95
CA SER B 39 -24.24 -31.81 -8.83
C SER B 39 -24.31 -32.72 -10.04
N GLY B 40 -23.81 -32.22 -11.17
CA GLY B 40 -23.71 -33.01 -12.39
C GLY B 40 -22.41 -33.80 -12.44
N THR B 41 -21.62 -33.73 -11.38
CA THR B 41 -20.36 -34.43 -11.34
C THR B 41 -20.34 -35.41 -10.17
N PRO B 42 -20.45 -36.72 -10.46
CA PRO B 42 -20.53 -37.72 -9.39
C PRO B 42 -19.37 -37.62 -8.40
N GLU B 43 -18.17 -37.36 -8.91
CA GLU B 43 -16.97 -37.25 -8.07
C GLU B 43 -17.06 -36.12 -7.04
N LYS B 44 -17.69 -35.02 -7.42
CA LYS B 44 -17.87 -33.88 -6.51
C LYS B 44 -18.81 -34.23 -5.36
N LEU B 45 -19.90 -34.93 -5.67
CA LEU B 45 -20.82 -35.37 -4.61
C LEU B 45 -20.10 -36.24 -3.57
N LYS B 46 -19.21 -37.10 -4.02
CA LYS B 46 -18.46 -37.94 -3.09
C LYS B 46 -17.47 -37.11 -2.27
N THR B 47 -16.66 -36.30 -2.94
CA THR B 47 -15.65 -35.50 -2.26
C THR B 47 -16.25 -34.53 -1.25
N TYR B 48 -17.21 -33.73 -1.70
CA TYR B 48 -17.78 -32.72 -0.82
C TYR B 48 -18.79 -33.32 0.14
N GLY B 49 -19.44 -34.41 -0.27
CA GLY B 49 -20.35 -35.10 0.62
C GLY B 49 -19.57 -35.65 1.80
N GLU B 50 -18.44 -36.30 1.50
CA GLU B 50 -17.60 -36.85 2.55
C GLU B 50 -16.96 -35.74 3.38
N GLN B 51 -16.50 -34.68 2.73
CA GLN B 51 -15.89 -33.57 3.45
C GLN B 51 -16.85 -32.88 4.41
N TYR B 52 -18.11 -32.71 4.01
CA TYR B 52 -19.06 -31.98 4.84
C TYR B 52 -20.02 -32.88 5.61
N GLY B 53 -19.79 -34.19 5.54
CA GLY B 53 -20.63 -35.14 6.24
C GLY B 53 -22.08 -35.11 5.76
N ILE B 54 -22.26 -35.04 4.45
CA ILE B 54 -23.59 -35.09 3.87
C ILE B 54 -23.83 -36.52 3.40
N PRO B 55 -24.87 -37.17 3.95
CA PRO B 55 -25.16 -38.58 3.62
C PRO B 55 -25.59 -38.77 2.17
N GLU B 56 -25.45 -39.99 1.66
CA GLU B 56 -25.76 -40.28 0.27
C GLU B 56 -27.23 -39.97 -0.03
N THR B 57 -28.08 -40.08 0.99
CA THR B 57 -29.51 -39.76 0.86
C THR B 57 -29.75 -38.29 0.57
N HIS B 58 -28.75 -37.45 0.82
CA HIS B 58 -28.89 -36.01 0.66
C HIS B 58 -27.98 -35.52 -0.46
N ARG B 59 -27.62 -36.43 -1.36
CA ARG B 59 -26.81 -36.10 -2.52
C ARG B 59 -27.61 -36.39 -3.78
N TYR B 60 -27.66 -35.41 -4.68
CA TYR B 60 -28.50 -35.53 -5.87
C TYR B 60 -27.68 -35.24 -7.11
N SER B 61 -28.00 -35.92 -8.20
CA SER B 61 -27.54 -35.52 -9.52
C SER B 61 -28.62 -34.59 -10.08
N TYR B 62 -28.35 -34.00 -11.25
CA TYR B 62 -29.39 -33.21 -11.91
C TYR B 62 -30.54 -34.12 -12.38
N GLU B 63 -30.31 -35.43 -12.41
CA GLU B 63 -31.36 -36.36 -12.84
C GLU B 63 -32.18 -36.91 -11.68
N THR B 64 -31.68 -36.77 -10.45
CA THR B 64 -32.47 -37.21 -9.30
C THR B 64 -32.97 -36.01 -8.47
N PHE B 65 -32.58 -34.80 -8.88
CA PHE B 65 -32.89 -33.55 -8.17
C PHE B 65 -34.38 -33.38 -7.85
N ASP B 66 -35.29 -33.76 -8.74
CA ASP B 66 -36.72 -33.54 -8.47
C ASP B 66 -37.24 -34.32 -7.25
N ARG B 67 -36.52 -35.37 -6.85
CA ARG B 67 -36.89 -36.15 -5.68
C ARG B 67 -36.63 -35.41 -4.38
N ILE B 68 -35.99 -34.24 -4.48
CA ILE B 68 -35.65 -33.47 -3.29
C ILE B 68 -36.91 -32.95 -2.60
N ILE B 69 -38.05 -32.98 -3.30
CA ILE B 69 -39.33 -32.65 -2.68
C ILE B 69 -39.59 -33.52 -1.44
N ASP B 70 -39.03 -34.73 -1.42
CA ASP B 70 -39.26 -35.67 -0.34
C ASP B 70 -38.29 -35.52 0.82
N ASN B 71 -37.35 -34.59 0.69
CA ASN B 71 -36.35 -34.37 1.71
C ASN B 71 -36.71 -33.18 2.60
N PRO B 72 -37.16 -33.47 3.83
CA PRO B 72 -37.59 -32.41 4.75
C PRO B 72 -36.42 -31.65 5.37
N ASP B 73 -35.19 -32.14 5.19
CA ASP B 73 -34.02 -31.43 5.68
C ASP B 73 -33.64 -30.25 4.76
N VAL B 74 -34.26 -30.22 3.57
CA VAL B 74 -33.97 -29.17 2.60
C VAL B 74 -35.12 -28.18 2.52
N ASP B 75 -34.85 -26.93 2.90
CA ASP B 75 -35.83 -25.85 2.83
C ASP B 75 -35.54 -24.91 1.65
N ILE B 76 -34.25 -24.79 1.32
CA ILE B 76 -33.78 -23.84 0.33
C ILE B 76 -32.83 -24.51 -0.65
N VAL B 77 -33.00 -24.22 -1.94
CA VAL B 77 -32.02 -24.58 -2.93
C VAL B 77 -31.28 -23.32 -3.37
N TYR B 78 -29.95 -23.36 -3.34
CA TYR B 78 -29.13 -22.23 -3.74
C TYR B 78 -28.55 -22.59 -5.09
N VAL B 79 -29.01 -21.91 -6.13
CA VAL B 79 -28.58 -22.22 -7.49
C VAL B 79 -27.33 -21.41 -7.88
N ILE B 80 -26.24 -22.12 -8.14
CA ILE B 80 -24.94 -21.48 -8.35
C ILE B 80 -24.29 -22.02 -9.64
N THR B 81 -25.02 -21.90 -10.73
CA THR B 81 -24.64 -22.46 -12.04
C THR B 81 -24.32 -21.35 -13.04
N PRO B 82 -23.88 -21.71 -14.26
CA PRO B 82 -23.85 -20.68 -15.30
C PRO B 82 -25.21 -19.99 -15.47
N ASN B 83 -25.19 -18.73 -15.89
CA ASN B 83 -26.38 -17.88 -15.89
C ASN B 83 -27.62 -18.44 -16.62
N SER B 84 -27.42 -19.08 -17.77
N SER B 84 -27.42 -19.08 -17.77
CA SER B 84 -28.55 -19.57 -18.58
CA SER B 84 -28.56 -19.56 -18.57
C SER B 84 -29.30 -20.71 -17.89
C SER B 84 -29.29 -20.72 -17.90
N LEU B 85 -28.70 -21.28 -16.85
CA LEU B 85 -29.32 -22.39 -16.14
C LEU B 85 -30.01 -21.95 -14.86
N HIS B 86 -29.87 -20.67 -14.49
CA HIS B 86 -30.56 -20.15 -13.31
C HIS B 86 -32.06 -20.38 -13.38
N ARG B 87 -32.67 -19.99 -14.51
CA ARG B 87 -34.12 -20.13 -14.64
C ARG B 87 -34.58 -21.59 -14.52
N PRO B 88 -34.07 -22.50 -15.38
CA PRO B 88 -34.62 -23.86 -15.28
C PRO B 88 -34.41 -24.53 -13.91
N PHE B 89 -33.28 -24.34 -13.26
CA PHE B 89 -33.09 -24.96 -11.95
C PHE B 89 -33.96 -24.30 -10.87
N THR B 90 -34.16 -23.00 -10.99
CA THR B 90 -35.03 -22.28 -10.09
C THR B 90 -36.48 -22.78 -10.21
N GLU B 91 -36.93 -23.01 -11.44
CA GLU B 91 -38.29 -23.53 -11.65
C GLU B 91 -38.45 -24.91 -11.03
N ARG B 92 -37.43 -25.76 -11.17
CA ARG B 92 -37.52 -27.11 -10.62
C ARG B 92 -37.42 -27.12 -9.09
N ALA B 93 -36.64 -26.20 -8.53
CA ALA B 93 -36.57 -26.06 -7.07
C ALA B 93 -37.93 -25.63 -6.51
N ALA B 94 -38.56 -24.68 -7.17
CA ALA B 94 -39.89 -24.23 -6.79
C ALA B 94 -40.91 -25.36 -6.93
N ARG B 95 -40.74 -26.18 -7.97
CA ARG B 95 -41.64 -27.30 -8.24
C ARG B 95 -41.50 -28.34 -7.14
N ALA B 96 -40.30 -28.45 -6.56
CA ALA B 96 -40.05 -29.37 -5.46
C ALA B 96 -40.41 -28.74 -4.11
N GLY B 97 -41.11 -27.61 -4.15
CA GLY B 97 -41.57 -26.96 -2.94
C GLY B 97 -40.47 -26.34 -2.08
N LYS B 98 -39.37 -25.94 -2.69
CA LYS B 98 -38.28 -25.31 -1.93
C LYS B 98 -38.23 -23.81 -2.17
N HIS B 99 -37.85 -23.05 -1.15
CA HIS B 99 -37.47 -21.65 -1.36
C HIS B 99 -36.17 -21.62 -2.19
N VAL B 100 -35.88 -20.49 -2.81
CA VAL B 100 -34.73 -20.42 -3.72
C VAL B 100 -33.84 -19.21 -3.45
N MET B 101 -32.55 -19.47 -3.28
CA MET B 101 -31.51 -18.45 -3.39
C MET B 101 -30.88 -18.62 -4.77
N CYS B 102 -30.91 -17.57 -5.58
CA CYS B 102 -30.35 -17.67 -6.93
C CYS B 102 -29.22 -16.66 -7.11
N GLU B 103 -28.10 -17.11 -7.65
CA GLU B 103 -26.99 -16.19 -7.88
C GLU B 103 -27.31 -15.16 -8.96
N LYS B 104 -26.55 -14.06 -8.94
CA LYS B 104 -26.60 -13.04 -9.99
C LYS B 104 -25.74 -13.48 -11.18
N PRO B 105 -26.02 -12.96 -12.39
CA PRO B 105 -27.22 -12.21 -12.75
C PRO B 105 -28.38 -13.19 -12.65
N MET B 106 -29.57 -12.69 -12.36
CA MET B 106 -30.71 -13.56 -12.06
C MET B 106 -30.96 -14.53 -13.20
N ALA B 107 -30.97 -14.00 -14.43
CA ALA B 107 -31.21 -14.82 -15.62
C ALA B 107 -30.78 -14.02 -16.84
N ASN B 108 -30.90 -14.61 -18.03
CA ASN B 108 -30.39 -13.97 -19.24
C ASN B 108 -31.26 -12.82 -19.72
N THR B 109 -32.55 -12.85 -19.42
CA THR B 109 -33.49 -11.82 -19.89
C THR B 109 -34.52 -11.46 -18.84
N VAL B 110 -35.17 -10.33 -19.06
CA VAL B 110 -36.29 -9.87 -18.24
C VAL B 110 -37.41 -10.92 -18.18
N ALA B 111 -37.77 -11.49 -19.32
CA ALA B 111 -38.80 -12.52 -19.40
C ALA B 111 -38.45 -13.77 -18.58
N ASP B 112 -37.17 -14.15 -18.60
CA ASP B 112 -36.71 -15.26 -17.77
C ASP B 112 -36.89 -14.96 -16.27
N CYS B 113 -36.51 -13.77 -15.83
CA CYS B 113 -36.70 -13.36 -14.45
C CYS B 113 -38.18 -13.39 -14.08
N GLU B 114 -39.04 -12.91 -14.97
CA GLU B 114 -40.48 -12.88 -14.69
C GLU B 114 -41.00 -14.30 -14.51
N ALA B 115 -40.49 -15.22 -15.33
CA ALA B 115 -40.88 -16.62 -15.25
C ALA B 115 -40.50 -17.22 -13.90
N MET B 116 -39.30 -16.88 -13.43
CA MET B 116 -38.81 -17.39 -12.15
C MET B 116 -39.65 -16.86 -11.00
N ILE B 117 -39.98 -15.57 -11.04
CA ILE B 117 -40.78 -14.95 -10.01
C ILE B 117 -42.15 -15.61 -9.96
N ALA B 118 -42.74 -15.84 -11.14
CA ALA B 118 -44.07 -16.45 -11.23
C ALA B 118 -44.05 -17.88 -10.70
N ALA B 119 -43.00 -18.64 -11.03
CA ALA B 119 -42.90 -20.02 -10.57
C ALA B 119 -42.82 -20.10 -9.03
N CYS B 120 -42.02 -19.23 -8.43
CA CYS B 120 -41.87 -19.25 -6.99
C CYS B 120 -43.16 -18.77 -6.30
N LYS B 121 -43.80 -17.77 -6.89
CA LYS B 121 -45.07 -17.27 -6.38
C LYS B 121 -46.13 -18.37 -6.41
N LYS B 122 -46.19 -19.11 -7.51
CA LYS B 122 -47.17 -20.18 -7.65
C LYS B 122 -46.90 -21.29 -6.64
N ALA B 123 -45.62 -21.51 -6.32
CA ALA B 123 -45.26 -22.54 -5.35
C ALA B 123 -45.40 -22.06 -3.91
N GLY B 124 -45.71 -20.77 -3.73
CA GLY B 124 -45.76 -20.21 -2.39
C GLY B 124 -44.42 -20.28 -1.69
N ARG B 125 -43.36 -20.06 -2.45
CA ARG B 125 -42.01 -20.08 -1.90
C ARG B 125 -41.27 -18.78 -2.20
N LYS B 126 -40.34 -18.41 -1.32
CA LYS B 126 -39.60 -17.16 -1.44
C LYS B 126 -38.44 -17.30 -2.40
N LEU B 127 -38.04 -16.17 -2.98
CA LEU B 127 -36.99 -16.12 -3.99
C LEU B 127 -36.05 -14.97 -3.65
N MET B 128 -34.76 -15.26 -3.56
CA MET B 128 -33.77 -14.23 -3.23
C MET B 128 -32.59 -14.30 -4.19
N ILE B 129 -32.06 -13.13 -4.58
CA ILE B 129 -30.90 -13.06 -5.47
C ILE B 129 -29.66 -12.76 -4.64
N GLY B 130 -28.54 -13.41 -4.99
CA GLY B 130 -27.33 -13.31 -4.18
C GLY B 130 -26.55 -12.01 -4.29
N TYR B 131 -27.20 -10.89 -3.98
CA TYR B 131 -26.49 -9.63 -3.90
C TYR B 131 -25.90 -9.43 -2.49
N ARG B 132 -24.80 -10.12 -2.24
CA ARG B 132 -24.19 -10.15 -0.91
C ARG B 132 -23.70 -8.77 -0.40
N SER B 133 -23.38 -7.86 -1.31
CA SER B 133 -22.87 -6.54 -0.91
C SER B 133 -23.89 -5.78 -0.06
N ARG B 134 -25.16 -6.15 -0.16
CA ARG B 134 -26.18 -5.55 0.67
C ARG B 134 -26.07 -5.98 2.12
N PHE B 135 -25.20 -6.96 2.38
CA PHE B 135 -24.94 -7.46 3.74
C PHE B 135 -23.49 -7.22 4.17
N GLN B 136 -22.76 -6.44 3.40
CA GLN B 136 -21.35 -6.17 3.66
C GLN B 136 -21.22 -4.83 4.42
N ALA B 137 -20.36 -4.78 5.43
CA ALA B 137 -20.30 -3.65 6.36
C ALA B 137 -20.12 -2.27 5.73
N HIS B 138 -19.14 -2.16 4.82
CA HIS B 138 -18.81 -0.88 4.21
C HIS B 138 -19.92 -0.39 3.29
N ASN B 139 -20.53 -1.35 2.58
CA ASN B 139 -21.66 -1.05 1.72
C ASN B 139 -22.89 -0.57 2.49
N ILE B 140 -23.17 -1.25 3.61
CA ILE B 140 -24.27 -0.83 4.48
C ILE B 140 -24.01 0.58 5.00
N GLU B 141 -22.77 0.83 5.41
CA GLU B 141 -22.41 2.15 5.94
C GLU B 141 -22.63 3.25 4.89
N ALA B 142 -22.21 3.00 3.66
CA ALA B 142 -22.38 3.95 2.58
C ALA B 142 -23.86 4.21 2.29
N ILE B 143 -24.65 3.14 2.19
CA ILE B 143 -26.09 3.28 1.94
C ILE B 143 -26.74 4.11 3.03
N LYS B 144 -26.39 3.83 4.28
CA LYS B 144 -27.04 4.53 5.40
C LYS B 144 -26.61 6.00 5.46
N LEU B 145 -25.36 6.30 5.12
CA LEU B 145 -24.91 7.68 5.11
C LEU B 145 -25.72 8.48 4.09
N VAL B 146 -25.95 7.88 2.94
CA VAL B 146 -26.77 8.51 1.91
C VAL B 146 -28.19 8.76 2.45
N ARG B 147 -28.81 7.72 2.99
CA ARG B 147 -30.18 7.81 3.48
C ARG B 147 -30.31 8.79 4.65
N ASP B 148 -29.27 8.91 5.46
CA ASP B 148 -29.31 9.81 6.61
C ASP B 148 -29.08 11.24 6.18
N GLY B 149 -28.79 11.43 4.89
CA GLY B 149 -28.63 12.77 4.35
C GLY B 149 -27.26 13.38 4.53
N ALA B 150 -26.27 12.55 4.86
CA ALA B 150 -24.90 13.03 5.07
C ALA B 150 -24.27 13.68 3.84
N LEU B 151 -24.77 13.35 2.64
CA LEU B 151 -24.19 13.90 1.41
C LEU B 151 -25.05 15.00 0.80
N GLY B 152 -26.24 15.20 1.37
CA GLY B 152 -27.27 15.97 0.70
C GLY B 152 -27.83 15.08 -0.39
N PRO B 153 -28.58 15.65 -1.35
CA PRO B 153 -29.09 14.84 -2.46
C PRO B 153 -27.96 14.18 -3.25
N VAL B 154 -28.13 12.91 -3.60
CA VAL B 154 -27.11 12.28 -4.44
C VAL B 154 -27.08 12.96 -5.82
N ARG B 155 -25.90 13.39 -6.22
CA ARG B 155 -25.71 14.01 -7.52
C ARG B 155 -24.99 13.07 -8.50
N THR B 156 -23.91 12.43 -8.03
CA THR B 156 -23.17 11.50 -8.89
C THR B 156 -22.82 10.20 -8.18
N VAL B 157 -22.88 9.11 -8.95
CA VAL B 157 -22.29 7.84 -8.54
C VAL B 157 -21.33 7.43 -9.64
N VAL B 158 -20.08 7.23 -9.28
CA VAL B 158 -19.08 6.83 -10.26
C VAL B 158 -18.55 5.49 -9.78
N THR B 159 -18.82 4.44 -10.55
CA THR B 159 -18.54 3.09 -10.10
C THR B 159 -17.97 2.26 -11.25
N ASP B 160 -16.87 1.56 -10.96
CA ASP B 160 -16.18 0.76 -11.97
C ASP B 160 -16.05 -0.68 -11.48
N HIS B 161 -16.53 -1.64 -12.26
CA HIS B 161 -16.27 -3.04 -11.97
C HIS B 161 -15.75 -3.75 -13.21
N GLY B 162 -14.67 -4.50 -13.04
CA GLY B 162 -14.13 -5.31 -14.10
C GLY B 162 -12.99 -6.17 -13.63
N PHE B 163 -12.66 -7.21 -14.39
CA PHE B 163 -11.44 -7.94 -14.14
C PHE B 163 -10.89 -8.42 -15.47
N THR B 164 -9.58 -8.66 -15.52
CA THR B 164 -8.99 -9.12 -16.76
C THR B 164 -9.23 -10.62 -16.89
N ILE B 165 -10.14 -10.99 -17.79
CA ILE B 165 -10.55 -12.38 -17.91
C ILE B 165 -9.53 -13.14 -18.75
N GLY B 166 -9.43 -14.45 -18.54
CA GLY B 166 -8.44 -15.24 -19.24
C GLY B 166 -9.02 -16.27 -20.18
N ASP B 167 -8.88 -17.53 -19.78
CA ASP B 167 -9.32 -18.71 -20.54
C ASP B 167 -10.55 -18.51 -21.43
N PRO B 168 -10.32 -18.40 -22.75
CA PRO B 168 -11.37 -18.16 -23.74
C PRO B 168 -12.43 -19.27 -23.79
N LYS B 169 -12.12 -20.46 -23.29
CA LYS B 169 -13.06 -21.58 -23.37
C LYS B 169 -14.07 -21.63 -22.21
N GLN B 170 -13.95 -20.74 -21.23
CA GLN B 170 -14.83 -20.81 -20.06
C GLN B 170 -16.26 -20.36 -20.38
N TRP B 171 -17.22 -20.73 -19.53
CA TRP B 171 -18.62 -20.48 -19.89
C TRP B 171 -18.98 -18.99 -19.89
N ARG B 172 -18.27 -18.17 -19.12
CA ARG B 172 -18.56 -16.74 -19.10
C ARG B 172 -18.35 -16.08 -20.47
N LEU B 173 -17.54 -16.70 -21.32
CA LEU B 173 -17.28 -16.16 -22.66
C LEU B 173 -18.10 -16.87 -23.73
N ASN B 174 -18.99 -17.74 -23.27
CA ASN B 174 -19.94 -18.42 -24.16
C ASN B 174 -21.32 -17.79 -24.03
N ARG B 175 -21.80 -17.16 -25.10
CA ARG B 175 -23.05 -16.41 -25.00
C ARG B 175 -24.23 -17.29 -24.59
N ALA B 176 -24.27 -18.53 -25.06
CA ALA B 176 -25.39 -19.42 -24.78
C ALA B 176 -25.52 -19.75 -23.28
N LEU B 177 -24.40 -19.79 -22.56
CA LEU B 177 -24.41 -20.10 -21.14
C LEU B 177 -24.34 -18.84 -20.25
N ALA B 178 -23.75 -17.77 -20.77
CA ALA B 178 -23.52 -16.57 -19.95
C ALA B 178 -24.61 -15.53 -20.12
N GLY B 179 -25.22 -15.50 -21.31
CA GLY B 179 -26.26 -14.53 -21.60
C GLY B 179 -25.74 -13.20 -22.10
N GLY B 180 -24.43 -12.97 -21.92
CA GLY B 180 -23.79 -11.72 -22.28
C GLY B 180 -22.41 -11.68 -21.64
N GLY B 181 -21.68 -10.59 -21.85
CA GLY B 181 -20.29 -10.48 -21.41
C GLY B 181 -20.11 -9.83 -20.05
N SER B 182 -19.16 -8.90 -19.95
CA SER B 182 -18.81 -8.30 -18.65
C SER B 182 -20.04 -7.73 -17.90
N LEU B 183 -20.99 -7.17 -18.63
CA LEU B 183 -22.14 -6.55 -17.99
C LEU B 183 -22.94 -7.57 -17.18
N MET B 184 -23.09 -8.76 -17.74
CA MET B 184 -23.86 -9.82 -17.06
C MET B 184 -23.12 -10.30 -15.81
N ASP B 185 -21.80 -10.38 -15.90
CA ASP B 185 -20.99 -10.98 -14.84
C ASP B 185 -20.50 -10.02 -13.76
N ILE B 186 -20.00 -8.87 -14.16
CA ILE B 186 -19.28 -8.04 -13.22
C ILE B 186 -19.79 -6.60 -13.28
N GLY B 187 -20.17 -6.15 -14.47
CA GLY B 187 -20.72 -4.81 -14.59
C GLY B 187 -22.01 -4.64 -13.80
N ILE B 188 -22.71 -5.75 -13.59
CA ILE B 188 -23.95 -5.72 -12.83
C ILE B 188 -23.72 -5.21 -11.40
N TYR B 189 -22.51 -5.36 -10.86
CA TYR B 189 -22.22 -4.76 -9.56
C TYR B 189 -22.27 -3.23 -9.62
N SER B 190 -21.77 -2.63 -10.70
CA SER B 190 -21.87 -1.18 -10.87
C SER B 190 -23.33 -0.75 -10.96
N LEU B 191 -24.13 -1.49 -11.73
CA LEU B 191 -25.56 -1.21 -11.85
C LEU B 191 -26.27 -1.37 -10.51
N ASN B 192 -26.11 -2.53 -9.89
CA ASN B 192 -26.78 -2.79 -8.62
C ASN B 192 -26.39 -1.74 -7.57
N ALA B 193 -25.11 -1.34 -7.53
CA ALA B 193 -24.67 -0.31 -6.57
C ALA B 193 -25.28 1.07 -6.87
N ALA B 194 -25.31 1.46 -8.14
CA ALA B 194 -25.93 2.75 -8.49
C ALA B 194 -27.37 2.78 -8.00
N ARG B 195 -28.05 1.65 -8.12
CA ARG B 195 -29.43 1.55 -7.68
C ARG B 195 -29.56 1.59 -6.15
N TYR B 196 -28.74 0.84 -5.41
CA TYR B 196 -28.97 0.84 -3.95
C TYR B 196 -28.35 2.05 -3.25
N LEU B 197 -27.41 2.72 -3.90
CA LEU B 197 -26.88 3.96 -3.33
C LEU B 197 -27.88 5.10 -3.49
N THR B 198 -28.47 5.25 -4.68
CA THR B 198 -29.50 6.28 -4.88
C THR B 198 -30.82 5.90 -4.25
N GLY B 199 -31.06 4.60 -4.11
CA GLY B 199 -32.38 4.12 -3.72
C GLY B 199 -33.41 4.38 -4.80
N GLU B 200 -32.95 4.59 -6.03
CA GLU B 200 -33.86 4.88 -7.15
C GLU B 200 -33.71 3.91 -8.30
N GLU B 201 -34.61 4.03 -9.27
CA GLU B 201 -34.54 3.28 -10.51
C GLU B 201 -34.32 4.25 -11.67
N PRO B 202 -33.45 3.90 -12.62
CA PRO B 202 -33.10 4.88 -13.66
C PRO B 202 -34.22 5.12 -14.67
N VAL B 203 -34.25 6.33 -15.22
CA VAL B 203 -35.27 6.68 -16.21
C VAL B 203 -34.67 6.87 -17.60
N ALA B 204 -33.34 7.01 -17.66
CA ALA B 204 -32.65 7.13 -18.93
C ALA B 204 -31.29 6.44 -18.87
N VAL B 205 -30.87 5.89 -20.01
CA VAL B 205 -29.64 5.10 -20.12
C VAL B 205 -28.85 5.43 -21.40
N ASN B 206 -27.57 5.76 -21.25
CA ASN B 206 -26.60 5.76 -22.35
C ASN B 206 -25.61 4.60 -22.19
N ALA B 207 -25.03 4.15 -23.30
CA ALA B 207 -23.94 3.17 -23.20
C ALA B 207 -23.04 3.18 -24.43
N VAL B 208 -21.81 2.73 -24.24
CA VAL B 208 -20.90 2.53 -25.35
C VAL B 208 -20.18 1.20 -25.15
N GLU B 209 -20.19 0.37 -26.19
CA GLU B 209 -19.45 -0.88 -26.18
C GLU B 209 -18.08 -0.70 -26.79
N SER B 210 -17.08 -1.36 -26.21
CA SER B 210 -15.79 -1.43 -26.88
C SER B 210 -15.24 -2.85 -26.75
N THR B 211 -15.28 -3.59 -27.86
CA THR B 211 -14.84 -4.98 -27.89
C THR B 211 -14.05 -5.29 -29.16
N ASP B 212 -12.86 -5.87 -28.99
CA ASP B 212 -12.09 -6.39 -30.11
C ASP B 212 -12.54 -7.81 -30.40
N ARG B 213 -13.38 -7.98 -31.41
CA ARG B 213 -13.97 -9.27 -31.69
C ARG B 213 -12.97 -10.26 -32.27
N SER B 214 -11.77 -9.79 -32.61
CA SER B 214 -10.73 -10.68 -33.10
C SER B 214 -9.96 -11.30 -31.93
N ASP B 215 -10.19 -10.79 -30.72
CA ASP B 215 -9.62 -11.38 -29.50
C ASP B 215 -10.24 -12.76 -29.27
N PRO B 216 -9.40 -13.76 -28.94
CA PRO B 216 -9.92 -15.12 -28.74
C PRO B 216 -10.98 -15.20 -27.64
N ARG B 217 -10.97 -14.23 -26.72
CA ARG B 217 -11.92 -14.22 -25.61
C ARG B 217 -13.30 -13.66 -26.00
N PHE B 218 -13.35 -12.82 -27.02
CA PHE B 218 -14.52 -11.96 -27.21
C PHE B 218 -15.24 -12.11 -28.55
N GLY B 219 -15.24 -13.32 -29.09
CA GLY B 219 -15.99 -13.58 -30.32
C GLY B 219 -17.48 -13.57 -30.11
N GLU B 220 -17.93 -13.83 -28.88
CA GLU B 220 -19.37 -13.95 -28.62
C GLU B 220 -19.98 -12.95 -27.65
N VAL B 221 -19.21 -12.49 -26.66
CA VAL B 221 -19.74 -11.57 -25.66
C VAL B 221 -18.88 -10.30 -25.60
N GLU B 222 -19.40 -9.25 -24.96
CA GLU B 222 -18.70 -7.96 -24.92
C GLU B 222 -17.60 -7.91 -23.88
N ASP B 223 -16.60 -7.08 -24.16
CA ASP B 223 -15.50 -6.85 -23.26
C ASP B 223 -15.87 -5.65 -22.40
N ILE B 224 -15.81 -4.44 -22.97
CA ILE B 224 -16.20 -3.25 -22.26
C ILE B 224 -17.57 -2.78 -22.72
N ILE B 225 -18.45 -2.50 -21.77
CA ILE B 225 -19.64 -1.72 -22.07
C ILE B 225 -19.89 -0.77 -20.88
N ASN B 226 -19.59 0.51 -21.10
CA ASN B 226 -19.73 1.52 -20.06
C ASN B 226 -21.05 2.21 -20.22
N PHE B 227 -21.66 2.63 -19.12
CA PHE B 227 -23.00 3.17 -19.25
C PHE B 227 -23.27 4.32 -18.29
N GLN B 228 -24.23 5.17 -18.67
CA GLN B 228 -24.69 6.30 -17.87
C GLN B 228 -26.13 6.10 -17.48
N LEU B 229 -26.45 6.45 -16.24
CA LEU B 229 -27.82 6.36 -15.74
C LEU B 229 -28.26 7.73 -15.26
N LEU B 230 -29.51 8.08 -15.58
CA LEU B 230 -30.17 9.23 -15.00
C LEU B 230 -31.34 8.73 -14.16
N PHE B 231 -31.50 9.28 -12.96
CA PHE B 231 -32.58 8.91 -12.04
C PHE B 231 -33.59 10.06 -11.91
N PRO B 232 -34.82 9.77 -11.43
CA PRO B 232 -35.86 10.80 -11.30
C PRO B 232 -35.45 12.01 -10.46
N SER B 233 -34.65 11.82 -9.41
CA SER B 233 -34.23 12.92 -8.55
C SER B 233 -33.27 13.87 -9.24
N GLY B 234 -32.73 13.44 -10.38
CA GLY B 234 -31.67 14.18 -11.05
C GLY B 234 -30.31 13.54 -10.79
N ALA B 235 -30.27 12.54 -9.91
CA ALA B 235 -29.03 11.83 -9.63
C ALA B 235 -28.51 11.17 -10.90
N THR B 236 -27.18 11.13 -11.04
CA THR B 236 -26.54 10.54 -12.20
C THR B 236 -25.55 9.45 -11.80
N ALA B 237 -25.32 8.50 -12.70
CA ALA B 237 -24.25 7.52 -12.51
C ALA B 237 -23.44 7.34 -13.77
N ASN B 238 -22.12 7.30 -13.62
CA ASN B 238 -21.17 6.87 -14.66
C ASN B 238 -20.63 5.51 -14.25
N CYS B 239 -20.81 4.50 -15.09
CA CYS B 239 -20.47 3.12 -14.72
C CYS B 239 -19.55 2.45 -15.73
N VAL B 240 -18.54 1.76 -15.22
CA VAL B 240 -17.67 0.96 -16.08
C VAL B 240 -17.99 -0.52 -15.88
N SER B 241 -18.03 -1.25 -16.98
CA SER B 241 -18.10 -2.70 -16.95
C SER B 241 -17.05 -3.25 -17.92
N ALA B 242 -16.13 -4.09 -17.43
CA ALA B 242 -15.02 -4.49 -18.29
C ALA B 242 -14.50 -5.90 -18.04
N TYR B 243 -14.00 -6.52 -19.10
CA TYR B 243 -13.28 -7.78 -18.99
C TYR B 243 -11.79 -7.62 -19.35
N SER B 244 -11.30 -6.38 -19.38
CA SER B 244 -9.91 -6.17 -19.81
C SER B 244 -9.18 -5.17 -18.90
N VAL B 245 -9.81 -4.78 -17.80
CA VAL B 245 -9.15 -4.02 -16.76
C VAL B 245 -9.63 -4.55 -15.41
N ASN B 246 -8.80 -4.38 -14.39
CA ASN B 246 -9.17 -4.73 -13.03
C ASN B 246 -9.59 -3.50 -12.25
N CYS B 247 -10.85 -3.49 -11.80
CA CYS B 247 -11.37 -2.39 -11.02
C CYS B 247 -12.54 -2.85 -10.19
N ASN B 248 -12.70 -2.25 -9.01
CA ASN B 248 -13.80 -2.59 -8.15
C ASN B 248 -13.99 -1.46 -7.14
N ARG B 249 -14.90 -0.54 -7.44
CA ARG B 249 -15.02 0.65 -6.62
C ARG B 249 -16.28 1.44 -6.91
N TYR B 250 -16.67 2.27 -5.94
CA TYR B 250 -17.58 3.36 -6.24
C TYR B 250 -17.34 4.53 -5.32
N ARG B 251 -17.70 5.71 -5.81
CA ARG B 251 -17.81 6.91 -4.99
C ARG B 251 -19.19 7.48 -5.24
N VAL B 252 -19.90 7.81 -4.17
CA VAL B 252 -21.16 8.51 -4.31
C VAL B 252 -20.98 9.90 -3.71
N SER B 253 -21.46 10.92 -4.43
CA SER B 253 -21.23 12.32 -4.05
C SER B 253 -22.51 13.16 -4.10
N GLY B 254 -22.58 14.12 -3.18
CA GLY B 254 -23.63 15.12 -3.17
C GLY B 254 -22.98 16.44 -2.80
N PRO B 255 -23.77 17.52 -2.70
CA PRO B 255 -23.21 18.84 -2.39
C PRO B 255 -22.56 18.93 -1.01
N LYS B 256 -22.92 18.04 -0.09
CA LYS B 256 -22.35 18.12 1.26
C LYS B 256 -21.12 17.23 1.43
N GLY B 257 -20.83 16.40 0.44
CA GLY B 257 -19.63 15.58 0.49
C GLY B 257 -19.75 14.25 -0.22
N TRP B 258 -18.78 13.37 -0.01
CA TRP B 258 -18.81 12.07 -0.68
C TRP B 258 -18.25 10.94 0.17
N VAL B 259 -18.56 9.71 -0.24
CA VAL B 259 -17.95 8.53 0.35
C VAL B 259 -17.60 7.56 -0.76
N GLU B 260 -16.46 6.89 -0.63
CA GLU B 260 -16.04 5.90 -1.63
C GLU B 260 -15.57 4.63 -0.96
N ILE B 261 -15.62 3.52 -1.71
CA ILE B 261 -15.09 2.25 -1.25
C ILE B 261 -14.29 1.62 -2.38
N ASP B 262 -13.08 1.15 -2.07
CA ASP B 262 -12.20 0.62 -3.09
C ASP B 262 -11.19 -0.29 -2.39
N PRO B 263 -11.33 -1.62 -2.55
CA PRO B 263 -12.34 -2.33 -3.33
C PRO B 263 -13.72 -2.25 -2.68
N ALA B 264 -14.80 -2.25 -3.48
CA ALA B 264 -16.14 -1.99 -2.96
C ALA B 264 -16.95 -3.27 -2.71
N THR B 265 -16.89 -4.22 -3.65
CA THR B 265 -17.80 -5.35 -3.58
C THR B 265 -17.04 -6.68 -3.69
N SER B 266 -15.78 -6.66 -3.29
CA SER B 266 -14.93 -7.85 -3.26
C SER B 266 -15.31 -8.80 -2.11
N TYR B 267 -14.71 -9.99 -2.09
CA TYR B 267 -14.94 -10.96 -1.01
C TYR B 267 -14.44 -10.43 0.32
N GLN B 268 -13.35 -9.68 0.29
CA GLN B 268 -12.77 -9.10 1.48
C GLN B 268 -11.92 -7.91 1.09
N GLY B 269 -11.41 -7.19 2.09
CA GLY B 269 -10.45 -6.14 1.81
C GLY B 269 -11.04 -4.76 1.59
N GLN B 270 -12.36 -4.62 1.74
CA GLN B 270 -13.02 -3.32 1.55
C GLN B 270 -12.30 -2.21 2.33
N ALA B 271 -12.13 -1.06 1.69
CA ALA B 271 -11.55 0.10 2.34
C ALA B 271 -12.35 1.32 1.93
N MET B 272 -12.81 2.07 2.93
CA MET B 272 -13.67 3.23 2.72
C MET B 272 -12.96 4.54 3.07
N ARG B 273 -13.21 5.56 2.25
CA ARG B 273 -12.72 6.92 2.47
C ARG B 273 -13.88 7.88 2.30
N ALA B 274 -13.94 8.90 3.13
CA ALA B 274 -15.07 9.81 3.07
C ALA B 274 -14.64 11.26 3.20
N GLN B 275 -15.45 12.16 2.66
CA GLN B 275 -15.24 13.59 2.77
C GLN B 275 -16.58 14.19 3.12
N LEU B 276 -16.81 14.45 4.41
CA LEU B 276 -18.14 14.80 4.85
C LEU B 276 -18.22 16.17 5.49
N GLY B 277 -17.82 17.18 4.73
CA GLY B 277 -17.90 18.55 5.20
C GLY B 277 -16.63 18.94 5.90
N GLY B 278 -15.65 18.05 5.87
CA GLY B 278 -14.32 18.34 6.39
C GLY B 278 -13.31 17.75 5.43
N PRO B 279 -12.07 17.51 5.89
CA PRO B 279 -11.09 16.93 4.97
C PRO B 279 -11.41 15.47 4.69
N PRO B 280 -10.95 14.95 3.54
CA PRO B 280 -11.06 13.51 3.23
C PRO B 280 -10.29 12.70 4.25
N ALA B 281 -10.84 11.56 4.68
CA ALA B 281 -10.17 10.70 5.66
C ALA B 281 -10.70 9.28 5.57
N PRO B 282 -9.89 8.30 6.00
CA PRO B 282 -10.39 6.93 6.11
C PRO B 282 -11.59 6.88 7.05
N ARG B 283 -12.52 5.97 6.77
CA ARG B 283 -13.68 5.79 7.64
C ARG B 283 -13.93 4.32 7.86
N GLU B 284 -14.01 3.91 9.12
CA GLU B 284 -14.39 2.55 9.47
C GLU B 284 -15.89 2.46 9.56
N PRO B 285 -16.49 1.45 8.93
CA PRO B 285 -17.94 1.33 9.03
C PRO B 285 -18.35 0.74 10.39
N ALA B 286 -19.62 0.89 10.75
CA ALA B 286 -20.13 0.23 11.95
C ALA B 286 -19.84 -1.27 11.83
N PRO B 287 -19.41 -1.91 12.93
CA PRO B 287 -19.13 -3.35 12.90
C PRO B 287 -20.37 -4.18 12.52
N GLN B 288 -20.19 -5.22 11.73
CA GLN B 288 -21.28 -6.17 11.48
C GLN B 288 -20.93 -7.47 12.23
N PRO B 289 -21.95 -8.20 12.72
CA PRO B 289 -21.69 -9.46 13.43
C PRO B 289 -20.95 -10.48 12.55
N LYS B 290 -21.62 -10.87 11.47
CA LYS B 290 -21.10 -11.92 10.63
C LYS B 290 -20.72 -11.40 9.26
N ASN B 291 -19.83 -12.13 8.60
CA ASN B 291 -19.39 -11.82 7.25
C ASN B 291 -20.56 -11.76 6.27
N GLN B 292 -20.33 -11.14 5.11
CA GLN B 292 -21.39 -10.89 4.15
C GLN B 292 -22.06 -12.17 3.62
N PHE B 293 -21.31 -13.25 3.50
CA PHE B 293 -21.84 -14.50 2.94
C PHE B 293 -22.78 -15.19 3.92
N SER B 294 -22.32 -15.37 5.15
CA SER B 294 -23.15 -15.94 6.21
C SER B 294 -24.38 -15.06 6.45
N ALA B 295 -24.19 -13.75 6.39
CA ALA B 295 -25.32 -12.83 6.54
C ALA B 295 -26.33 -13.02 5.42
N GLN B 296 -25.86 -13.17 4.19
CA GLN B 296 -26.77 -13.35 3.06
C GLN B 296 -27.58 -14.62 3.24
N LEU B 297 -26.90 -15.71 3.58
CA LEU B 297 -27.53 -17.00 3.82
C LEU B 297 -28.60 -16.94 4.92
N ASP B 298 -28.25 -16.32 6.06
CA ASP B 298 -29.19 -16.21 7.17
C ASP B 298 -30.36 -15.31 6.87
N HIS B 299 -30.13 -14.26 6.08
CA HIS B 299 -31.19 -13.34 5.74
C HIS B 299 -32.40 -14.06 5.13
N LEU B 300 -32.14 -14.95 4.18
CA LEU B 300 -33.24 -15.72 3.57
C LEU B 300 -33.91 -16.63 4.58
N SER B 301 -33.10 -17.36 5.35
CA SER B 301 -33.60 -18.24 6.40
C SER B 301 -34.46 -17.49 7.40
N GLU B 302 -33.95 -16.36 7.87
CA GLU B 302 -34.69 -15.52 8.81
C GLU B 302 -35.98 -15.00 8.20
N CYS B 303 -35.96 -14.67 6.91
CA CYS B 303 -37.17 -14.19 6.25
C CYS B 303 -38.25 -15.28 6.23
N ILE B 304 -37.83 -16.51 5.97
CA ILE B 304 -38.76 -17.63 5.96
C ILE B 304 -39.30 -17.86 7.38
N LEU B 305 -38.40 -17.86 8.36
CA LEU B 305 -38.77 -18.10 9.74
C LEU B 305 -39.71 -17.03 10.31
N THR B 306 -39.59 -15.78 9.84
CA THR B 306 -40.39 -14.70 10.39
C THR B 306 -41.48 -14.18 9.45
N GLY B 307 -41.55 -14.73 8.25
CA GLY B 307 -42.57 -14.31 7.29
C GLY B 307 -42.36 -12.93 6.69
N ARG B 308 -41.10 -12.51 6.55
CA ARG B 308 -40.78 -11.26 5.88
C ARG B 308 -40.31 -11.52 4.45
N GLU B 309 -40.24 -10.47 3.64
CA GLU B 309 -39.71 -10.60 2.29
C GLU B 309 -38.25 -10.17 2.24
N PRO B 310 -37.42 -10.89 1.48
CA PRO B 310 -35.99 -10.56 1.41
C PRO B 310 -35.76 -9.14 0.91
N ILE B 311 -34.72 -8.46 1.38
CA ILE B 311 -34.49 -7.10 0.91
C ILE B 311 -33.99 -7.13 -0.53
N VAL B 312 -33.50 -8.28 -0.98
CA VAL B 312 -33.12 -8.42 -2.39
C VAL B 312 -33.85 -9.61 -3.02
N GLY B 313 -35.13 -9.41 -3.29
CA GLY B 313 -35.96 -10.48 -3.82
C GLY B 313 -35.81 -10.59 -5.32
N GLY B 314 -36.59 -11.48 -5.93
CA GLY B 314 -36.56 -11.67 -7.38
C GLY B 314 -36.82 -10.37 -8.13
N ASP B 315 -37.59 -9.47 -7.53
CA ASP B 315 -37.88 -8.21 -8.17
C ASP B 315 -36.64 -7.32 -8.30
N ASP B 316 -35.69 -7.46 -7.36
CA ASP B 316 -34.43 -6.71 -7.46
C ASP B 316 -33.58 -7.22 -8.62
N GLY B 317 -33.52 -8.54 -8.77
CA GLY B 317 -32.81 -9.14 -9.89
C GLY B 317 -33.45 -8.77 -11.21
N LEU B 318 -34.77 -8.66 -11.21
CA LEU B 318 -35.54 -8.31 -12.41
C LEU B 318 -35.25 -6.86 -12.80
N LYS B 319 -35.25 -5.99 -11.81
CA LYS B 319 -34.98 -4.58 -12.06
C LYS B 319 -33.59 -4.38 -12.66
N ASP B 320 -32.62 -5.20 -12.25
CA ASP B 320 -31.30 -5.13 -12.87
C ASP B 320 -31.39 -5.57 -14.33
N LEU B 321 -32.08 -6.68 -14.59
CA LEU B 321 -32.17 -7.15 -15.97
C LEU B 321 -32.89 -6.15 -16.88
N ARG B 322 -33.86 -5.43 -16.32
CA ARG B 322 -34.52 -4.37 -17.07
C ARG B 322 -33.53 -3.32 -17.58
N VAL B 323 -32.64 -2.86 -16.70
CA VAL B 323 -31.68 -1.85 -17.10
C VAL B 323 -30.62 -2.43 -18.02
N ILE B 324 -30.17 -3.66 -17.73
CA ILE B 324 -29.20 -4.33 -18.58
C ILE B 324 -29.69 -4.43 -20.03
N GLU B 325 -30.96 -4.78 -20.23
CA GLU B 325 -31.52 -4.82 -21.59
C GLU B 325 -31.45 -3.42 -22.23
N ALA B 326 -31.77 -2.40 -21.44
CA ALA B 326 -31.68 -1.02 -21.91
C ALA B 326 -30.24 -0.61 -22.19
N ILE B 327 -29.30 -1.03 -21.35
CA ILE B 327 -27.89 -0.73 -21.59
C ILE B 327 -27.40 -1.32 -22.92
N TYR B 328 -27.74 -2.58 -23.16
CA TYR B 328 -27.34 -3.24 -24.40
C TYR B 328 -27.97 -2.53 -25.60
N ARG B 329 -29.23 -2.15 -25.46
CA ARG B 329 -29.96 -1.46 -26.51
C ARG B 329 -29.34 -0.09 -26.81
N ALA B 330 -29.05 0.69 -25.77
CA ALA B 330 -28.41 1.99 -25.97
C ALA B 330 -27.07 1.92 -26.69
N ALA B 331 -26.26 0.91 -26.37
CA ALA B 331 -24.96 0.76 -27.00
C ALA B 331 -25.11 0.31 -28.45
N ARG B 332 -26.11 -0.52 -28.69
CA ARG B 332 -26.41 -1.03 -30.02
C ARG B 332 -26.96 0.07 -30.93
N GLU B 333 -27.91 0.85 -30.42
CA GLU B 333 -28.59 1.83 -31.25
C GLU B 333 -27.96 3.20 -31.21
N GLY B 334 -27.03 3.41 -30.29
CA GLY B 334 -26.38 4.71 -30.17
C GLY B 334 -27.34 5.82 -29.82
N ARG B 335 -28.22 5.55 -28.86
CA ARG B 335 -29.14 6.58 -28.38
C ARG B 335 -29.45 6.39 -26.90
N THR B 336 -29.95 7.44 -26.27
CA THR B 336 -30.44 7.38 -24.90
C THR B 336 -31.74 6.56 -24.86
N VAL B 337 -31.74 5.48 -24.10
CA VAL B 337 -32.93 4.66 -23.94
C VAL B 337 -33.72 5.08 -22.70
N LYS B 338 -35.00 5.35 -22.87
CA LYS B 338 -35.83 5.76 -21.75
C LYS B 338 -36.45 4.55 -21.05
N LEU B 339 -36.63 4.68 -19.74
CA LEU B 339 -37.20 3.62 -18.92
C LEU B 339 -38.27 4.21 -18.00
N ARG C 5 39.69 19.80 0.69
CA ARG C 5 38.79 18.67 0.54
C ARG C 5 38.35 18.08 1.89
N LYS C 6 39.29 17.89 2.83
CA LYS C 6 38.91 17.40 4.17
C LYS C 6 39.44 18.25 5.34
N LEU C 7 38.53 18.73 6.18
CA LEU C 7 38.89 19.53 7.33
C LEU C 7 39.18 18.68 8.55
N GLY C 8 40.13 19.10 9.37
CA GLY C 8 40.55 18.32 10.51
C GLY C 8 39.80 18.65 11.79
N TYR C 9 39.29 17.61 12.44
CA TYR C 9 38.61 17.73 13.72
C TYR C 9 39.53 17.42 14.88
N ALA C 10 39.42 18.23 15.93
CA ALA C 10 39.94 17.85 17.23
C ALA C 10 38.76 17.42 18.09
N ILE C 11 38.82 16.23 18.66
CA ILE C 11 37.75 15.79 19.54
C ILE C 11 38.13 16.09 20.98
N LEU C 12 37.26 16.81 21.69
CA LEU C 12 37.58 17.27 23.03
C LEU C 12 36.62 16.68 24.07
N GLY C 13 37.18 15.90 25.00
CA GLY C 13 36.41 15.17 25.99
C GLY C 13 36.15 13.77 25.47
N LEU C 14 37.04 12.83 25.83
CA LEU C 14 36.97 11.50 25.27
C LEU C 14 36.11 10.61 26.16
N GLY C 15 34.81 10.90 26.18
CA GLY C 15 33.85 10.16 26.99
C GLY C 15 33.10 9.15 26.15
N TYR C 16 31.92 8.74 26.61
CA TYR C 16 31.18 7.70 25.90
C TYR C 16 30.81 8.12 24.48
N TYR C 17 30.15 9.26 24.34
CA TYR C 17 29.66 9.66 23.02
C TYR C 17 30.80 9.87 22.04
N ALA C 18 31.86 10.53 22.51
CA ALA C 18 33.01 10.80 21.66
C ALA C 18 33.66 9.51 21.16
N THR C 19 33.94 8.60 22.08
CA THR C 19 34.76 7.44 21.74
C THR C 19 33.95 6.27 21.18
N ARG C 20 32.72 6.06 21.68
CA ARG C 20 31.94 4.93 21.20
C ARG C 20 31.12 5.27 19.98
N ILE C 21 30.74 6.54 19.82
CA ILE C 21 29.78 6.88 18.78
C ILE C 21 30.36 7.76 17.67
N ILE C 22 30.97 8.88 18.05
CA ILE C 22 31.46 9.84 17.07
C ILE C 22 32.73 9.43 16.32
N MET C 23 33.79 9.10 17.06
CA MET C 23 35.09 8.86 16.42
C MET C 23 35.07 7.74 15.36
N PRO C 24 34.37 6.61 15.61
CA PRO C 24 34.30 5.60 14.53
C PRO C 24 33.62 6.08 13.25
N ARG C 25 32.84 7.15 13.33
CA ARG C 25 32.05 7.57 12.18
C ARG C 25 32.78 8.56 11.26
N PHE C 26 34.03 8.89 11.55
CA PHE C 26 34.83 9.62 10.55
C PHE C 26 35.11 8.75 9.32
N ALA C 27 35.00 7.44 9.50
CA ALA C 27 35.23 6.48 8.42
C ALA C 27 34.39 6.78 7.18
N GLU C 28 33.15 7.23 7.37
CA GLU C 28 32.28 7.46 6.21
C GLU C 28 32.20 8.93 5.80
N CYS C 29 33.01 9.78 6.42
CA CYS C 29 33.04 11.19 6.06
C CYS C 29 33.72 11.45 4.72
N GLU C 30 33.19 12.41 3.97
CA GLU C 30 33.79 12.81 2.70
C GLU C 30 34.61 14.09 2.82
N HIS C 31 34.35 14.91 3.85
CA HIS C 31 35.04 16.18 3.96
C HIS C 31 35.61 16.45 5.35
N SER C 32 35.73 15.39 6.14
CA SER C 32 36.14 15.53 7.53
C SER C 32 37.12 14.43 7.91
N ARG C 33 38.08 14.77 8.77
CA ARG C 33 39.00 13.76 9.27
C ARG C 33 39.32 14.00 10.73
N LEU C 34 39.62 12.92 11.45
CA LEU C 34 40.07 13.01 12.83
C LEU C 34 41.54 13.47 12.87
N ALA C 35 41.79 14.66 13.40
CA ALA C 35 43.14 15.23 13.32
C ALA C 35 43.85 15.35 14.67
N ALA C 36 43.08 15.49 15.74
CA ALA C 36 43.67 15.70 17.05
C ALA C 36 42.73 15.22 18.14
N LEU C 37 43.28 15.05 19.34
CA LEU C 37 42.54 14.62 20.51
C LEU C 37 42.83 15.56 21.69
N VAL C 38 41.80 15.88 22.48
CA VAL C 38 41.96 16.71 23.67
C VAL C 38 41.29 16.02 24.85
N SER C 39 42.02 15.83 25.93
CA SER C 39 41.55 14.99 27.02
C SER C 39 42.22 15.33 28.35
N GLY C 40 41.49 15.17 29.45
CA GLY C 40 42.05 15.36 30.78
C GLY C 40 42.59 14.06 31.33
N THR C 41 42.56 13.02 30.50
CA THR C 41 42.99 11.68 30.90
C THR C 41 44.15 11.22 30.03
N PRO C 42 45.39 11.28 30.56
CA PRO C 42 46.57 10.91 29.77
C PRO C 42 46.45 9.51 29.16
N GLU C 43 45.93 8.56 29.93
CA GLU C 43 45.70 7.20 29.43
C GLU C 43 44.84 7.15 28.17
N LYS C 44 43.85 8.05 28.06
CA LYS C 44 42.96 8.08 26.89
C LYS C 44 43.67 8.63 25.66
N LEU C 45 44.54 9.60 25.88
CA LEU C 45 45.33 10.15 24.77
C LEU C 45 46.25 9.08 24.18
N LYS C 46 46.79 8.22 25.05
CA LYS C 46 47.65 7.16 24.57
C LYS C 46 46.84 6.12 23.80
N THR C 47 45.82 5.58 24.45
CA THR C 47 44.93 4.58 23.86
C THR C 47 44.33 4.96 22.50
N TYR C 48 43.62 6.10 22.46
CA TYR C 48 42.92 6.50 21.24
C TYR C 48 43.89 7.14 20.25
N GLY C 49 44.96 7.75 20.76
CA GLY C 49 45.99 8.28 19.89
C GLY C 49 46.61 7.16 19.06
N GLU C 50 46.97 6.08 19.75
CA GLU C 50 47.57 4.94 19.06
C GLU C 50 46.52 4.21 18.23
N GLN C 51 45.32 4.06 18.77
CA GLN C 51 44.26 3.40 18.01
C GLN C 51 43.93 4.13 16.71
N TYR C 52 43.92 5.46 16.73
CA TYR C 52 43.53 6.20 15.53
C TYR C 52 44.71 6.81 14.80
N GLY C 53 45.92 6.52 15.25
CA GLY C 53 47.11 6.99 14.57
C GLY C 53 47.23 8.50 14.61
N ILE C 54 47.03 9.05 15.80
CA ILE C 54 47.17 10.47 16.03
C ILE C 54 48.51 10.74 16.73
N PRO C 55 49.38 11.52 16.08
CA PRO C 55 50.73 11.82 16.60
C PRO C 55 50.68 12.49 17.96
N GLU C 56 51.74 12.32 18.76
CA GLU C 56 51.80 12.95 20.09
C GLU C 56 51.66 14.46 19.97
N THR C 57 52.09 15.01 18.83
CA THR C 57 52.02 16.43 18.58
C THR C 57 50.57 16.92 18.40
N HIS C 58 49.65 15.98 18.23
CA HIS C 58 48.25 16.30 18.01
C HIS C 58 47.38 15.79 19.16
N ARG C 59 48.03 15.49 20.28
CA ARG C 59 47.33 15.12 21.49
C ARG C 59 47.51 16.23 22.51
N TYR C 60 46.40 16.74 23.04
CA TYR C 60 46.45 17.84 23.99
C TYR C 60 45.74 17.46 25.27
N SER C 61 46.23 17.98 26.39
CA SER C 61 45.48 17.92 27.64
C SER C 61 44.70 19.23 27.74
N TYR C 62 43.83 19.34 28.73
CA TYR C 62 43.15 20.62 28.96
C TYR C 62 44.18 21.71 29.30
N GLU C 63 45.29 21.31 29.91
CA GLU C 63 46.34 22.26 30.26
C GLU C 63 46.99 22.87 29.01
N THR C 64 47.24 22.05 28.01
CA THR C 64 47.95 22.49 26.81
C THR C 64 47.04 22.78 25.61
N PHE C 65 45.72 22.71 25.83
CA PHE C 65 44.77 22.85 24.72
C PHE C 65 44.92 24.13 23.91
N ASP C 66 45.18 25.26 24.58
CA ASP C 66 45.25 26.54 23.89
C ASP C 66 46.36 26.57 22.83
N ARG C 67 47.34 25.68 22.94
CA ARG C 67 48.41 25.61 21.96
C ARG C 67 47.94 25.14 20.59
N ILE C 68 46.73 24.59 20.55
CA ILE C 68 46.17 24.03 19.31
C ILE C 68 46.05 25.12 18.24
N ILE C 69 46.08 26.38 18.68
CA ILE C 69 46.08 27.52 17.78
C ILE C 69 47.21 27.44 16.74
N ASP C 70 48.31 26.79 17.10
CA ASP C 70 49.47 26.67 16.22
C ASP C 70 49.45 25.38 15.40
N ASN C 71 48.34 24.65 15.45
CA ASN C 71 48.21 23.41 14.67
C ASN C 71 47.29 23.62 13.47
N PRO C 72 47.88 23.73 12.27
CA PRO C 72 47.09 23.98 11.06
C PRO C 72 46.32 22.75 10.60
N ASP C 73 46.59 21.59 11.20
CA ASP C 73 45.84 20.36 10.86
C ASP C 73 44.45 20.38 11.48
N VAL C 74 44.23 21.28 12.44
CA VAL C 74 42.97 21.36 13.16
C VAL C 74 42.17 22.54 12.70
N ASP C 75 40.98 22.26 12.17
CA ASP C 75 40.09 23.30 11.68
C ASP C 75 38.93 23.50 12.63
N ILE C 76 38.53 22.40 13.27
CA ILE C 76 37.32 22.34 14.07
C ILE C 76 37.58 21.65 15.39
N VAL C 77 37.05 22.21 16.47
CA VAL C 77 37.04 21.54 17.76
C VAL C 77 35.59 21.12 18.09
N TYR C 78 35.43 19.84 18.40
CA TYR C 78 34.16 19.23 18.73
C TYR C 78 34.12 19.05 20.24
N VAL C 79 33.32 19.86 20.92
CA VAL C 79 33.24 19.81 22.38
C VAL C 79 32.19 18.79 22.82
N ILE C 80 32.64 17.76 23.54
CA ILE C 80 31.77 16.65 23.96
C ILE C 80 31.99 16.36 25.44
N THR C 81 31.81 17.40 26.25
CA THR C 81 32.03 17.38 27.69
C THR C 81 30.70 17.47 28.44
N PRO C 82 30.73 17.35 29.78
CA PRO C 82 29.54 17.77 30.52
C PRO C 82 29.10 19.20 30.16
N ASN C 83 27.81 19.46 30.33
CA ASN C 83 27.18 20.64 29.77
C ASN C 83 27.76 21.97 30.25
N SER C 84 28.11 22.06 31.54
CA SER C 84 28.58 23.32 32.11
C SER C 84 29.92 23.74 31.51
N LEU C 85 30.56 22.82 30.77
CA LEU C 85 31.87 23.10 30.20
C LEU C 85 31.81 23.40 28.72
N HIS C 86 30.62 23.27 28.11
CA HIS C 86 30.46 23.62 26.70
C HIS C 86 30.91 25.08 26.42
N ARG C 87 30.40 26.02 27.20
CA ARG C 87 30.80 27.41 26.99
C ARG C 87 32.31 27.65 27.18
N PRO C 88 32.89 27.23 28.34
CA PRO C 88 34.33 27.51 28.45
C PRO C 88 35.19 26.89 27.35
N PHE C 89 34.94 25.65 26.94
CA PHE C 89 35.77 25.08 25.89
C PHE C 89 35.46 25.71 24.53
N THR C 90 34.21 26.09 24.29
CA THR C 90 33.88 26.77 23.04
C THR C 90 34.62 28.12 22.95
N GLU C 91 34.62 28.86 24.05
CA GLU C 91 35.34 30.14 24.10
C GLU C 91 36.83 29.93 23.82
N ARG C 92 37.44 28.93 24.45
CA ARG C 92 38.86 28.67 24.23
C ARG C 92 39.13 28.24 22.79
N ALA C 93 38.27 27.39 22.24
CA ALA C 93 38.42 26.95 20.84
C ALA C 93 38.39 28.13 19.88
N ALA C 94 37.45 29.04 20.10
CA ALA C 94 37.32 30.22 19.26
C ALA C 94 38.57 31.11 19.38
N ARG C 95 39.03 31.35 20.60
CA ARG C 95 40.24 32.14 20.82
C ARG C 95 41.44 31.47 20.15
N ALA C 96 41.42 30.14 20.08
CA ALA C 96 42.47 29.38 19.38
C ALA C 96 42.26 29.39 17.86
N GLY C 97 41.29 30.19 17.41
CA GLY C 97 41.03 30.36 15.99
C GLY C 97 40.35 29.18 15.30
N LYS C 98 39.67 28.32 16.05
CA LYS C 98 39.05 27.13 15.46
C LYS C 98 37.52 27.27 15.37
N HIS C 99 36.94 26.69 14.34
CA HIS C 99 35.48 26.56 14.27
C HIS C 99 35.02 25.54 15.32
N VAL C 100 33.76 25.60 15.71
CA VAL C 100 33.32 24.78 16.84
C VAL C 100 32.06 23.99 16.53
N MET C 101 32.14 22.70 16.82
CA MET C 101 30.98 21.83 16.92
C MET C 101 30.79 21.61 18.40
N CYS C 102 29.61 21.92 18.90
CA CYS C 102 29.34 21.78 20.33
C CYS C 102 28.15 20.87 20.53
N GLU C 103 28.27 19.91 21.42
CA GLU C 103 27.17 18.98 21.66
C GLU C 103 25.99 19.68 22.31
N LYS C 104 24.82 19.06 22.20
CA LYS C 104 23.64 19.54 22.92
C LYS C 104 23.68 19.01 24.37
N PRO C 105 22.95 19.66 25.29
CA PRO C 105 22.31 20.97 25.13
C PRO C 105 23.43 21.99 24.96
N MET C 106 23.20 23.08 24.23
CA MET C 106 24.25 24.03 23.91
C MET C 106 25.06 24.46 25.12
N ALA C 107 24.36 24.88 26.17
CA ALA C 107 24.97 25.28 27.43
C ALA C 107 23.88 25.28 28.50
N ASN C 108 24.24 25.55 29.75
CA ASN C 108 23.28 25.45 30.86
C ASN C 108 22.18 26.53 30.88
N THR C 109 22.47 27.71 30.30
CA THR C 109 21.53 28.84 30.31
C THR C 109 21.54 29.64 29.01
N VAL C 110 20.49 30.41 28.80
CA VAL C 110 20.41 31.33 27.67
C VAL C 110 21.64 32.26 27.58
N ALA C 111 22.03 32.82 28.72
CA ALA C 111 23.16 33.76 28.75
C ALA C 111 24.45 33.09 28.27
N ASP C 112 24.64 31.83 28.65
CA ASP C 112 25.81 31.08 28.19
C ASP C 112 25.82 30.94 26.67
N CYS C 113 24.66 30.59 26.11
CA CYS C 113 24.53 30.44 24.65
C CYS C 113 24.85 31.75 23.92
N GLU C 114 24.30 32.84 24.41
CA GLU C 114 24.58 34.15 23.83
C GLU C 114 26.09 34.48 23.85
N ALA C 115 26.76 34.18 24.96
CA ALA C 115 28.20 34.39 25.05
C ALA C 115 28.97 33.54 24.03
N MET C 116 28.54 32.29 23.89
CA MET C 116 29.18 31.40 22.91
C MET C 116 29.05 31.93 21.49
N ILE C 117 27.85 32.36 21.12
CA ILE C 117 27.60 32.91 19.80
C ILE C 117 28.45 34.17 19.57
N ALA C 118 28.49 35.02 20.59
CA ALA C 118 29.29 36.24 20.54
C ALA C 118 30.78 35.94 20.41
N ALA C 119 31.26 34.95 21.16
CA ALA C 119 32.67 34.57 21.12
C ALA C 119 33.09 34.07 19.74
N CYS C 120 32.26 33.22 19.13
CA CYS C 120 32.61 32.68 17.82
C CYS C 120 32.50 33.75 16.74
N LYS C 121 31.50 34.62 16.86
CA LYS C 121 31.33 35.74 15.93
C LYS C 121 32.55 36.66 15.96
N LYS C 122 33.02 36.97 17.16
CA LYS C 122 34.20 37.81 17.32
C LYS C 122 35.43 37.16 16.68
N ALA C 123 35.56 35.85 16.84
CA ALA C 123 36.72 35.11 16.33
C ALA C 123 36.60 34.87 14.84
N GLY C 124 35.46 35.24 14.26
CA GLY C 124 35.20 34.99 12.86
C GLY C 124 35.15 33.50 12.54
N ARG C 125 34.56 32.73 13.44
CA ARG C 125 34.49 31.28 13.25
C ARG C 125 33.05 30.76 13.37
N LYS C 126 32.77 29.67 12.69
CA LYS C 126 31.42 29.10 12.68
C LYS C 126 31.15 28.24 13.91
N LEU C 127 29.87 28.11 14.23
CA LEU C 127 29.41 27.41 15.42
C LEU C 127 28.19 26.56 15.06
N MET C 128 28.27 25.27 15.35
CA MET C 128 27.18 24.34 15.06
C MET C 128 26.89 23.46 16.27
N ILE C 129 25.61 23.19 16.53
CA ILE C 129 25.22 22.36 17.64
C ILE C 129 24.91 20.95 17.14
N GLY C 130 25.24 19.94 17.94
CA GLY C 130 25.15 18.56 17.50
C GLY C 130 23.76 17.93 17.43
N TYR C 131 22.85 18.55 16.68
CA TYR C 131 21.52 18.00 16.45
C TYR C 131 21.52 17.04 15.26
N ARG C 132 22.09 15.87 15.48
CA ARG C 132 22.29 14.88 14.41
C ARG C 132 20.99 14.44 13.74
N SER C 133 19.87 14.55 14.46
CA SER C 133 18.59 14.09 13.93
C SER C 133 18.22 14.84 12.67
N ARG C 134 18.72 16.06 12.52
CA ARG C 134 18.46 16.84 11.32
C ARG C 134 19.16 16.26 10.08
N PHE C 135 20.02 15.28 10.28
CA PHE C 135 20.73 14.64 9.18
C PHE C 135 20.33 13.17 9.05
N GLN C 136 19.30 12.80 9.81
CA GLN C 136 18.84 11.41 9.88
C GLN C 136 17.71 11.21 8.87
N ALA C 137 17.71 10.08 8.17
CA ALA C 137 16.84 9.91 7.00
C ALA C 137 15.35 10.00 7.32
N HIS C 138 14.92 9.35 8.39
CA HIS C 138 13.49 9.34 8.72
C HIS C 138 13.03 10.71 9.15
N ASN C 139 13.85 11.37 9.97
CA ASN C 139 13.57 12.75 10.37
C ASN C 139 13.47 13.70 9.19
N ILE C 140 14.41 13.55 8.25
CA ILE C 140 14.42 14.41 7.07
C ILE C 140 13.13 14.19 6.27
N GLU C 141 12.71 12.93 6.19
CA GLU C 141 11.49 12.58 5.44
C GLU C 141 10.26 13.20 6.09
N ALA C 142 10.16 13.08 7.41
CA ALA C 142 9.06 13.69 8.17
C ALA C 142 8.99 15.20 7.94
N ILE C 143 10.12 15.89 8.03
CA ILE C 143 10.14 17.33 7.76
C ILE C 143 9.69 17.63 6.32
N LYS C 144 10.11 16.80 5.38
CA LYS C 144 9.76 17.00 3.98
C LYS C 144 8.25 16.88 3.76
N LEU C 145 7.66 15.85 4.36
CA LEU C 145 6.22 15.62 4.28
C LEU C 145 5.43 16.83 4.80
N VAL C 146 5.88 17.37 5.93
CA VAL C 146 5.25 18.58 6.48
C VAL C 146 5.36 19.76 5.51
N ARG C 147 6.59 20.06 5.07
CA ARG C 147 6.82 21.21 4.21
C ARG C 147 6.14 21.08 2.84
N ASP C 148 6.04 19.85 2.34
CA ASP C 148 5.35 19.63 1.07
C ASP C 148 3.84 19.75 1.21
N GLY C 149 3.35 19.90 2.44
CA GLY C 149 1.92 20.01 2.68
C GLY C 149 1.17 18.68 2.69
N ALA C 150 1.88 17.57 2.86
CA ALA C 150 1.24 16.26 2.88
C ALA C 150 0.23 16.09 4.04
N LEU C 151 0.40 16.87 5.11
CA LEU C 151 -0.46 16.75 6.29
C LEU C 151 -1.48 17.87 6.41
N GLY C 152 -1.36 18.88 5.54
CA GLY C 152 -2.05 20.14 5.74
C GLY C 152 -1.29 20.89 6.83
N PRO C 153 -1.92 21.93 7.40
CA PRO C 153 -1.35 22.70 8.52
C PRO C 153 -1.01 21.76 9.67
N VAL C 154 0.17 21.89 10.27
CA VAL C 154 0.45 21.10 11.46
C VAL C 154 -0.51 21.50 12.58
N ARG C 155 -1.20 20.50 13.15
CA ARG C 155 -2.10 20.78 14.26
C ARG C 155 -1.51 20.29 15.57
N THR C 156 -0.97 19.06 15.57
CA THR C 156 -0.40 18.49 16.78
C THR C 156 0.95 17.82 16.56
N VAL C 157 1.81 17.96 17.55
CA VAL C 157 3.03 17.17 17.66
C VAL C 157 3.05 16.51 19.02
N VAL C 158 3.08 15.19 19.04
CA VAL C 158 3.14 14.47 20.29
C VAL C 158 4.46 13.70 20.30
N THR C 159 5.34 14.06 21.24
CA THR C 159 6.69 13.53 21.21
C THR C 159 7.17 13.25 22.64
N ASP C 160 7.71 12.05 22.84
CA ASP C 160 8.14 11.59 24.16
C ASP C 160 9.61 11.14 24.07
N HIS C 161 10.46 11.70 24.91
CA HIS C 161 11.84 11.25 25.02
C HIS C 161 12.21 11.02 26.47
N GLY C 162 12.77 9.84 26.74
CA GLY C 162 13.24 9.54 28.08
C GLY C 162 13.98 8.23 28.12
N PHE C 163 14.78 8.04 29.16
CA PHE C 163 15.32 6.71 29.46
C PHE C 163 15.40 6.54 30.97
N THR C 164 15.52 5.31 31.43
CA THR C 164 15.62 5.05 32.85
C THR C 164 17.08 5.22 33.26
N ILE C 165 17.40 6.40 33.76
CA ILE C 165 18.78 6.70 34.13
C ILE C 165 19.20 5.88 35.36
N GLY C 166 20.47 5.52 35.43
CA GLY C 166 20.92 4.60 36.46
C GLY C 166 21.71 5.21 37.61
N ASP C 167 23.03 5.22 37.47
CA ASP C 167 23.96 5.57 38.55
C ASP C 167 23.77 7.01 39.07
N PRO C 168 23.39 7.13 40.36
CA PRO C 168 23.13 8.42 41.02
C PRO C 168 24.32 9.39 41.01
N LYS C 169 25.53 8.88 40.79
CA LYS C 169 26.73 9.70 40.95
C LYS C 169 27.24 10.33 39.65
N GLN C 170 26.60 10.01 38.52
CA GLN C 170 27.06 10.51 37.23
C GLN C 170 26.76 12.01 37.06
N TRP C 171 27.48 12.66 36.15
CA TRP C 171 27.40 14.13 36.07
C TRP C 171 26.03 14.61 35.62
N ARG C 172 25.30 13.78 34.86
CA ARG C 172 23.95 14.15 34.43
C ARG C 172 23.00 14.40 35.59
N LEU C 173 23.26 13.80 36.75
CA LEU C 173 22.39 13.99 37.90
C LEU C 173 22.97 15.05 38.84
N ASN C 174 24.01 15.73 38.37
CA ASN C 174 24.60 16.86 39.09
C ASN C 174 24.14 18.19 38.47
N ARG C 175 23.39 19.00 39.23
CA ARG C 175 22.80 20.20 38.66
C ARG C 175 23.83 21.18 38.13
N ALA C 176 24.97 21.30 38.82
CA ALA C 176 26.00 22.25 38.41
C ALA C 176 26.57 21.88 37.05
N LEU C 177 26.92 20.61 36.87
CA LEU C 177 27.54 20.15 35.62
C LEU C 177 26.55 19.99 34.46
N ALA C 178 25.34 19.52 34.76
CA ALA C 178 24.36 19.20 33.73
C ALA C 178 23.45 20.37 33.40
N GLY C 179 23.26 21.28 34.36
CA GLY C 179 22.38 22.43 34.16
C GLY C 179 20.92 22.16 34.47
N GLY C 180 20.57 20.89 34.64
CA GLY C 180 19.21 20.49 34.93
C GLY C 180 19.10 19.00 34.66
N GLY C 181 17.88 18.47 34.73
CA GLY C 181 17.66 17.04 34.66
C GLY C 181 17.29 16.54 33.27
N SER C 182 16.24 15.73 33.20
CA SER C 182 15.89 15.06 31.95
C SER C 182 15.71 16.03 30.79
N LEU C 183 15.19 17.22 31.07
CA LEU C 183 14.92 18.18 29.99
C LEU C 183 16.21 18.62 29.27
N MET C 184 17.28 18.84 30.04
CA MET C 184 18.53 19.28 29.45
C MET C 184 19.13 18.17 28.57
N ASP C 185 18.93 16.92 28.97
CA ASP C 185 19.66 15.81 28.37
C ASP C 185 18.93 15.11 27.24
N ILE C 186 17.65 14.80 27.47
CA ILE C 186 16.94 13.93 26.54
C ILE C 186 15.61 14.58 26.15
N GLY C 187 14.97 15.26 27.09
CA GLY C 187 13.74 15.97 26.78
C GLY C 187 13.93 17.04 25.71
N ILE C 188 15.16 17.52 25.61
CA ILE C 188 15.49 18.50 24.57
C ILE C 188 15.24 17.94 23.16
N TYR C 189 15.28 16.62 22.98
CA TYR C 189 14.93 16.05 21.66
C TYR C 189 13.45 16.28 21.33
N SER C 190 12.58 16.21 22.34
CA SER C 190 11.15 16.47 22.14
C SER C 190 10.93 17.91 21.70
N LEU C 191 11.60 18.84 22.39
CA LEU C 191 11.48 20.25 22.09
C LEU C 191 12.05 20.60 20.71
N ASN C 192 13.26 20.11 20.44
CA ASN C 192 13.90 20.37 19.15
C ASN C 192 13.08 19.83 17.98
N ALA C 193 12.50 18.63 18.14
CA ALA C 193 11.62 18.06 17.12
C ALA C 193 10.35 18.88 16.93
N ALA C 194 9.69 19.30 18.00
CA ALA C 194 8.50 20.16 17.85
C ALA C 194 8.84 21.40 17.02
N ARG C 195 10.03 21.97 17.28
CA ARG C 195 10.48 23.14 16.53
C ARG C 195 10.75 22.81 15.04
N TYR C 196 11.53 21.75 14.74
CA TYR C 196 11.84 21.54 13.32
C TYR C 196 10.69 20.85 12.54
N LEU C 197 9.76 20.21 13.24
CA LEU C 197 8.58 19.66 12.54
C LEU C 197 7.59 20.78 12.18
N THR C 198 7.34 21.70 13.10
CA THR C 198 6.46 22.84 12.80
C THR C 198 7.18 23.87 11.96
N GLY C 199 8.50 23.94 12.12
CA GLY C 199 9.29 25.00 11.52
C GLY C 199 8.98 26.34 12.19
N GLU C 200 8.45 26.30 13.41
CA GLU C 200 8.08 27.52 14.14
C GLU C 200 8.73 27.59 15.51
N GLU C 201 8.61 28.75 16.15
CA GLU C 201 9.07 28.95 17.52
C GLU C 201 7.86 29.14 18.45
N PRO C 202 7.88 28.52 19.65
CA PRO C 202 6.73 28.57 20.57
C PRO C 202 6.41 30.00 21.07
N VAL C 203 5.12 30.32 21.25
CA VAL C 203 4.75 31.60 21.87
C VAL C 203 4.15 31.44 23.27
N ALA C 204 3.85 30.20 23.65
CA ALA C 204 3.32 29.93 24.99
C ALA C 204 3.72 28.53 25.44
N VAL C 205 4.00 28.39 26.73
CA VAL C 205 4.54 27.17 27.30
C VAL C 205 3.83 26.81 28.60
N ASN C 206 3.33 25.59 28.68
CA ASN C 206 2.88 24.98 29.94
C ASN C 206 3.85 23.90 30.36
N ALA C 207 3.97 23.65 31.65
CA ALA C 207 4.77 22.49 32.08
C ALA C 207 4.37 21.96 33.46
N VAL C 208 4.61 20.66 33.65
CA VAL C 208 4.41 20.02 34.95
C VAL C 208 5.60 19.16 35.29
N GLU C 209 6.17 19.35 36.48
CA GLU C 209 7.27 18.51 36.92
C GLU C 209 6.75 17.40 37.82
N SER C 210 7.35 16.22 37.72
CA SER C 210 7.08 15.15 38.67
C SER C 210 8.39 14.46 39.02
N THR C 211 8.85 14.70 40.24
CA THR C 211 10.13 14.18 40.68
C THR C 211 10.04 13.73 42.14
N ASP C 212 10.45 12.51 42.42
CA ASP C 212 10.57 12.05 43.80
C ASP C 212 11.96 12.42 44.30
N ARG C 213 12.06 13.49 45.09
CA ARG C 213 13.38 13.97 45.53
C ARG C 213 14.04 13.04 46.57
N SER C 214 13.29 12.08 47.09
CA SER C 214 13.89 11.12 48.01
C SER C 214 14.61 10.01 47.23
N ASP C 215 14.36 9.96 45.93
CA ASP C 215 15.06 9.02 45.06
C ASP C 215 16.54 9.43 45.00
N PRO C 216 17.45 8.48 45.24
CA PRO C 216 18.89 8.76 45.22
C PRO C 216 19.37 9.48 43.96
N ARG C 217 18.67 9.29 42.84
CA ARG C 217 19.08 9.90 41.58
C ARG C 217 18.69 11.37 41.44
N PHE C 218 17.69 11.80 42.20
CA PHE C 218 16.98 13.05 41.89
C PHE C 218 16.96 14.08 43.01
N GLY C 219 18.03 14.15 43.80
CA GLY C 219 18.10 15.16 44.84
C GLY C 219 18.37 16.54 44.28
N GLU C 220 18.91 16.62 43.07
CA GLU C 220 19.31 17.91 42.51
C GLU C 220 18.58 18.30 41.22
N VAL C 221 18.26 17.32 40.37
CA VAL C 221 17.67 17.62 39.07
C VAL C 221 16.34 16.90 38.89
N GLU C 222 15.57 17.28 37.87
CA GLU C 222 14.22 16.73 37.72
C GLU C 222 14.22 15.37 37.01
N ASP C 223 13.20 14.59 37.32
CA ASP C 223 12.97 13.30 36.68
C ASP C 223 12.08 13.52 35.47
N ILE C 224 10.81 13.79 35.74
CA ILE C 224 9.86 14.04 34.68
C ILE C 224 9.49 15.52 34.64
N ILE C 225 9.56 16.12 33.47
CA ILE C 225 8.95 17.43 33.28
C ILE C 225 8.33 17.46 31.88
N ASN C 226 7.01 17.37 31.86
CA ASN C 226 6.31 17.32 30.58
C ASN C 226 5.86 18.73 30.25
N PHE C 227 5.79 19.06 28.96
CA PHE C 227 5.42 20.41 28.59
C PHE C 227 4.54 20.50 27.36
N GLN C 228 3.82 21.61 27.26
CA GLN C 228 2.98 21.91 26.11
C GLN C 228 3.51 23.15 25.43
N LEU C 229 3.50 23.16 24.10
CA LEU C 229 3.89 24.32 23.32
C LEU C 229 2.73 24.76 22.44
N LEU C 230 2.53 26.07 22.34
CA LEU C 230 1.66 26.67 21.33
C LEU C 230 2.52 27.48 20.37
N PHE C 231 2.26 27.34 19.06
CA PHE C 231 2.98 28.07 18.03
C PHE C 231 2.07 29.09 17.35
N PRO C 232 2.64 30.11 16.68
CA PRO C 232 1.83 31.18 16.07
C PRO C 232 0.79 30.70 15.05
N SER C 233 1.07 29.62 14.34
CA SER C 233 0.12 29.09 13.37
C SER C 233 -1.11 28.47 14.04
N GLY C 234 -1.05 28.26 15.35
CA GLY C 234 -2.06 27.44 16.01
C GLY C 234 -1.61 26.01 16.27
N ALA C 235 -0.50 25.59 15.66
CA ALA C 235 0.08 24.27 15.95
C ALA C 235 0.33 24.09 17.45
N THR C 236 0.12 22.88 17.95
CA THR C 236 0.38 22.55 19.36
C THR C 236 1.33 21.38 19.51
N ALA C 237 2.01 21.30 20.65
CA ALA C 237 2.82 20.13 20.96
C ALA C 237 2.59 19.67 22.39
N ASN C 238 2.46 18.36 22.57
CA ASN C 238 2.48 17.72 23.88
C ASN C 238 3.78 16.95 23.99
N CYS C 239 4.60 17.25 24.99
CA CYS C 239 5.95 16.69 25.07
C CYS C 239 6.23 16.02 26.40
N VAL C 240 6.84 14.85 26.36
CA VAL C 240 7.33 14.18 27.55
C VAL C 240 8.87 14.23 27.60
N SER C 241 9.39 14.52 28.79
CA SER C 241 10.82 14.43 29.08
C SER C 241 10.94 13.63 30.36
N ALA C 242 11.71 12.54 30.37
CA ALA C 242 11.72 11.66 31.53
C ALA C 242 13.07 10.97 31.80
N TYR C 243 13.35 10.75 33.08
CA TYR C 243 14.51 9.97 33.49
C TYR C 243 14.08 8.66 34.15
N SER C 244 12.78 8.33 34.03
CA SER C 244 12.27 7.12 34.69
C SER C 244 11.34 6.27 33.79
N VAL C 245 11.28 6.57 32.51
CA VAL C 245 10.65 5.67 31.53
C VAL C 245 11.47 5.70 30.27
N ASN C 246 11.32 4.66 29.45
CA ASN C 246 12.00 4.59 28.17
C ASN C 246 11.04 4.93 27.06
N CYS C 247 11.33 6.01 26.34
CA CYS C 247 10.53 6.39 25.19
C CYS C 247 11.36 7.20 24.22
N ASN C 248 11.06 7.07 22.94
CA ASN C 248 11.73 7.84 21.91
C ASN C 248 10.87 7.86 20.67
N ARG C 249 10.09 8.92 20.50
CA ARG C 249 9.12 8.92 19.42
C ARG C 249 8.52 10.28 19.16
N TYR C 250 7.98 10.44 17.97
CA TYR C 250 7.08 11.55 17.74
C TYR C 250 6.07 11.23 16.67
N ARG C 251 4.90 11.87 16.76
CA ARG C 251 3.93 11.85 15.70
C ARG C 251 3.53 13.28 15.42
N VAL C 252 3.58 13.68 14.16
CA VAL C 252 3.10 14.99 13.79
C VAL C 252 1.87 14.79 12.91
N SER C 253 0.82 15.54 13.22
CA SER C 253 -0.50 15.32 12.60
C SER C 253 -1.13 16.63 12.10
N GLY C 254 -1.85 16.52 10.99
CA GLY C 254 -2.65 17.60 10.45
C GLY C 254 -3.95 17.04 9.90
N PRO C 255 -4.78 17.90 9.31
CA PRO C 255 -6.11 17.43 8.87
C PRO C 255 -6.04 16.40 7.75
N LYS C 256 -4.95 16.38 6.98
CA LYS C 256 -4.85 15.47 5.84
C LYS C 256 -4.20 14.14 6.21
N GLY C 257 -3.68 14.04 7.43
CA GLY C 257 -3.05 12.80 7.86
C GLY C 257 -1.91 13.02 8.83
N TRP C 258 -1.12 11.98 9.09
CA TRP C 258 -0.04 12.10 10.06
C TRP C 258 1.14 11.19 9.76
N VAL C 259 2.29 11.50 10.35
CA VAL C 259 3.47 10.64 10.24
C VAL C 259 4.15 10.54 11.62
N GLU C 260 4.68 9.36 11.92
CA GLU C 260 5.34 9.14 13.20
C GLU C 260 6.59 8.32 12.99
N ILE C 261 7.52 8.46 13.95
CA ILE C 261 8.74 7.67 13.95
C ILE C 261 8.94 7.16 15.35
N ASP C 262 9.21 5.86 15.48
CA ASP C 262 9.39 5.23 16.78
C ASP C 262 10.22 3.96 16.60
N PRO C 263 11.49 3.99 17.03
CA PRO C 263 12.19 5.12 17.66
C PRO C 263 12.46 6.26 16.68
N ALA C 264 12.48 7.49 17.21
CA ALA C 264 12.57 8.67 16.36
C ALA C 264 14.01 9.23 16.23
N THR C 265 14.72 9.34 17.34
CA THR C 265 16.00 10.06 17.34
C THR C 265 17.14 9.23 17.92
N SER C 266 16.97 7.91 17.89
CA SER C 266 17.98 6.99 18.37
C SER C 266 19.20 6.95 17.44
N TYR C 267 20.26 6.26 17.85
CA TYR C 267 21.46 6.12 17.05
C TYR C 267 21.16 5.33 15.77
N GLN C 268 20.25 4.37 15.92
CA GLN C 268 19.83 3.53 14.80
C GLN C 268 18.45 2.94 15.10
N GLY C 269 17.86 2.28 14.11
CA GLY C 269 16.64 1.52 14.33
C GLY C 269 15.33 2.25 14.07
N GLN C 270 15.42 3.48 13.54
CA GLN C 270 14.23 4.29 13.24
C GLN C 270 13.22 3.50 12.42
N ALA C 271 11.95 3.65 12.75
CA ALA C 271 10.89 3.02 11.98
C ALA C 271 9.76 4.02 11.82
N MET C 272 9.37 4.29 10.58
CA MET C 272 8.37 5.32 10.31
C MET C 272 7.05 4.70 9.87
N ARG C 273 5.96 5.34 10.30
CA ARG C 273 4.60 4.92 9.95
C ARG C 273 3.86 6.17 9.55
N ALA C 274 2.95 6.08 8.59
CA ALA C 274 2.21 7.27 8.18
C ALA C 274 0.78 6.92 7.80
N GLN C 275 -0.11 7.86 8.04
CA GLN C 275 -1.50 7.74 7.63
C GLN C 275 -1.76 8.89 6.69
N LEU C 276 -1.76 8.61 5.40
CA LEU C 276 -1.83 9.69 4.42
C LEU C 276 -2.99 9.46 3.46
N GLY C 277 -2.73 8.68 2.40
CA GLY C 277 -3.80 8.35 1.47
C GLY C 277 -4.80 7.36 2.05
N GLY C 278 -4.31 6.41 2.83
CA GLY C 278 -5.18 5.41 3.39
C GLY C 278 -4.94 5.19 4.87
N PRO C 279 -5.26 4.00 5.35
CA PRO C 279 -4.99 3.60 6.74
C PRO C 279 -3.49 3.67 7.01
N PRO C 280 -3.11 3.70 8.30
CA PRO C 280 -1.70 3.75 8.69
C PRO C 280 -0.91 2.59 8.07
N ALA C 281 0.30 2.88 7.61
CA ALA C 281 1.16 1.85 7.03
C ALA C 281 2.61 2.25 7.20
N PRO C 282 3.53 1.27 7.21
CA PRO C 282 4.97 1.60 7.22
C PRO C 282 5.32 2.52 6.06
N ARG C 283 6.33 3.36 6.25
CA ARG C 283 6.85 4.16 5.16
C ARG C 283 8.37 4.21 5.22
N GLU C 284 8.99 3.90 4.08
CA GLU C 284 10.44 4.03 3.92
C GLU C 284 10.80 5.42 3.50
N PRO C 285 11.72 6.06 4.23
CA PRO C 285 12.19 7.39 3.84
C PRO C 285 13.12 7.33 2.62
N ALA C 286 13.26 8.44 1.92
CA ALA C 286 14.28 8.57 0.89
C ALA C 286 15.65 8.31 1.49
N PRO C 287 16.48 7.51 0.79
CA PRO C 287 17.80 7.18 1.32
C PRO C 287 18.69 8.41 1.40
N GLN C 288 19.63 8.38 2.32
CA GLN C 288 20.58 9.46 2.48
C GLN C 288 21.97 8.92 2.15
N PRO C 289 22.88 9.79 1.68
CA PRO C 289 24.24 9.39 1.33
C PRO C 289 25.03 8.80 2.50
N LYS C 290 24.95 9.42 3.68
CA LYS C 290 25.70 8.96 4.84
C LYS C 290 24.83 8.83 6.08
N ASN C 291 25.29 8.04 7.04
CA ASN C 291 24.65 7.97 8.35
C ASN C 291 24.60 9.34 9.00
N GLN C 292 23.78 9.49 10.04
CA GLN C 292 23.52 10.82 10.60
C GLN C 292 24.78 11.45 11.21
N PHE C 293 25.66 10.62 11.77
CA PHE C 293 26.84 11.12 12.45
C PHE C 293 27.83 11.70 11.44
N SER C 294 28.23 10.89 10.46
CA SER C 294 29.13 11.34 9.42
C SER C 294 28.58 12.54 8.69
N ALA C 295 27.26 12.54 8.46
CA ALA C 295 26.62 13.66 7.78
C ALA C 295 26.70 14.95 8.59
N GLN C 296 26.49 14.83 9.90
CA GLN C 296 26.63 15.97 10.82
C GLN C 296 28.04 16.55 10.74
N LEU C 297 29.04 15.69 10.91
CA LEU C 297 30.44 16.08 10.81
C LEU C 297 30.74 16.78 9.50
N ASP C 298 30.31 16.20 8.38
CA ASP C 298 30.59 16.79 7.07
C ASP C 298 29.84 18.09 6.85
N HIS C 299 28.70 18.25 7.50
CA HIS C 299 27.93 19.46 7.27
C HIS C 299 28.71 20.70 7.71
N LEU C 300 29.33 20.67 8.89
CA LEU C 300 30.12 21.81 9.35
C LEU C 300 31.29 22.06 8.39
N SER C 301 32.00 20.99 8.04
CA SER C 301 33.15 21.11 7.14
C SER C 301 32.75 21.77 5.82
N GLU C 302 31.65 21.30 5.24
CA GLU C 302 31.20 21.84 3.96
C GLU C 302 30.75 23.29 4.08
N CYS C 303 30.15 23.63 5.22
CA CYS C 303 29.76 25.03 5.46
C CYS C 303 30.99 25.92 5.48
N ILE C 304 32.04 25.45 6.16
CA ILE C 304 33.29 26.21 6.21
C ILE C 304 33.89 26.31 4.81
N LEU C 305 33.93 25.19 4.10
CA LEU C 305 34.51 25.13 2.76
C LEU C 305 33.77 25.97 1.73
N THR C 306 32.47 26.13 1.90
CA THR C 306 31.66 26.83 0.90
C THR C 306 31.16 28.18 1.38
N GLY C 307 31.51 28.53 2.62
CA GLY C 307 31.11 29.81 3.17
C GLY C 307 29.63 29.95 3.54
N ARG C 308 28.98 28.83 3.84
CA ARG C 308 27.56 28.86 4.21
C ARG C 308 27.36 28.70 5.72
N GLU C 309 26.17 29.05 6.21
CA GLU C 309 25.88 28.92 7.63
C GLU C 309 25.23 27.55 7.93
N PRO C 310 25.62 26.91 9.04
CA PRO C 310 25.05 25.60 9.43
C PRO C 310 23.52 25.66 9.59
N ILE C 311 22.83 24.58 9.23
CA ILE C 311 21.38 24.57 9.39
C ILE C 311 21.01 24.49 10.87
N VAL C 312 21.94 24.00 11.69
CA VAL C 312 21.74 24.01 13.15
C VAL C 312 22.89 24.76 13.83
N GLY C 313 22.91 26.08 13.63
CA GLY C 313 23.94 26.93 14.19
C GLY C 313 23.68 27.23 15.66
N GLY C 314 24.50 28.10 16.25
CA GLY C 314 24.35 28.46 17.64
C GLY C 314 22.98 29.01 17.96
N ASP C 315 22.35 29.66 16.97
CA ASP C 315 21.07 30.28 17.21
C ASP C 315 20.00 29.19 17.43
N ASP C 316 20.21 28.01 16.86
CA ASP C 316 19.26 26.92 17.07
C ASP C 316 19.37 26.40 18.51
N GLY C 317 20.60 26.27 19.00
CA GLY C 317 20.82 25.86 20.37
C GLY C 317 20.25 26.89 21.35
N LEU C 318 20.45 28.16 21.03
CA LEU C 318 19.96 29.25 21.87
C LEU C 318 18.44 29.24 21.95
N LYS C 319 17.79 29.03 20.80
CA LYS C 319 16.33 28.95 20.76
C LYS C 319 15.80 27.80 21.62
N ASP C 320 16.53 26.68 21.68
CA ASP C 320 16.11 25.59 22.56
C ASP C 320 16.22 26.02 24.02
N LEU C 321 17.34 26.65 24.36
CA LEU C 321 17.55 27.09 25.75
C LEU C 321 16.55 28.16 26.21
N ARG C 322 16.12 29.04 25.30
CA ARG C 322 15.07 30.00 25.64
C ARG C 322 13.78 29.31 26.04
N VAL C 323 13.38 28.29 25.29
CA VAL C 323 12.16 27.56 25.60
C VAL C 323 12.37 26.73 26.86
N ILE C 324 13.53 26.11 27.00
CA ILE C 324 13.84 25.34 28.20
C ILE C 324 13.72 26.20 29.49
N GLU C 325 14.26 27.42 29.46
CA GLU C 325 14.08 28.32 30.61
C GLU C 325 12.59 28.60 30.88
N ALA C 326 11.81 28.80 29.82
CA ALA C 326 10.37 29.00 29.94
C ALA C 326 9.65 27.76 30.49
N ILE C 327 10.10 26.57 30.07
CA ILE C 327 9.51 25.33 30.57
C ILE C 327 9.74 25.16 32.06
N TYR C 328 10.97 25.38 32.51
CA TYR C 328 11.27 25.30 33.93
C TYR C 328 10.45 26.34 34.71
N ARG C 329 10.34 27.54 34.15
CA ARG C 329 9.56 28.60 34.80
C ARG C 329 8.09 28.20 34.91
N ALA C 330 7.53 27.66 33.82
CA ALA C 330 6.12 27.29 33.81
C ALA C 330 5.80 26.20 34.84
N ALA C 331 6.70 25.23 35.00
CA ALA C 331 6.51 24.18 35.98
C ALA C 331 6.65 24.70 37.43
N ARG C 332 7.60 25.62 37.62
CA ARG C 332 7.88 26.19 38.93
C ARG C 332 6.72 27.09 39.38
N GLU C 333 6.21 27.90 38.47
CA GLU C 333 5.21 28.90 38.82
C GLU C 333 3.78 28.42 38.59
N GLY C 334 3.62 27.26 37.97
CA GLY C 334 2.29 26.76 37.67
C GLY C 334 1.48 27.73 36.83
N ARG C 335 2.09 28.26 35.77
CA ARG C 335 1.36 29.14 34.87
C ARG C 335 1.86 29.00 33.43
N THR C 336 1.07 29.53 32.51
CA THR C 336 1.46 29.54 31.10
C THR C 336 2.44 30.65 30.85
N VAL C 337 3.65 30.31 30.42
CA VAL C 337 4.67 31.32 30.15
C VAL C 337 4.65 31.74 28.68
N LYS C 338 4.60 33.04 28.44
CA LYS C 338 4.52 33.58 27.07
C LYS C 338 5.91 33.93 26.56
N LEU C 339 6.13 33.69 25.27
CA LEU C 339 7.42 33.98 24.63
C LEU C 339 7.23 34.81 23.37
N ARG D 5 17.12 36.67 -22.81
CA ARG D 5 16.97 35.45 -22.03
C ARG D 5 15.60 35.36 -21.37
N LYS D 6 14.99 36.51 -21.08
CA LYS D 6 13.63 36.52 -20.51
C LYS D 6 12.65 37.32 -21.36
N LEU D 7 11.64 36.62 -21.89
CA LEU D 7 10.58 37.29 -22.65
C LEU D 7 9.61 37.94 -21.69
N GLY D 8 9.08 39.09 -22.08
CA GLY D 8 8.20 39.86 -21.23
C GLY D 8 6.73 39.56 -21.42
N TYR D 9 6.03 39.33 -20.32
CA TYR D 9 4.60 39.04 -20.33
C TYR D 9 3.78 40.27 -19.98
N ALA D 10 2.68 40.46 -20.70
CA ALA D 10 1.64 41.36 -20.26
C ALA D 10 0.48 40.51 -19.75
N ILE D 11 0.05 40.76 -18.52
CA ILE D 11 -1.07 40.03 -17.97
C ILE D 11 -2.35 40.83 -18.20
N LEU D 12 -3.31 40.21 -18.89
CA LEU D 12 -4.55 40.90 -19.25
C LEU D 12 -5.74 40.26 -18.55
N GLY D 13 -6.43 41.05 -17.73
CA GLY D 13 -7.49 40.54 -16.89
C GLY D 13 -6.96 40.23 -15.50
N LEU D 14 -7.02 41.22 -14.61
CA LEU D 14 -6.40 41.08 -13.29
C LEU D 14 -7.41 40.56 -12.28
N GLY D 15 -7.89 39.36 -12.50
CA GLY D 15 -8.85 38.73 -11.61
C GLY D 15 -8.14 37.75 -10.68
N TYR D 16 -8.91 36.80 -10.13
CA TYR D 16 -8.36 35.91 -9.12
C TYR D 16 -7.20 35.07 -9.63
N TYR D 17 -7.37 34.44 -10.80
CA TYR D 17 -6.35 33.52 -11.27
C TYR D 17 -5.07 34.26 -11.64
N ALA D 18 -5.23 35.41 -12.29
CA ALA D 18 -4.07 36.18 -12.68
C ALA D 18 -3.31 36.69 -11.45
N THR D 19 -4.01 37.29 -10.50
CA THR D 19 -3.35 37.97 -9.39
C THR D 19 -2.91 37.01 -8.27
N ARG D 20 -3.77 36.07 -7.90
CA ARG D 20 -3.45 35.18 -6.78
C ARG D 20 -2.57 34.01 -7.18
N ILE D 21 -2.68 33.56 -8.43
CA ILE D 21 -2.02 32.31 -8.81
C ILE D 21 -0.87 32.50 -9.79
N ILE D 22 -1.12 33.16 -10.91
CA ILE D 22 -0.11 33.28 -11.97
C ILE D 22 1.00 34.28 -11.64
N MET D 23 0.63 35.51 -11.29
CA MET D 23 1.61 36.57 -11.12
C MET D 23 2.69 36.26 -10.08
N PRO D 24 2.33 35.68 -8.91
CA PRO D 24 3.41 35.30 -7.97
C PRO D 24 4.38 34.25 -8.51
N ARG D 25 4.05 33.59 -9.61
CA ARG D 25 4.87 32.47 -10.07
C ARG D 25 5.89 32.86 -11.12
N PHE D 26 5.93 34.12 -11.53
CA PHE D 26 7.07 34.57 -12.35
C PHE D 26 8.37 34.43 -11.55
N ALA D 27 8.25 34.48 -10.22
CA ALA D 27 9.39 34.31 -9.31
C ALA D 27 10.30 33.15 -9.70
N GLU D 28 9.71 32.03 -10.08
CA GLU D 28 10.51 30.84 -10.38
C GLU D 28 10.78 30.64 -11.87
N CYS D 29 10.36 31.60 -12.71
CA CYS D 29 10.61 31.44 -14.15
C CYS D 29 12.06 31.71 -14.49
N GLU D 30 12.53 31.08 -15.55
CA GLU D 30 13.90 31.26 -16.01
C GLU D 30 13.97 32.06 -17.30
N HIS D 31 12.84 32.14 -18.00
CA HIS D 31 12.83 32.77 -19.31
C HIS D 31 11.64 33.69 -19.49
N SER D 32 11.03 34.07 -18.38
CA SER D 32 9.82 34.87 -18.42
C SER D 32 9.84 35.90 -17.31
N ARG D 33 9.37 37.09 -17.62
CA ARG D 33 9.26 38.16 -16.64
C ARG D 33 7.94 38.89 -16.83
N LEU D 34 7.41 39.42 -15.75
CA LEU D 34 6.24 40.28 -15.79
C LEU D 34 6.64 41.65 -16.29
N ALA D 35 6.14 42.05 -17.46
CA ALA D 35 6.54 43.33 -18.05
C ALA D 35 5.42 44.37 -18.06
N ALA D 36 4.17 43.93 -18.17
CA ALA D 36 3.07 44.88 -18.30
C ALA D 36 1.76 44.37 -17.71
N LEU D 37 0.86 45.31 -17.45
CA LEU D 37 -0.47 45.00 -16.94
C LEU D 37 -1.55 45.63 -17.82
N VAL D 38 -2.63 44.87 -18.02
CA VAL D 38 -3.78 45.33 -18.78
C VAL D 38 -5.05 45.04 -17.99
N SER D 39 -5.83 46.08 -17.72
CA SER D 39 -6.97 45.93 -16.82
C SER D 39 -8.09 46.93 -17.10
N GLY D 40 -9.32 46.53 -16.83
CA GLY D 40 -10.45 47.44 -16.90
C GLY D 40 -10.72 48.13 -15.58
N THR D 41 -9.82 47.94 -14.62
CA THR D 41 -9.97 48.54 -13.30
C THR D 41 -8.73 49.35 -12.96
N PRO D 42 -8.84 50.68 -13.04
CA PRO D 42 -7.70 51.58 -12.80
C PRO D 42 -7.01 51.29 -11.46
N GLU D 43 -7.79 51.06 -10.42
CA GLU D 43 -7.23 50.80 -9.09
C GLU D 43 -6.34 49.57 -9.08
N LYS D 44 -6.72 48.54 -9.85
CA LYS D 44 -5.92 47.33 -9.95
C LYS D 44 -4.59 47.63 -10.62
N LEU D 45 -4.61 48.50 -11.62
CA LEU D 45 -3.36 48.90 -12.28
C LEU D 45 -2.41 49.60 -11.29
N LYS D 46 -2.99 50.40 -10.41
CA LYS D 46 -2.21 51.07 -9.36
C LYS D 46 -1.64 50.04 -8.39
N THR D 47 -2.53 49.31 -7.72
CA THR D 47 -2.16 48.28 -6.74
C THR D 47 -1.04 47.37 -7.23
N TYR D 48 -1.30 46.66 -8.33
CA TYR D 48 -0.39 45.61 -8.79
C TYR D 48 0.81 46.20 -9.52
N GLY D 49 0.61 47.34 -10.17
CA GLY D 49 1.71 48.04 -10.80
C GLY D 49 2.74 48.46 -9.76
N GLU D 50 2.26 49.02 -8.66
CA GLU D 50 3.14 49.43 -7.57
C GLU D 50 3.75 48.21 -6.89
N GLN D 51 2.92 47.22 -6.61
CA GLN D 51 3.40 45.99 -5.98
C GLN D 51 4.50 45.29 -6.79
N TYR D 52 4.33 45.20 -8.11
CA TYR D 52 5.28 44.46 -8.93
C TYR D 52 6.28 45.38 -9.62
N GLY D 53 6.20 46.67 -9.31
CA GLY D 53 7.11 47.65 -9.89
C GLY D 53 6.94 47.72 -11.40
N ILE D 54 5.69 47.81 -11.83
CA ILE D 54 5.39 47.99 -13.24
C ILE D 54 5.16 49.47 -13.51
N PRO D 55 6.05 50.08 -14.32
CA PRO D 55 5.95 51.50 -14.60
C PRO D 55 4.61 51.86 -15.24
N GLU D 56 4.19 53.10 -15.02
CA GLU D 56 2.91 53.60 -15.53
C GLU D 56 2.83 53.53 -17.06
N THR D 57 3.98 53.56 -17.71
CA THR D 57 4.03 53.44 -19.16
C THR D 57 3.75 52.01 -19.62
N HIS D 58 3.75 51.08 -18.67
CA HIS D 58 3.56 49.67 -18.98
C HIS D 58 2.25 49.18 -18.40
N ARG D 59 1.36 50.12 -18.08
CA ARG D 59 0.02 49.80 -17.60
C ARG D 59 -0.99 50.23 -18.65
N TYR D 60 -1.94 49.34 -18.95
CA TYR D 60 -2.91 49.62 -19.98
C TYR D 60 -4.35 49.39 -19.52
N SER D 61 -5.27 50.17 -20.06
CA SER D 61 -6.68 49.87 -19.91
C SER D 61 -7.08 49.01 -21.11
N TYR D 62 -8.28 48.45 -21.11
CA TYR D 62 -8.76 47.74 -22.30
C TYR D 62 -8.89 48.72 -23.47
N GLU D 63 -9.18 49.98 -23.14
CA GLU D 63 -9.33 51.01 -24.17
C GLU D 63 -7.98 51.42 -24.79
N THR D 64 -6.90 51.36 -24.04
CA THR D 64 -5.59 51.73 -24.59
C THR D 64 -4.72 50.53 -24.96
N PHE D 65 -5.25 49.32 -24.77
CA PHE D 65 -4.49 48.08 -24.97
C PHE D 65 -3.80 47.97 -26.33
N ASP D 66 -4.43 48.40 -27.40
CA ASP D 66 -3.83 48.27 -28.74
C ASP D 66 -2.51 49.03 -28.89
N ARG D 67 -2.31 50.03 -28.03
CA ARG D 67 -1.05 50.78 -28.03
C ARG D 67 0.16 49.92 -27.65
N ILE D 68 -0.11 48.76 -27.05
CA ILE D 68 0.96 47.88 -26.59
C ILE D 68 1.87 47.44 -27.74
N ILE D 69 1.41 47.64 -28.97
CA ILE D 69 2.20 47.32 -30.15
C ILE D 69 3.54 48.07 -30.16
N ASP D 70 3.57 49.22 -29.52
CA ASP D 70 4.78 50.04 -29.48
C ASP D 70 5.63 49.77 -28.25
N ASN D 71 5.23 48.80 -27.43
CA ASN D 71 6.01 48.45 -26.24
C ASN D 71 6.89 47.23 -26.49
N PRO D 72 8.20 47.46 -26.67
CA PRO D 72 9.14 46.38 -27.01
C PRO D 72 9.43 45.46 -25.82
N ASP D 73 9.03 45.86 -24.62
CA ASP D 73 9.21 45.04 -23.43
C ASP D 73 8.17 43.93 -23.35
N VAL D 74 7.11 44.05 -24.15
CA VAL D 74 6.07 43.04 -24.15
C VAL D 74 6.24 42.10 -25.34
N ASP D 75 6.41 40.83 -25.06
CA ASP D 75 6.51 39.82 -26.12
C ASP D 75 5.25 38.97 -26.17
N ILE D 76 4.62 38.83 -25.01
CA ILE D 76 3.51 37.89 -24.84
C ILE D 76 2.39 38.56 -24.09
N VAL D 77 1.16 38.37 -24.57
CA VAL D 77 -0.01 38.75 -23.80
C VAL D 77 -0.71 37.49 -23.29
N TYR D 78 -1.01 37.49 -22.00
CA TYR D 78 -1.65 36.36 -21.34
C TYR D 78 -3.06 36.79 -21.02
N VAL D 79 -4.03 36.24 -21.75
CA VAL D 79 -5.43 36.63 -21.61
C VAL D 79 -6.10 35.78 -20.53
N ILE D 80 -6.55 36.43 -19.46
CA ILE D 80 -7.12 35.74 -18.32
C ILE D 80 -8.44 36.37 -17.92
N THR D 81 -9.34 36.43 -18.90
CA THR D 81 -10.64 37.08 -18.76
C THR D 81 -11.74 36.02 -18.75
N PRO D 82 -13.01 36.43 -18.49
CA PRO D 82 -14.13 35.53 -18.78
C PRO D 82 -14.04 34.95 -20.19
N ASN D 83 -14.58 33.75 -20.37
CA ASN D 83 -14.34 32.99 -21.59
C ASN D 83 -14.76 33.71 -22.87
N SER D 84 -15.84 34.46 -22.81
CA SER D 84 -16.39 35.08 -24.01
C SER D 84 -15.51 36.22 -24.50
N LEU D 85 -14.51 36.59 -23.70
CA LEU D 85 -13.61 37.69 -24.07
C LEU D 85 -12.26 37.17 -24.54
N HIS D 86 -12.04 35.86 -24.49
CA HIS D 86 -10.75 35.32 -24.93
C HIS D 86 -10.48 35.66 -26.39
N ARG D 87 -11.48 35.47 -27.25
CA ARG D 87 -11.25 35.66 -28.67
C ARG D 87 -10.91 37.12 -29.02
N PRO D 88 -11.76 38.10 -28.62
CA PRO D 88 -11.40 39.47 -29.02
C PRO D 88 -10.04 39.94 -28.49
N PHE D 89 -9.69 39.61 -27.25
CA PHE D 89 -8.40 40.07 -26.75
C PHE D 89 -7.23 39.35 -27.41
N THR D 90 -7.42 38.07 -27.75
CA THR D 90 -6.37 37.32 -28.42
C THR D 90 -6.13 37.90 -29.81
N GLU D 91 -7.21 38.21 -30.52
CA GLU D 91 -7.09 38.79 -31.85
C GLU D 91 -6.42 40.17 -31.77
N ARG D 92 -6.81 40.99 -30.81
CA ARG D 92 -6.16 42.29 -30.66
C ARG D 92 -4.68 42.13 -30.32
N ALA D 93 -4.36 41.17 -29.46
CA ALA D 93 -2.97 40.93 -29.09
C ALA D 93 -2.14 40.53 -30.30
N ALA D 94 -2.71 39.66 -31.14
CA ALA D 94 -2.00 39.22 -32.35
C ALA D 94 -1.77 40.40 -33.30
N ARG D 95 -2.79 41.24 -33.47
CA ARG D 95 -2.65 42.39 -34.36
C ARG D 95 -1.69 43.42 -33.78
N ALA D 96 -1.46 43.38 -32.47
CA ALA D 96 -0.47 44.22 -31.83
C ALA D 96 0.92 43.58 -31.89
N GLY D 97 1.03 42.48 -32.63
CA GLY D 97 2.31 41.83 -32.83
C GLY D 97 2.83 41.02 -31.65
N LYS D 98 1.93 40.56 -30.78
CA LYS D 98 2.34 39.80 -29.61
C LYS D 98 2.01 38.32 -29.72
N HIS D 99 2.87 37.48 -29.15
CA HIS D 99 2.50 36.08 -28.96
C HIS D 99 1.43 36.01 -27.86
N VAL D 100 0.64 34.94 -27.86
CA VAL D 100 -0.49 34.89 -26.95
C VAL D 100 -0.55 33.61 -26.10
N MET D 101 -0.64 33.80 -24.79
CA MET D 101 -1.03 32.74 -23.88
C MET D 101 -2.51 32.95 -23.57
N CYS D 102 -3.35 31.97 -23.86
CA CYS D 102 -4.79 32.15 -23.60
C CYS D 102 -5.30 31.10 -22.62
N GLU D 103 -6.04 31.53 -21.61
CA GLU D 103 -6.57 30.59 -20.62
C GLU D 103 -7.62 29.67 -21.22
N LYS D 104 -7.76 28.48 -20.64
CA LYS D 104 -8.84 27.59 -21.02
C LYS D 104 -10.15 28.10 -20.42
N PRO D 105 -11.31 27.71 -20.98
CA PRO D 105 -11.46 27.11 -22.30
C PRO D 105 -11.05 28.16 -23.33
N MET D 106 -10.50 27.71 -24.45
CA MET D 106 -9.92 28.61 -25.43
C MET D 106 -10.92 29.69 -25.82
N ALA D 107 -12.13 29.27 -26.18
CA ALA D 107 -13.20 30.19 -26.56
C ALA D 107 -14.53 29.46 -26.50
N ASN D 108 -15.62 30.12 -26.90
CA ASN D 108 -16.96 29.56 -26.72
C ASN D 108 -17.29 28.50 -27.76
N THR D 109 -16.71 28.61 -28.95
CA THR D 109 -17.05 27.69 -30.04
C THR D 109 -15.83 27.29 -30.85
N VAL D 110 -15.98 26.22 -31.61
CA VAL D 110 -15.00 25.81 -32.60
C VAL D 110 -14.65 26.96 -33.54
N ALA D 111 -15.68 27.61 -34.10
CA ALA D 111 -15.45 28.73 -35.02
C ALA D 111 -14.61 29.83 -34.37
N ASP D 112 -14.90 30.17 -33.11
CA ASP D 112 -14.10 31.16 -32.40
C ASP D 112 -12.64 30.74 -32.30
N CYS D 113 -12.41 29.46 -32.00
CA CYS D 113 -11.05 28.96 -31.89
C CYS D 113 -10.32 29.09 -33.22
N GLU D 114 -11.01 28.76 -34.31
CA GLU D 114 -10.44 28.82 -35.65
CA GLU D 114 -10.40 28.82 -35.63
C GLU D 114 -10.01 30.25 -35.99
N ALA D 115 -10.84 31.22 -35.63
CA ALA D 115 -10.54 32.61 -35.91
C ALA D 115 -9.29 33.05 -35.16
N MET D 116 -9.17 32.62 -33.90
CA MET D 116 -8.02 32.97 -33.07
C MET D 116 -6.74 32.41 -33.67
N ILE D 117 -6.80 31.14 -34.06
CA ILE D 117 -5.65 30.48 -34.69
C ILE D 117 -5.24 31.21 -35.98
N ALA D 118 -6.23 31.59 -36.78
CA ALA D 118 -6.02 32.32 -38.02
C ALA D 118 -5.35 33.67 -37.75
N ALA D 119 -5.83 34.37 -36.71
CA ALA D 119 -5.31 35.69 -36.38
C ALA D 119 -3.84 35.61 -35.99
N CYS D 120 -3.50 34.64 -35.15
CA CYS D 120 -2.11 34.51 -34.70
C CYS D 120 -1.22 34.05 -35.83
N LYS D 121 -1.73 33.15 -36.66
CA LYS D 121 -0.98 32.68 -37.82
C LYS D 121 -0.64 33.85 -38.76
N LYS D 122 -1.66 34.63 -39.11
CA LYS D 122 -1.48 35.80 -39.96
C LYS D 122 -0.44 36.77 -39.38
N ALA D 123 -0.47 36.98 -38.06
CA ALA D 123 0.50 37.86 -37.42
C ALA D 123 1.88 37.23 -37.30
N GLY D 124 2.01 35.96 -37.66
CA GLY D 124 3.26 35.26 -37.47
C GLY D 124 3.65 35.23 -36.00
N ARG D 125 2.68 34.96 -35.13
CA ARG D 125 2.95 34.85 -33.70
C ARG D 125 2.42 33.54 -33.14
N LYS D 126 2.99 33.07 -32.03
CA LYS D 126 2.60 31.80 -31.46
C LYS D 126 1.40 31.93 -30.51
N LEU D 127 0.67 30.84 -30.38
CA LEU D 127 -0.51 30.78 -29.53
C LEU D 127 -0.45 29.54 -28.67
N MET D 128 -0.68 29.71 -27.37
CA MET D 128 -0.68 28.59 -26.44
C MET D 128 -1.87 28.68 -25.49
N ILE D 129 -2.50 27.55 -25.22
CA ILE D 129 -3.62 27.50 -24.27
C ILE D 129 -3.12 27.06 -22.90
N GLY D 130 -3.67 27.65 -21.84
CA GLY D 130 -3.19 27.41 -20.49
C GLY D 130 -3.55 26.08 -19.85
N TYR D 131 -3.12 24.97 -20.46
CA TYR D 131 -3.31 23.67 -19.87
C TYR D 131 -2.10 23.31 -18.99
N ARG D 132 -2.02 23.95 -17.83
CA ARG D 132 -0.90 23.83 -16.90
C ARG D 132 -0.64 22.39 -16.46
N SER D 133 -1.68 21.56 -16.49
CA SER D 133 -1.53 20.18 -16.03
C SER D 133 -0.49 19.43 -16.86
N ARG D 134 -0.27 19.84 -18.11
CA ARG D 134 0.71 19.16 -18.95
C ARG D 134 2.16 19.41 -18.49
N PHE D 135 2.32 20.32 -17.52
CA PHE D 135 3.62 20.65 -16.95
C PHE D 135 3.68 20.28 -15.47
N GLN D 136 2.70 19.51 -15.01
CA GLN D 136 2.60 19.14 -13.60
C GLN D 136 3.16 17.73 -13.43
N ALA D 137 3.99 17.52 -12.40
CA ALA D 137 4.81 16.33 -12.30
C ALA D 137 4.05 15.00 -12.35
N HIS D 138 2.98 14.91 -11.58
CA HIS D 138 2.20 13.67 -11.52
C HIS D 138 1.52 13.38 -12.85
N ASN D 139 0.98 14.41 -13.47
CA ASN D 139 0.36 14.25 -14.79
C ASN D 139 1.38 13.78 -15.84
N ILE D 140 2.56 14.39 -15.85
CA ILE D 140 3.62 13.99 -16.76
C ILE D 140 3.99 12.51 -16.55
N GLU D 141 4.04 12.11 -15.29
CA GLU D 141 4.36 10.72 -14.93
C GLU D 141 3.29 9.76 -15.46
N ALA D 142 2.02 10.15 -15.33
CA ALA D 142 0.91 9.30 -15.78
C ALA D 142 0.99 9.12 -17.29
N ILE D 143 1.22 10.22 -18.01
CA ILE D 143 1.35 10.18 -19.46
C ILE D 143 2.51 9.27 -19.87
N LYS D 144 3.65 9.43 -19.23
CA LYS D 144 4.85 8.64 -19.54
C LYS D 144 4.61 7.15 -19.32
N LEU D 145 3.95 6.81 -18.21
CA LEU D 145 3.59 5.43 -17.92
C LEU D 145 2.73 4.84 -19.04
N VAL D 146 1.73 5.60 -19.49
CA VAL D 146 0.92 5.15 -20.61
C VAL D 146 1.78 4.99 -21.87
N ARG D 147 2.55 6.01 -22.21
CA ARG D 147 3.33 6.00 -23.46
C ARG D 147 4.40 4.90 -23.44
N ASP D 148 4.92 4.59 -22.26
CA ASP D 148 5.91 3.52 -22.14
C ASP D 148 5.28 2.13 -22.17
N GLY D 149 3.96 2.05 -22.24
CA GLY D 149 3.29 0.76 -22.33
C GLY D 149 3.11 0.02 -21.01
N ALA D 150 3.35 0.71 -19.91
CA ALA D 150 3.24 0.12 -18.57
C ALA D 150 1.84 -0.43 -18.28
N LEU D 151 0.82 0.11 -18.96
CA LEU D 151 -0.55 -0.30 -18.69
C LEU D 151 -1.06 -1.23 -19.77
N GLY D 152 -0.27 -1.38 -20.84
CA GLY D 152 -0.76 -2.00 -22.04
C GLY D 152 -1.62 -0.96 -22.74
N PRO D 153 -2.44 -1.39 -23.70
CA PRO D 153 -3.35 -0.48 -24.39
C PRO D 153 -4.35 0.16 -23.43
N VAL D 154 -4.51 1.48 -23.51
CA VAL D 154 -5.49 2.13 -22.66
C VAL D 154 -6.89 1.59 -22.96
N ARG D 155 -7.58 1.17 -21.91
CA ARG D 155 -8.92 0.63 -22.08
C ARG D 155 -9.96 1.57 -21.50
N THR D 156 -9.71 2.10 -20.30
CA THR D 156 -10.62 3.05 -19.69
C THR D 156 -9.91 4.26 -19.09
N VAL D 157 -10.56 5.41 -19.19
CA VAL D 157 -10.18 6.58 -18.40
C VAL D 157 -11.42 6.99 -17.64
N VAL D 158 -11.34 7.01 -16.32
CA VAL D 158 -12.46 7.48 -15.51
C VAL D 158 -12.01 8.73 -14.79
N THR D 159 -12.65 9.86 -15.10
CA THR D 159 -12.16 11.14 -14.59
C THR D 159 -13.31 12.07 -14.21
N ASP D 160 -13.23 12.64 -13.00
CA ASP D 160 -14.28 13.47 -12.46
C ASP D 160 -13.72 14.84 -12.06
N HIS D 161 -14.34 15.91 -12.51
CA HIS D 161 -13.93 17.26 -12.12
C HIS D 161 -15.16 18.08 -11.80
N GLY D 162 -15.16 18.70 -10.64
CA GLY D 162 -16.28 19.53 -10.23
C GLY D 162 -15.96 20.25 -8.96
N PHE D 163 -16.70 21.33 -8.70
CA PHE D 163 -16.68 21.97 -7.40
C PHE D 163 -18.06 22.56 -7.15
N THR D 164 -18.35 22.80 -5.88
CA THR D 164 -19.66 23.32 -5.47
C THR D 164 -19.64 24.84 -5.64
N ILE D 165 -20.08 25.31 -6.80
CA ILE D 165 -19.97 26.75 -7.11
C ILE D 165 -20.89 27.57 -6.18
N GLY D 166 -20.47 28.77 -5.84
CA GLY D 166 -21.17 29.55 -4.84
C GLY D 166 -22.05 30.67 -5.37
N ASP D 167 -21.50 31.87 -5.43
CA ASP D 167 -22.24 33.08 -5.78
C ASP D 167 -22.95 32.99 -7.13
N PRO D 168 -24.29 32.99 -7.12
CA PRO D 168 -25.09 32.91 -8.35
C PRO D 168 -24.85 34.06 -9.33
N LYS D 169 -24.27 35.17 -8.87
CA LYS D 169 -24.14 36.35 -9.73
C LYS D 169 -22.83 36.40 -10.53
N GLN D 170 -21.91 35.50 -10.24
CA GLN D 170 -20.60 35.53 -10.88
C GLN D 170 -20.70 35.21 -12.38
N TRP D 171 -19.65 35.54 -13.13
CA TRP D 171 -19.74 35.45 -14.59
C TRP D 171 -19.79 34.01 -15.08
N ARG D 172 -19.23 33.07 -14.31
CA ARG D 172 -19.26 31.66 -14.70
C ARG D 172 -20.68 31.11 -14.85
N LEU D 173 -21.65 31.77 -14.22
CA LEU D 173 -23.05 31.32 -14.25
C LEU D 173 -23.89 32.17 -15.20
N ASN D 174 -23.20 32.98 -15.99
CA ASN D 174 -23.82 33.87 -16.96
C ASN D 174 -23.45 33.39 -18.37
N ARG D 175 -24.43 32.96 -19.16
CA ARG D 175 -24.11 32.31 -20.44
C ARG D 175 -23.32 33.24 -21.37
N ALA D 176 -23.68 34.53 -21.38
CA ALA D 176 -23.06 35.49 -22.28
C ALA D 176 -21.56 35.66 -22.03
N LEU D 177 -21.14 35.46 -20.78
CA LEU D 177 -19.73 35.64 -20.44
C LEU D 177 -18.97 34.32 -20.29
N ALA D 178 -19.67 33.23 -19.95
CA ALA D 178 -18.99 31.96 -19.70
C ALA D 178 -19.05 31.01 -20.91
N GLY D 179 -20.08 31.17 -21.73
CA GLY D 179 -20.25 30.30 -22.88
C GLY D 179 -20.95 28.99 -22.54
N GLY D 180 -21.22 28.77 -21.25
CA GLY D 180 -21.81 27.52 -20.82
C GLY D 180 -21.42 27.26 -19.38
N GLY D 181 -21.80 26.10 -18.85
CA GLY D 181 -21.66 25.85 -17.43
C GLY D 181 -20.42 25.05 -17.04
N SER D 182 -20.61 24.05 -16.20
CA SER D 182 -19.50 23.32 -15.62
C SER D 182 -18.55 22.76 -16.68
N LEU D 183 -19.08 22.33 -17.82
CA LEU D 183 -18.23 21.75 -18.86
C LEU D 183 -17.18 22.75 -19.37
N MET D 184 -17.59 23.98 -19.61
CA MET D 184 -16.68 25.04 -20.05
C MET D 184 -15.57 25.31 -19.04
N ASP D 185 -15.93 25.33 -17.76
CA ASP D 185 -15.01 25.74 -16.71
C ASP D 185 -14.15 24.62 -16.10
N ILE D 186 -14.78 23.53 -15.70
CA ILE D 186 -14.09 22.53 -14.88
C ILE D 186 -14.14 21.14 -15.54
N GLY D 187 -15.24 20.84 -16.21
CA GLY D 187 -15.35 19.56 -16.91
C GLY D 187 -14.33 19.42 -18.03
N ILE D 188 -13.85 20.55 -18.53
CA ILE D 188 -12.87 20.53 -19.59
C ILE D 188 -11.58 19.84 -19.13
N TYR D 189 -11.30 19.86 -17.82
CA TYR D 189 -10.15 19.11 -17.31
C TYR D 189 -10.32 17.61 -17.50
N SER D 190 -11.55 17.12 -17.33
CA SER D 190 -11.86 15.71 -17.55
C SER D 190 -11.65 15.34 -19.01
N LEU D 191 -12.19 16.17 -19.90
CA LEU D 191 -11.99 16.01 -21.34
C LEU D 191 -10.53 16.08 -21.76
N ASN D 192 -9.84 17.15 -21.36
CA ASN D 192 -8.44 17.33 -21.74
C ASN D 192 -7.58 16.15 -21.27
N ALA D 193 -7.83 15.67 -20.05
CA ALA D 193 -7.09 14.53 -19.50
C ALA D 193 -7.31 13.26 -20.32
N ALA D 194 -8.57 12.99 -20.66
CA ALA D 194 -8.90 11.84 -21.51
C ALA D 194 -8.13 11.87 -22.83
N ARG D 195 -8.05 13.07 -23.40
CA ARG D 195 -7.29 13.26 -24.63
C ARG D 195 -5.78 13.08 -24.41
N TYR D 196 -5.20 13.69 -23.37
CA TYR D 196 -3.75 13.54 -23.28
C TYR D 196 -3.34 12.18 -22.69
N LEU D 197 -4.21 11.50 -21.97
CA LEU D 197 -3.83 10.19 -21.44
C LEU D 197 -3.93 9.14 -22.55
N THR D 198 -4.96 9.21 -23.39
CA THR D 198 -5.03 8.27 -24.51
C THR D 198 -4.07 8.66 -25.63
N GLY D 199 -3.79 9.96 -25.75
CA GLY D 199 -3.02 10.45 -26.89
C GLY D 199 -3.88 10.44 -28.15
N GLU D 200 -5.20 10.34 -27.98
CA GLU D 200 -6.12 10.18 -29.10
C GLU D 200 -7.23 11.26 -29.12
N GLU D 201 -8.00 11.28 -30.21
CA GLU D 201 -9.17 12.15 -30.35
C GLU D 201 -10.42 11.27 -30.46
N PRO D 202 -11.50 11.67 -29.77
CA PRO D 202 -12.70 10.84 -29.70
C PRO D 202 -13.45 10.74 -31.04
N VAL D 203 -14.10 9.61 -31.29
CA VAL D 203 -14.89 9.45 -32.51
C VAL D 203 -16.38 9.30 -32.22
N ALA D 204 -16.73 9.11 -30.96
CA ALA D 204 -18.12 9.05 -30.53
C ALA D 204 -18.26 9.58 -29.11
N VAL D 205 -19.42 10.19 -28.85
CA VAL D 205 -19.68 10.92 -27.64
C VAL D 205 -21.11 10.68 -27.18
N ASN D 206 -21.26 10.26 -25.92
CA ASN D 206 -22.57 10.29 -25.21
C ASN D 206 -22.54 11.34 -24.12
N ALA D 207 -23.71 11.83 -23.73
CA ALA D 207 -23.78 12.73 -22.59
C ALA D 207 -25.18 12.77 -21.97
N VAL D 208 -25.21 13.07 -20.67
CA VAL D 208 -26.45 13.30 -19.95
C VAL D 208 -26.27 14.55 -19.08
N GLU D 209 -27.22 15.48 -19.20
CA GLU D 209 -27.20 16.66 -18.37
C GLU D 209 -28.16 16.49 -17.20
N SER D 210 -27.77 17.01 -16.05
CA SER D 210 -28.68 17.06 -14.91
C SER D 210 -28.55 18.38 -14.17
N THR D 211 -29.57 19.22 -14.31
CA THR D 211 -29.54 20.57 -13.75
C THR D 211 -30.88 20.94 -13.15
N ASP D 212 -30.85 21.41 -11.91
CA ASP D 212 -32.05 21.92 -11.25
C ASP D 212 -32.17 23.41 -11.59
N ARG D 213 -33.05 23.70 -12.54
CA ARG D 213 -33.24 25.06 -13.05
C ARG D 213 -33.89 26.00 -12.02
N SER D 214 -34.36 25.43 -10.91
CA SER D 214 -34.94 26.22 -9.84
C SER D 214 -33.86 26.70 -8.88
N ASP D 215 -32.68 26.08 -8.95
CA ASP D 215 -31.54 26.56 -8.19
C ASP D 215 -31.12 27.93 -8.73
N PRO D 216 -30.94 28.92 -7.83
CA PRO D 216 -30.56 30.28 -8.24
C PRO D 216 -29.27 30.33 -9.07
N ARG D 217 -28.42 29.32 -8.95
CA ARG D 217 -27.16 29.29 -9.66
C ARG D 217 -27.33 28.91 -11.14
N PHE D 218 -28.37 28.16 -11.46
CA PHE D 218 -28.43 27.52 -12.76
C PHE D 218 -29.62 27.90 -13.63
N GLY D 219 -29.93 29.19 -13.65
CA GLY D 219 -30.97 29.67 -14.54
C GLY D 219 -30.52 29.74 -15.99
N GLU D 220 -29.21 29.81 -16.22
CA GLU D 220 -28.70 30.00 -17.58
C GLU D 220 -27.79 28.87 -18.06
N VAL D 221 -26.97 28.31 -17.17
CA VAL D 221 -26.02 27.27 -17.59
C VAL D 221 -26.14 25.97 -16.79
N GLU D 222 -25.49 24.92 -17.28
CA GLU D 222 -25.70 23.58 -16.76
C GLU D 222 -24.89 23.34 -15.48
N ASP D 223 -25.44 22.49 -14.62
CA ASP D 223 -24.76 22.03 -13.42
C ASP D 223 -23.93 20.77 -13.74
N ILE D 224 -24.60 19.65 -13.90
CA ILE D 224 -23.91 18.41 -14.22
C ILE D 224 -24.11 18.06 -15.69
N ILE D 225 -23.00 17.76 -16.37
CA ILE D 225 -23.12 17.13 -17.68
C ILE D 225 -22.01 16.09 -17.77
N ASN D 226 -22.41 14.82 -17.68
CA ASN D 226 -21.46 13.72 -17.66
C ASN D 226 -21.36 13.17 -19.06
N PHE D 227 -20.19 12.69 -19.48
CA PHE D 227 -20.07 12.25 -20.85
C PHE D 227 -19.17 11.04 -21.01
N GLN D 228 -19.40 10.31 -22.10
CA GLN D 228 -18.62 9.14 -22.46
C GLN D 228 -17.92 9.43 -23.77
N LEU D 229 -16.69 8.98 -23.88
CA LEU D 229 -15.90 9.13 -25.09
C LEU D 229 -15.46 7.76 -25.59
N LEU D 230 -15.52 7.57 -26.91
CA LEU D 230 -14.92 6.37 -27.52
C LEU D 230 -13.83 6.85 -28.46
N PHE D 231 -12.67 6.19 -28.42
CA PHE D 231 -11.52 6.58 -29.26
C PHE D 231 -11.25 5.50 -30.31
N PRO D 232 -10.51 5.86 -31.40
CA PRO D 232 -10.22 4.91 -32.48
C PRO D 232 -9.57 3.60 -32.02
N SER D 233 -8.67 3.63 -31.04
CA SER D 233 -8.04 2.39 -30.57
C SER D 233 -9.01 1.47 -29.83
N GLY D 234 -10.19 1.98 -29.49
CA GLY D 234 -11.09 1.23 -28.63
C GLY D 234 -11.06 1.70 -27.18
N ALA D 235 -10.13 2.61 -26.86
CA ALA D 235 -10.11 3.24 -25.54
C ALA D 235 -11.44 3.94 -25.27
N THR D 236 -11.86 3.96 -24.01
CA THR D 236 -13.09 4.61 -23.59
C THR D 236 -12.83 5.56 -22.43
N ALA D 237 -13.69 6.55 -22.26
CA ALA D 237 -13.65 7.40 -21.07
C ALA D 237 -15.04 7.67 -20.55
N ASN D 238 -15.19 7.61 -19.22
CA ASN D 238 -16.38 8.05 -18.50
C ASN D 238 -15.99 9.32 -17.79
N CYS D 239 -16.68 10.43 -18.05
CA CYS D 239 -16.26 11.70 -17.48
C CYS D 239 -17.38 12.39 -16.72
N VAL D 240 -17.03 12.96 -15.57
CA VAL D 240 -17.95 13.80 -14.82
C VAL D 240 -17.53 15.26 -14.90
N SER D 241 -18.52 16.12 -15.11
CA SER D 241 -18.36 17.57 -15.02
C SER D 241 -19.49 18.11 -14.15
N ALA D 242 -19.18 18.90 -13.12
CA ALA D 242 -20.20 19.26 -12.16
C ALA D 242 -19.95 20.60 -11.45
N TYR D 243 -21.05 21.27 -11.12
CA TYR D 243 -21.01 22.51 -10.35
C TYR D 243 -21.68 22.30 -8.98
N SER D 244 -22.01 21.07 -8.62
CA SER D 244 -22.66 20.81 -7.33
C SER D 244 -22.03 19.68 -6.50
N VAL D 245 -20.87 19.18 -6.92
CA VAL D 245 -20.07 18.26 -6.09
C VAL D 245 -18.60 18.61 -6.24
N ASN D 246 -17.78 18.20 -5.27
CA ASN D 246 -16.35 18.41 -5.35
C ASN D 246 -15.62 17.14 -5.74
N CYS D 247 -14.99 17.17 -6.90
CA CYS D 247 -14.15 16.07 -7.35
C CYS D 247 -13.03 16.61 -8.22
N ASN D 248 -11.89 15.93 -8.19
CA ASN D 248 -10.77 16.28 -9.05
C ASN D 248 -9.87 15.07 -9.18
N ARG D 249 -10.10 14.24 -10.19
CA ARG D 249 -9.34 13.00 -10.26
C ARG D 249 -9.41 12.30 -11.60
N TYR D 250 -8.47 11.38 -11.80
CA TYR D 250 -8.62 10.44 -12.89
C TYR D 250 -7.87 9.15 -12.61
N ARG D 251 -8.39 8.06 -13.16
CA ARG D 251 -7.68 6.80 -13.25
C ARG D 251 -7.65 6.35 -14.70
N VAL D 252 -6.46 6.04 -15.21
CA VAL D 252 -6.35 5.45 -16.54
C VAL D 252 -5.93 3.99 -16.37
N SER D 253 -6.62 3.08 -17.06
CA SER D 253 -6.40 1.64 -16.89
C SER D 253 -6.24 0.92 -18.22
N GLY D 254 -5.40 -0.11 -18.19
CA GLY D 254 -5.28 -1.04 -19.28
C GLY D 254 -5.12 -2.44 -18.72
N PRO D 255 -4.88 -3.42 -19.60
CA PRO D 255 -4.87 -4.81 -19.11
C PRO D 255 -3.69 -5.10 -18.19
N LYS D 256 -2.62 -4.32 -18.25
CA LYS D 256 -1.44 -4.57 -17.42
C LYS D 256 -1.48 -3.84 -16.08
N GLY D 257 -2.40 -2.90 -15.92
CA GLY D 257 -2.49 -2.20 -14.66
C GLY D 257 -3.13 -0.83 -14.81
N TRP D 258 -3.05 -0.02 -13.76
CA TRP D 258 -3.62 1.32 -13.83
C TRP D 258 -2.86 2.31 -12.97
N VAL D 259 -3.09 3.59 -13.24
CA VAL D 259 -2.51 4.63 -12.41
C VAL D 259 -3.59 5.71 -12.24
N GLU D 260 -3.66 6.27 -11.04
CA GLU D 260 -4.62 7.33 -10.78
C GLU D 260 -3.97 8.48 -10.02
N ILE D 261 -4.59 9.65 -10.09
CA ILE D 261 -4.17 10.82 -9.34
C ILE D 261 -5.42 11.48 -8.74
N ASP D 262 -5.36 11.77 -7.44
CA ASP D 262 -6.49 12.34 -6.73
C ASP D 262 -5.95 13.09 -5.51
N PRO D 263 -5.96 14.43 -5.53
CA PRO D 263 -6.45 15.29 -6.62
C PRO D 263 -5.51 15.26 -7.86
N ALA D 264 -6.08 15.45 -9.04
CA ALA D 264 -5.31 15.27 -10.28
C ALA D 264 -4.78 16.57 -10.87
N THR D 265 -5.64 17.58 -10.99
CA THR D 265 -5.28 18.78 -11.74
C THR D 265 -5.43 20.04 -10.88
N SER D 266 -5.30 19.86 -9.58
CA SER D 266 -5.37 20.97 -8.63
C SER D 266 -4.14 21.88 -8.68
N TYR D 267 -4.19 23.00 -7.97
CA TYR D 267 -3.04 23.91 -7.90
C TYR D 267 -1.90 23.22 -7.18
N GLN D 268 -2.23 22.43 -6.16
CA GLN D 268 -1.25 21.69 -5.39
C GLN D 268 -1.90 20.46 -4.78
N GLY D 269 -1.08 19.58 -4.19
CA GLY D 269 -1.62 18.48 -3.42
C GLY D 269 -1.81 17.17 -4.15
N GLN D 270 -1.39 17.10 -5.42
CA GLN D 270 -1.48 15.89 -6.23
C GLN D 270 -0.93 14.69 -5.47
N ALA D 271 -1.64 13.57 -5.57
CA ALA D 271 -1.20 12.32 -4.98
C ALA D 271 -1.53 11.19 -5.94
N MET D 272 -0.52 10.40 -6.26
CA MET D 272 -0.68 9.35 -7.25
C MET D 272 -0.64 7.98 -6.58
N ARG D 273 -1.47 7.07 -7.09
CA ARG D 273 -1.49 5.67 -6.66
C ARG D 273 -1.51 4.79 -7.92
N ALA D 274 -0.79 3.67 -7.90
CA ALA D 274 -0.78 2.82 -9.10
C ALA D 274 -0.84 1.34 -8.76
N GLN D 275 -1.40 0.57 -9.68
CA GLN D 275 -1.43 -0.87 -9.59
C GLN D 275 -0.74 -1.38 -10.84
N LEU D 276 0.52 -1.76 -10.71
CA LEU D 276 1.28 -2.17 -11.88
C LEU D 276 1.81 -3.60 -11.69
N GLY D 277 2.96 -3.72 -11.03
CA GLY D 277 3.57 -5.03 -10.83
C GLY D 277 3.04 -5.76 -9.61
N GLY D 278 2.31 -5.05 -8.78
CA GLY D 278 1.73 -5.65 -7.60
C GLY D 278 0.42 -4.99 -7.28
N PRO D 279 -0.01 -5.10 -6.01
CA PRO D 279 -1.21 -4.44 -5.51
C PRO D 279 -1.10 -2.92 -5.61
N PRO D 280 -2.22 -2.21 -5.48
CA PRO D 280 -2.17 -0.74 -5.53
C PRO D 280 -1.22 -0.17 -4.47
N ALA D 281 -0.39 0.79 -4.85
CA ALA D 281 0.50 1.45 -3.90
C ALA D 281 0.68 2.90 -4.29
N PRO D 282 1.00 3.76 -3.32
CA PRO D 282 1.38 5.14 -3.65
C PRO D 282 2.58 5.12 -4.59
N ARG D 283 2.69 6.14 -5.43
CA ARG D 283 3.83 6.27 -6.33
C ARG D 283 4.23 7.73 -6.45
N GLU D 284 5.47 8.04 -6.08
CA GLU D 284 6.00 9.38 -6.27
C GLU D 284 6.47 9.50 -7.70
N PRO D 285 6.10 10.61 -8.37
CA PRO D 285 6.50 10.86 -9.75
C PRO D 285 7.94 11.35 -9.84
N ALA D 286 8.57 11.20 -11.00
CA ALA D 286 9.86 11.83 -11.24
C ALA D 286 9.74 13.34 -11.02
N PRO D 287 10.76 13.95 -10.40
CA PRO D 287 10.74 15.38 -10.07
C PRO D 287 10.83 16.30 -11.29
N GLN D 288 10.19 17.46 -11.19
CA GLN D 288 10.30 18.48 -12.23
C GLN D 288 11.05 19.70 -11.69
N PRO D 289 11.78 20.40 -12.56
CA PRO D 289 12.60 21.58 -12.20
C PRO D 289 11.81 22.70 -11.54
N LYS D 290 10.59 22.97 -12.02
CA LYS D 290 9.77 24.01 -11.40
C LYS D 290 8.29 23.65 -11.41
N ASN D 291 7.54 24.37 -10.60
CA ASN D 291 6.10 24.20 -10.45
C ASN D 291 5.37 24.34 -11.79
N GLN D 292 4.15 23.82 -11.86
CA GLN D 292 3.41 23.75 -13.12
C GLN D 292 3.16 25.13 -13.74
N PHE D 293 3.02 26.15 -12.91
CA PHE D 293 2.70 27.49 -13.39
C PHE D 293 3.89 28.17 -14.04
N SER D 294 5.02 28.19 -13.34
CA SER D 294 6.25 28.75 -13.89
C SER D 294 6.67 27.99 -15.13
N ALA D 295 6.47 26.68 -15.13
CA ALA D 295 6.83 25.83 -16.26
C ALA D 295 5.97 26.14 -17.51
N GLN D 296 4.68 26.31 -17.30
CA GLN D 296 3.78 26.72 -18.38
C GLN D 296 4.23 28.06 -18.98
N LEU D 297 4.46 29.04 -18.11
CA LEU D 297 4.94 30.35 -18.55
C LEU D 297 6.23 30.25 -19.35
N ASP D 298 7.22 29.55 -18.80
CA ASP D 298 8.51 29.42 -19.49
C ASP D 298 8.40 28.62 -20.78
N HIS D 299 7.42 27.71 -20.88
CA HIS D 299 7.31 26.89 -22.08
C HIS D 299 7.03 27.75 -23.33
N LEU D 300 6.13 28.71 -23.20
CA LEU D 300 5.83 29.57 -24.34
C LEU D 300 7.08 30.40 -24.71
N SER D 301 7.69 31.01 -23.70
CA SER D 301 8.92 31.78 -23.90
C SER D 301 9.98 30.96 -24.64
N GLU D 302 10.25 29.75 -24.14
CA GLU D 302 11.27 28.89 -24.75
C GLU D 302 10.91 28.48 -26.18
N CYS D 303 9.64 28.22 -26.42
CA CYS D 303 9.18 27.92 -27.78
C CYS D 303 9.50 29.08 -28.70
N ILE D 304 9.26 30.29 -28.23
CA ILE D 304 9.55 31.48 -29.04
C ILE D 304 11.05 31.63 -29.23
N LEU D 305 11.82 31.50 -28.16
CA LEU D 305 13.28 31.62 -28.24
C LEU D 305 13.90 30.59 -29.17
N THR D 306 13.36 29.38 -29.20
CA THR D 306 13.95 28.31 -29.99
C THR D 306 13.20 28.04 -31.29
N GLY D 307 12.12 28.77 -31.52
CA GLY D 307 11.34 28.60 -32.73
C GLY D 307 10.58 27.28 -32.81
N ARG D 308 10.23 26.72 -31.66
CA ARG D 308 9.44 25.49 -31.61
C ARG D 308 7.96 25.79 -31.39
N GLU D 309 7.12 24.81 -31.64
CA GLU D 309 5.69 24.97 -31.38
C GLU D 309 5.32 24.45 -30.00
N PRO D 310 4.43 25.18 -29.28
CA PRO D 310 3.97 24.77 -27.95
C PRO D 310 3.32 23.39 -27.96
N ILE D 311 3.49 22.63 -26.88
CA ILE D 311 2.89 21.31 -26.82
C ILE D 311 1.37 21.39 -26.65
N VAL D 312 0.88 22.54 -26.20
CA VAL D 312 -0.56 22.78 -26.11
C VAL D 312 -0.90 24.10 -26.83
N GLY D 313 -0.85 24.07 -28.15
CA GLY D 313 -1.14 25.25 -28.95
C GLY D 313 -2.64 25.42 -29.17
N GLY D 314 -2.99 26.36 -30.04
CA GLY D 314 -4.38 26.63 -30.35
C GLY D 314 -5.13 25.40 -30.83
N ASP D 315 -4.46 24.51 -31.54
CA ASP D 315 -5.13 23.34 -32.07
C ASP D 315 -5.59 22.42 -30.95
N ASP D 316 -4.88 22.41 -29.83
CA ASP D 316 -5.30 21.61 -28.69
C ASP D 316 -6.58 22.19 -28.06
N GLY D 317 -6.65 23.51 -27.94
CA GLY D 317 -7.84 24.16 -27.44
C GLY D 317 -9.01 23.93 -28.37
N LEU D 318 -8.74 23.97 -29.67
CA LEU D 318 -9.76 23.74 -30.69
C LEU D 318 -10.29 22.32 -30.59
N LYS D 319 -9.39 21.37 -30.40
CA LYS D 319 -9.79 19.97 -30.35
C LYS D 319 -10.71 19.73 -29.16
N ASP D 320 -10.47 20.41 -28.04
CA ASP D 320 -11.38 20.36 -26.89
C ASP D 320 -12.76 20.94 -27.23
N LEU D 321 -12.78 22.13 -27.86
CA LEU D 321 -14.05 22.76 -28.20
C LEU D 321 -14.86 21.92 -29.17
N ARG D 322 -14.17 21.17 -30.04
CA ARG D 322 -14.86 20.24 -30.94
C ARG D 322 -15.65 19.17 -30.18
N VAL D 323 -15.03 18.61 -29.14
CA VAL D 323 -15.72 17.59 -28.36
C VAL D 323 -16.77 18.22 -27.45
N ILE D 324 -16.47 19.41 -26.93
CA ILE D 324 -17.46 20.12 -26.10
C ILE D 324 -18.76 20.37 -26.88
N GLU D 325 -18.64 20.81 -28.13
CA GLU D 325 -19.85 21.03 -28.94
C GLU D 325 -20.65 19.72 -29.07
N ALA D 326 -19.92 18.63 -29.28
CA ALA D 326 -20.54 17.31 -29.44
C ALA D 326 -21.17 16.82 -28.14
N ILE D 327 -20.52 17.10 -27.02
CA ILE D 327 -21.06 16.70 -25.72
C ILE D 327 -22.40 17.41 -25.45
N TYR D 328 -22.43 18.71 -25.71
CA TYR D 328 -23.65 19.48 -25.54
C TYR D 328 -24.76 18.96 -26.46
N ARG D 329 -24.40 18.61 -27.68
CA ARG D 329 -25.36 18.11 -28.66
C ARG D 329 -25.88 16.73 -28.26
N ALA D 330 -24.98 15.86 -27.78
CA ALA D 330 -25.35 14.52 -27.35
C ALA D 330 -26.34 14.56 -26.21
N ALA D 331 -26.13 15.48 -25.27
CA ALA D 331 -27.02 15.62 -24.13
C ALA D 331 -28.37 16.18 -24.56
N ARG D 332 -28.36 17.11 -25.51
CA ARG D 332 -29.61 17.72 -25.95
C ARG D 332 -30.45 16.75 -26.77
N GLU D 333 -29.81 15.99 -27.64
CA GLU D 333 -30.52 15.13 -28.58
C GLU D 333 -30.75 13.70 -28.08
N GLY D 334 -30.06 13.34 -27.02
CA GLY D 334 -30.17 11.98 -26.50
C GLY D 334 -29.69 10.93 -27.49
N ARG D 335 -28.52 11.16 -28.06
CA ARG D 335 -27.95 10.20 -28.98
C ARG D 335 -26.43 10.25 -28.99
N THR D 336 -25.81 9.20 -29.51
CA THR D 336 -24.36 9.18 -29.65
C THR D 336 -23.97 10.07 -30.83
N VAL D 337 -23.15 11.09 -30.56
CA VAL D 337 -22.67 11.98 -31.62
C VAL D 337 -21.33 11.48 -32.15
N LYS D 338 -21.24 11.33 -33.46
CA LYS D 338 -20.01 10.84 -34.07
C LYS D 338 -19.12 12.01 -34.45
N LEU D 339 -17.81 11.80 -34.34
CA LEU D 339 -16.83 12.84 -34.67
C LEU D 339 -15.76 12.31 -35.61
N ARG E 5 28.76 10.68 -39.28
CA ARG E 5 28.77 9.78 -40.42
C ARG E 5 27.96 8.52 -40.13
N LYS E 6 27.43 7.89 -41.19
CA LYS E 6 26.64 6.68 -41.05
C LYS E 6 27.19 5.52 -41.89
N LEU E 7 27.33 4.35 -41.27
CA LEU E 7 27.78 3.16 -41.98
C LEU E 7 26.59 2.40 -42.55
N GLY E 8 26.80 1.77 -43.70
CA GLY E 8 25.73 1.09 -44.39
C GLY E 8 25.57 -0.34 -43.94
N TYR E 9 24.35 -0.69 -43.52
CA TYR E 9 24.02 -2.07 -43.20
C TYR E 9 23.42 -2.77 -44.40
N ALA E 10 23.84 -4.01 -44.60
CA ALA E 10 23.08 -4.93 -45.44
C ALA E 10 22.38 -5.91 -44.51
N ILE E 11 21.07 -6.05 -44.67
CA ILE E 11 20.31 -6.99 -43.87
C ILE E 11 20.14 -8.28 -44.65
N LEU E 12 20.52 -9.39 -44.03
CA LEU E 12 20.52 -10.68 -44.70
C LEU E 12 19.61 -11.68 -44.01
N GLY E 13 18.60 -12.17 -44.74
CA GLY E 13 17.57 -13.02 -44.18
C GLY E 13 16.39 -12.17 -43.76
N LEU E 14 15.43 -12.00 -44.67
CA LEU E 14 14.37 -11.02 -44.47
C LEU E 14 13.18 -11.68 -43.81
N GLY E 15 13.39 -12.14 -42.58
CA GLY E 15 12.35 -12.82 -41.84
C GLY E 15 11.67 -11.88 -40.87
N TYR E 16 10.98 -12.45 -39.88
CA TYR E 16 10.23 -11.67 -38.92
C TYR E 16 11.10 -10.67 -38.16
N TYR E 17 12.22 -11.14 -37.63
CA TYR E 17 13.04 -10.26 -36.80
C TYR E 17 13.67 -9.14 -37.62
N ALA E 18 14.15 -9.49 -38.80
CA ALA E 18 14.74 -8.52 -39.71
C ALA E 18 13.73 -7.43 -40.08
N THR E 19 12.56 -7.85 -40.54
CA THR E 19 11.63 -6.91 -41.19
C THR E 19 10.68 -6.22 -40.21
N ARG E 20 10.19 -6.96 -39.20
CA ARG E 20 9.24 -6.37 -38.26
C ARG E 20 9.94 -5.62 -37.14
N ILE E 21 11.11 -6.09 -36.72
CA ILE E 21 11.72 -5.52 -35.54
C ILE E 21 12.95 -4.68 -35.82
N ILE E 22 13.87 -5.19 -36.63
CA ILE E 22 15.16 -4.50 -36.81
C ILE E 22 15.07 -3.32 -37.79
N MET E 23 14.56 -3.59 -38.98
CA MET E 23 14.63 -2.59 -40.05
C MET E 23 13.90 -1.28 -39.71
N PRO E 24 12.73 -1.33 -39.03
CA PRO E 24 12.16 -0.04 -38.67
C PRO E 24 13.01 0.79 -37.69
N ARG E 25 13.98 0.17 -37.02
CA ARG E 25 14.70 0.91 -36.00
C ARG E 25 15.95 1.63 -36.51
N PHE E 26 16.20 1.56 -37.81
CA PHE E 26 17.25 2.41 -38.37
C PHE E 26 16.88 3.90 -38.26
N ALA E 27 15.58 4.16 -38.12
CA ALA E 27 15.08 5.53 -38.01
C ALA E 27 15.74 6.32 -36.87
N GLU E 28 16.00 5.65 -35.74
CA GLU E 28 16.53 6.33 -34.57
C GLU E 28 18.05 6.25 -34.48
N CYS E 29 18.69 5.68 -35.50
CA CYS E 29 20.15 5.54 -35.49
C CYS E 29 20.85 6.85 -35.84
N GLU E 30 22.02 7.07 -35.26
CA GLU E 30 22.85 8.23 -35.57
C GLU E 30 24.03 7.92 -36.50
N HIS E 31 24.45 6.66 -36.54
CA HIS E 31 25.66 6.29 -37.29
C HIS E 31 25.46 5.07 -38.17
N SER E 32 24.21 4.70 -38.38
CA SER E 32 23.88 3.52 -39.17
C SER E 32 22.74 3.84 -40.13
N ARG E 33 22.83 3.32 -41.36
CA ARG E 33 21.71 3.43 -42.28
C ARG E 33 21.49 2.11 -42.99
N LEU E 34 20.25 1.84 -43.37
CA LEU E 34 19.94 0.66 -44.15
C LEU E 34 20.38 0.88 -45.60
N ALA E 35 21.32 0.08 -46.07
CA ALA E 35 21.92 0.34 -47.39
C ALA E 35 21.68 -0.78 -48.41
N ALA E 36 21.40 -1.99 -47.95
CA ALA E 36 21.22 -3.10 -48.88
C ALA E 36 20.38 -4.23 -48.30
N LEU E 37 19.88 -5.10 -49.18
CA LEU E 37 19.05 -6.24 -48.79
C LEU E 37 19.53 -7.54 -49.42
N VAL E 38 19.60 -8.59 -48.61
CA VAL E 38 20.02 -9.91 -49.09
C VAL E 38 18.97 -10.95 -48.71
N SER E 39 18.42 -11.62 -49.71
CA SER E 39 17.28 -12.48 -49.47
C SER E 39 17.22 -13.60 -50.49
N GLY E 40 16.63 -14.73 -50.08
CA GLY E 40 16.39 -15.83 -51.00
C GLY E 40 14.98 -15.80 -51.56
N THR E 41 14.26 -14.72 -51.31
CA THR E 41 12.90 -14.56 -51.80
C THR E 41 12.79 -13.28 -52.64
N PRO E 42 12.77 -13.44 -53.98
CA PRO E 42 12.73 -12.33 -54.92
C PRO E 42 11.67 -11.29 -54.55
N GLU E 43 10.49 -11.76 -54.17
CA GLU E 43 9.38 -10.90 -53.80
C GLU E 43 9.73 -9.97 -52.64
N LYS E 44 10.43 -10.51 -51.64
CA LYS E 44 10.82 -9.72 -50.48
C LYS E 44 11.77 -8.60 -50.86
N LEU E 45 12.67 -8.88 -51.78
CA LEU E 45 13.63 -7.87 -52.24
C LEU E 45 12.89 -6.71 -52.89
N LYS E 46 11.83 -7.03 -53.62
CA LYS E 46 11.02 -6.02 -54.28
C LYS E 46 10.22 -5.21 -53.26
N THR E 47 9.43 -5.92 -52.45
CA THR E 47 8.62 -5.30 -51.40
C THR E 47 9.41 -4.36 -50.50
N TYR E 48 10.45 -4.88 -49.86
CA TYR E 48 11.19 -4.08 -48.89
C TYR E 48 12.17 -3.12 -49.56
N GLY E 49 12.64 -3.48 -50.74
CA GLY E 49 13.49 -2.59 -51.51
C GLY E 49 12.73 -1.32 -51.89
N GLU E 50 11.50 -1.52 -52.36
CA GLU E 50 10.63 -0.39 -52.72
C GLU E 50 10.20 0.38 -51.47
N GLN E 51 9.85 -0.34 -50.41
CA GLN E 51 9.43 0.30 -49.18
C GLN E 51 10.53 1.16 -48.55
N TYR E 52 11.78 0.70 -48.62
CA TYR E 52 12.88 1.41 -47.96
C TYR E 52 13.77 2.19 -48.93
N GLY E 53 13.36 2.29 -50.19
CA GLY E 53 14.14 3.04 -51.16
C GLY E 53 15.51 2.44 -51.41
N ILE E 54 15.56 1.11 -51.50
CA ILE E 54 16.80 0.40 -51.82
C ILE E 54 16.81 0.04 -53.32
N PRO E 55 17.75 0.64 -54.07
CA PRO E 55 17.84 0.40 -55.52
C PRO E 55 18.18 -1.06 -55.85
N GLU E 56 17.91 -1.49 -57.08
CA GLU E 56 18.12 -2.87 -57.46
C GLU E 56 19.60 -3.25 -57.44
N THR E 57 20.47 -2.27 -57.58
CA THR E 57 21.90 -2.50 -57.47
C THR E 57 22.30 -2.91 -56.03
N HIS E 58 21.44 -2.62 -55.07
CA HIS E 58 21.74 -2.90 -53.66
C HIS E 58 20.84 -4.00 -53.10
N ARG E 59 20.33 -4.82 -54.01
CA ARG E 59 19.56 -6.00 -53.63
C ARG E 59 20.32 -7.23 -54.10
N TYR E 60 20.43 -8.23 -53.23
CA TYR E 60 21.15 -9.46 -53.57
C TYR E 60 20.36 -10.70 -53.19
N SER E 61 20.45 -11.73 -54.01
CA SER E 61 20.02 -13.05 -53.63
C SER E 61 21.16 -13.70 -52.85
N TYR E 62 20.95 -14.88 -52.30
CA TYR E 62 22.04 -15.58 -51.64
C TYR E 62 23.07 -16.01 -52.68
N GLU E 63 22.61 -16.25 -53.91
CA GLU E 63 23.50 -16.66 -54.98
C GLU E 63 24.43 -15.53 -55.45
N THR E 64 23.92 -14.29 -55.45
CA THR E 64 24.76 -13.16 -55.89
C THR E 64 25.38 -12.40 -54.73
N PHE E 65 25.09 -12.82 -53.50
CA PHE E 65 25.56 -12.12 -52.30
C PHE E 65 27.06 -11.80 -52.30
N ASP E 66 27.88 -12.71 -52.80
CA ASP E 66 29.33 -12.48 -52.80
C ASP E 66 29.77 -11.24 -53.59
N ARG E 67 29.00 -10.86 -54.60
CA ARG E 67 29.26 -9.61 -55.34
C ARG E 67 29.25 -8.34 -54.46
N ILE E 68 28.74 -8.47 -53.23
CA ILE E 68 28.59 -7.31 -52.36
C ILE E 68 29.96 -6.72 -51.99
N ILE E 69 31.01 -7.49 -52.26
CA ILE E 69 32.37 -6.99 -52.08
C ILE E 69 32.61 -5.71 -52.89
N ASP E 70 31.91 -5.56 -54.01
CA ASP E 70 32.10 -4.40 -54.87
C ASP E 70 31.08 -3.28 -54.60
N ASN E 71 30.36 -3.36 -53.49
CA ASN E 71 29.44 -2.29 -53.10
C ASN E 71 30.00 -1.49 -51.95
N PRO E 72 30.54 -0.30 -52.23
CA PRO E 72 31.18 0.51 -51.19
C PRO E 72 30.17 1.12 -50.21
N ASP E 73 28.88 1.04 -50.52
CA ASP E 73 27.84 1.54 -49.62
C ASP E 73 27.53 0.58 -48.48
N VAL E 74 28.08 -0.63 -48.57
CA VAL E 74 27.87 -1.64 -47.54
C VAL E 74 29.10 -1.82 -46.69
N ASP E 75 29.00 -1.45 -45.41
CA ASP E 75 30.10 -1.63 -44.47
C ASP E 75 29.89 -2.86 -43.60
N ILE E 76 28.62 -3.18 -43.34
CA ILE E 76 28.24 -4.19 -42.36
C ILE E 76 27.19 -5.13 -42.93
N VAL E 77 27.37 -6.43 -42.72
CA VAL E 77 26.33 -7.40 -43.02
C VAL E 77 25.73 -7.91 -41.71
N TYR E 78 24.42 -7.78 -41.59
CA TYR E 78 23.69 -8.26 -40.41
C TYR E 78 23.02 -9.57 -40.80
N VAL E 79 23.53 -10.68 -40.27
CA VAL E 79 22.98 -12.00 -40.57
C VAL E 79 21.84 -12.35 -39.64
N ILE E 80 20.66 -12.55 -40.21
CA ILE E 80 19.46 -12.83 -39.43
C ILE E 80 18.70 -14.01 -40.03
N THR E 81 19.42 -15.12 -40.15
CA THR E 81 18.91 -16.37 -40.71
C THR E 81 18.68 -17.41 -39.61
N PRO E 82 18.10 -18.57 -39.96
CA PRO E 82 18.19 -19.69 -39.01
C PRO E 82 19.65 -19.93 -38.56
N ASN E 83 19.79 -20.42 -37.32
CA ASN E 83 21.08 -20.54 -36.66
C ASN E 83 22.15 -21.30 -37.45
N SER E 84 21.77 -22.39 -38.12
CA SER E 84 22.76 -23.20 -38.84
C SER E 84 23.38 -22.47 -40.03
N LEU E 85 22.79 -21.34 -40.39
CA LEU E 85 23.29 -20.58 -41.54
C LEU E 85 24.12 -19.39 -41.09
N HIS E 86 24.21 -19.17 -39.78
CA HIS E 86 24.98 -18.03 -39.29
C HIS E 86 26.43 -18.12 -39.74
N ARG E 87 27.02 -19.31 -39.58
CA ARG E 87 28.45 -19.45 -39.87
C ARG E 87 28.76 -19.24 -41.36
N PRO E 88 28.07 -19.96 -42.28
CA PRO E 88 28.47 -19.73 -43.67
C PRO E 88 28.23 -18.31 -44.17
N PHE E 89 27.16 -17.64 -43.74
CA PHE E 89 26.96 -16.29 -44.26
C PHE E 89 27.93 -15.30 -43.62
N THR E 90 28.32 -15.54 -42.36
CA THR E 90 29.31 -14.69 -41.70
C THR E 90 30.66 -14.78 -42.42
N GLU E 91 31.05 -16.00 -42.77
CA GLU E 91 32.33 -16.25 -43.42
C GLU E 91 32.35 -15.60 -44.81
N ARG E 92 31.26 -15.77 -45.55
CA ARG E 92 31.12 -15.10 -46.85
C ARG E 92 31.17 -13.58 -46.70
N ALA E 93 30.52 -13.04 -45.68
CA ALA E 93 30.55 -11.60 -45.45
C ALA E 93 31.97 -11.09 -45.18
N ALA E 94 32.69 -11.82 -44.34
CA ALA E 94 34.06 -11.43 -44.02
C ALA E 94 34.92 -11.43 -45.29
N ARG E 95 34.75 -12.46 -46.11
CA ARG E 95 35.54 -12.58 -47.33
C ARG E 95 35.17 -11.48 -48.31
N ALA E 96 33.93 -10.99 -48.23
CA ALA E 96 33.50 -9.83 -49.02
C ALA E 96 33.97 -8.51 -48.43
N GLY E 97 34.84 -8.58 -47.42
CA GLY E 97 35.41 -7.40 -46.78
C GLY E 97 34.45 -6.59 -45.91
N LYS E 98 33.37 -7.22 -45.46
CA LYS E 98 32.38 -6.52 -44.65
C LYS E 98 32.55 -6.86 -43.16
N HIS E 99 32.26 -5.89 -42.29
CA HIS E 99 32.07 -6.18 -40.88
C HIS E 99 30.77 -6.96 -40.71
N VAL E 100 30.65 -7.70 -39.61
CA VAL E 100 29.50 -8.57 -39.41
C VAL E 100 28.77 -8.37 -38.10
N MET E 101 27.46 -8.16 -38.19
CA MET E 101 26.56 -8.33 -37.05
C MET E 101 25.88 -9.67 -37.23
N CYS E 102 26.03 -10.54 -36.24
CA CYS E 102 25.44 -11.87 -36.30
C CYS E 102 24.44 -12.07 -35.16
N GLU E 103 23.24 -12.52 -35.50
CA GLU E 103 22.22 -12.76 -34.49
C GLU E 103 22.63 -13.90 -33.55
N LYS E 104 22.06 -13.93 -32.35
CA LYS E 104 22.21 -15.08 -31.45
C LYS E 104 21.26 -16.23 -31.86
N PRO E 105 21.57 -17.48 -31.46
CA PRO E 105 22.86 -17.88 -30.91
C PRO E 105 23.90 -17.72 -32.02
N MET E 106 25.14 -17.44 -31.67
CA MET E 106 26.18 -17.18 -32.67
C MET E 106 26.23 -18.27 -33.74
N ALA E 107 26.26 -19.52 -33.30
CA ALA E 107 26.28 -20.66 -34.20
C ALA E 107 25.99 -21.94 -33.42
N ASN E 108 26.00 -23.08 -34.10
CA ASN E 108 25.58 -24.32 -33.49
C ASN E 108 26.58 -24.89 -32.50
N THR E 109 27.86 -24.63 -32.71
CA THR E 109 28.89 -25.24 -31.86
C THR E 109 30.01 -24.27 -31.54
N VAL E 110 30.82 -24.62 -30.55
CA VAL E 110 32.02 -23.88 -30.23
C VAL E 110 32.94 -23.77 -31.45
N ALA E 111 33.15 -24.89 -32.14
CA ALA E 111 34.02 -24.90 -33.32
C ALA E 111 33.50 -23.95 -34.41
N ASP E 112 32.18 -23.92 -34.62
CA ASP E 112 31.62 -23.00 -35.61
C ASP E 112 31.94 -21.57 -35.21
N CYS E 113 31.78 -21.26 -33.93
CA CYS E 113 32.07 -19.92 -33.45
C CYS E 113 33.53 -19.55 -33.66
N GLU E 114 34.42 -20.49 -33.40
CA GLU E 114 35.86 -20.23 -33.54
C GLU E 114 36.21 -19.92 -34.99
N ALA E 115 35.56 -20.63 -35.91
CA ALA E 115 35.76 -20.44 -37.34
C ALA E 115 35.29 -19.06 -37.81
N MET E 116 34.17 -18.59 -37.27
CA MET E 116 33.64 -17.28 -37.63
C MET E 116 34.57 -16.20 -37.14
N ILE E 117 35.04 -16.36 -35.91
CA ILE E 117 35.99 -15.41 -35.33
C ILE E 117 37.26 -15.35 -36.17
N ALA E 118 37.79 -16.51 -36.57
CA ALA E 118 39.02 -16.59 -37.33
C ALA E 118 38.86 -15.90 -38.69
N ALA E 119 37.70 -16.07 -39.31
CA ALA E 119 37.46 -15.52 -40.64
C ALA E 119 37.38 -14.00 -40.60
N CYS E 120 36.76 -13.47 -39.56
CA CYS E 120 36.66 -12.02 -39.41
C CYS E 120 38.02 -11.44 -39.06
N LYS E 121 38.77 -12.14 -38.22
CA LYS E 121 40.13 -11.75 -37.88
C LYS E 121 41.04 -11.71 -39.12
N LYS E 122 40.93 -12.73 -39.97
CA LYS E 122 41.70 -12.78 -41.20
C LYS E 122 41.31 -11.63 -42.14
N ALA E 123 40.02 -11.34 -42.23
CA ALA E 123 39.54 -10.27 -43.07
C ALA E 123 39.85 -8.89 -42.50
N GLY E 124 40.37 -8.85 -41.26
CA GLY E 124 40.59 -7.59 -40.58
C GLY E 124 39.29 -6.83 -40.39
N ARG E 125 38.24 -7.55 -40.02
CA ARG E 125 36.91 -6.96 -39.87
C ARG E 125 36.32 -7.31 -38.51
N LYS E 126 35.46 -6.44 -38.00
CA LYS E 126 34.87 -6.63 -36.68
C LYS E 126 33.65 -7.57 -36.70
N LEU E 127 33.41 -8.20 -35.57
CA LEU E 127 32.32 -9.16 -35.44
C LEU E 127 31.58 -8.90 -34.14
N MET E 128 30.27 -8.71 -34.24
CA MET E 128 29.47 -8.46 -33.05
C MET E 128 28.26 -9.37 -33.05
N ILE E 129 27.88 -9.82 -31.87
CA ILE E 129 26.72 -10.69 -31.73
C ILE E 129 25.52 -9.89 -31.19
N GLY E 130 24.34 -10.19 -31.71
CA GLY E 130 23.14 -9.43 -31.40
C GLY E 130 22.54 -9.60 -30.02
N TYR E 131 23.32 -9.28 -28.99
CA TYR E 131 22.80 -9.31 -27.63
C TYR E 131 22.25 -7.93 -27.26
N ARG E 132 21.08 -7.62 -27.81
CA ARG E 132 20.47 -6.28 -27.65
C ARG E 132 20.23 -5.89 -26.19
N SER E 133 20.06 -6.87 -25.30
CA SER E 133 19.76 -6.57 -23.91
C SER E 133 20.88 -5.78 -23.26
N ARG E 134 22.09 -5.87 -23.80
CA ARG E 134 23.20 -5.11 -23.22
C ARG E 134 23.06 -3.61 -23.52
N PHE E 135 22.08 -3.25 -24.34
CA PHE E 135 21.84 -1.84 -24.67
C PHE E 135 20.48 -1.38 -24.16
N GLN E 136 19.85 -2.23 -23.37
CA GLN E 136 18.49 -1.97 -22.90
C GLN E 136 18.56 -1.32 -21.51
N ALA E 137 17.79 -0.25 -21.31
CA ALA E 137 17.91 0.60 -20.12
C ALA E 137 17.87 -0.13 -18.78
N HIS E 138 16.89 -1.01 -18.62
CA HIS E 138 16.69 -1.74 -17.37
C HIS E 138 17.83 -2.72 -17.11
N ASN E 139 18.30 -3.36 -18.17
CA ASN E 139 19.42 -4.29 -18.03
C ASN E 139 20.71 -3.56 -17.66
N ILE E 140 20.95 -2.40 -18.28
CA ILE E 140 22.13 -1.62 -17.95
C ILE E 140 22.09 -1.19 -16.47
N GLU E 141 20.90 -0.84 -16.01
CA GLU E 141 20.71 -0.43 -14.63
C GLU E 141 21.00 -1.59 -13.67
N ALA E 142 20.53 -2.79 -14.00
CA ALA E 142 20.79 -3.94 -13.13
C ALA E 142 22.29 -4.21 -13.04
N ILE E 143 22.97 -4.19 -14.20
CA ILE E 143 24.43 -4.39 -14.23
C ILE E 143 25.14 -3.33 -13.38
N LYS E 144 24.72 -2.07 -13.55
CA LYS E 144 25.28 -0.95 -12.79
C LYS E 144 25.13 -1.15 -11.28
N LEU E 145 23.94 -1.59 -10.84
CA LEU E 145 23.71 -1.80 -9.42
C LEU E 145 24.69 -2.85 -8.88
N VAL E 146 24.83 -3.96 -9.62
CA VAL E 146 25.79 -4.99 -9.24
C VAL E 146 27.21 -4.45 -9.17
N ARG E 147 27.64 -3.80 -10.26
CA ARG E 147 28.99 -3.26 -10.34
C ARG E 147 29.29 -2.21 -9.29
N ASP E 148 28.27 -1.44 -8.91
CA ASP E 148 28.47 -0.37 -7.93
C ASP E 148 28.47 -0.93 -6.51
N GLY E 149 28.13 -2.20 -6.37
CA GLY E 149 28.19 -2.85 -5.07
C GLY E 149 26.92 -2.70 -4.26
N ALA E 150 25.82 -2.33 -4.91
CA ALA E 150 24.56 -2.12 -4.19
C ALA E 150 24.00 -3.40 -3.56
N LEU E 151 24.35 -4.56 -4.12
CA LEU E 151 23.83 -5.83 -3.61
C LEU E 151 24.83 -6.56 -2.73
N GLY E 152 26.06 -6.06 -2.67
CA GLY E 152 27.16 -6.82 -2.11
C GLY E 152 27.57 -7.82 -3.18
N PRO E 153 28.35 -8.85 -2.80
CA PRO E 153 28.76 -9.83 -3.80
C PRO E 153 27.55 -10.58 -4.34
N VAL E 154 27.50 -10.82 -5.65
CA VAL E 154 26.41 -11.61 -6.21
C VAL E 154 26.42 -13.03 -5.62
N ARG E 155 25.27 -13.46 -5.08
CA ARG E 155 25.17 -14.80 -4.52
C ARG E 155 24.31 -15.70 -5.41
N THR E 156 23.17 -15.18 -5.87
CA THR E 156 22.27 -15.93 -6.75
C THR E 156 21.76 -15.10 -7.93
N VAL E 157 21.59 -15.78 -9.05
CA VAL E 157 20.89 -15.23 -10.21
C VAL E 157 19.84 -16.27 -10.57
N VAL E 158 18.58 -15.88 -10.55
CA VAL E 158 17.50 -16.80 -10.87
C VAL E 158 16.81 -16.23 -12.08
N THR E 159 16.90 -16.94 -13.20
CA THR E 159 16.42 -16.37 -14.45
C THR E 159 15.69 -17.41 -15.29
N ASP E 160 14.52 -17.03 -15.79
CA ASP E 160 13.63 -17.91 -16.55
C ASP E 160 13.31 -17.31 -17.91
N HIS E 161 13.60 -18.04 -18.98
CA HIS E 161 13.20 -17.61 -20.32
C HIS E 161 12.51 -18.74 -21.07
N GLY E 162 11.38 -18.43 -21.67
CA GLY E 162 10.62 -19.46 -22.35
C GLY E 162 9.42 -18.88 -23.04
N PHE E 163 8.94 -19.53 -24.09
CA PHE E 163 7.63 -19.21 -24.64
C PHE E 163 6.98 -20.47 -25.19
N THR E 164 5.66 -20.44 -25.29
CA THR E 164 4.90 -21.58 -25.78
C THR E 164 5.00 -21.60 -27.30
N ILE E 165 5.94 -22.37 -27.83
CA ILE E 165 6.18 -22.35 -29.28
C ILE E 165 5.02 -23.03 -30.02
N GLY E 166 4.70 -22.52 -31.21
CA GLY E 166 3.51 -22.98 -31.90
C GLY E 166 3.71 -24.00 -32.99
N ASP E 167 3.82 -23.51 -34.22
CA ASP E 167 3.85 -24.35 -35.42
C ASP E 167 5.01 -25.34 -35.41
N PRO E 168 4.69 -26.65 -35.39
CA PRO E 168 5.70 -27.72 -35.37
C PRO E 168 6.63 -27.76 -36.59
N LYS E 169 6.26 -27.15 -37.71
CA LYS E 169 7.06 -27.24 -38.93
C LYS E 169 8.11 -26.14 -39.07
N GLN E 170 8.13 -25.19 -38.14
CA GLN E 170 9.02 -24.05 -38.25
C GLN E 170 10.47 -24.47 -38.00
N TRP E 171 11.42 -23.69 -38.49
CA TRP E 171 12.83 -24.13 -38.48
C TRP E 171 13.39 -24.30 -37.07
N ARG E 172 12.83 -23.58 -36.09
CA ARG E 172 13.31 -23.67 -34.71
C ARG E 172 13.13 -25.06 -34.12
N LEU E 173 12.22 -25.84 -34.70
CA LEU E 173 11.93 -27.18 -34.21
C LEU E 173 12.58 -28.24 -35.10
N ASN E 174 13.46 -27.77 -35.99
CA ASN E 174 14.20 -28.63 -36.88
C ASN E 174 15.69 -28.62 -36.53
N ARG E 175 16.25 -29.76 -36.15
CA ARG E 175 17.62 -29.75 -35.62
C ARG E 175 18.62 -29.25 -36.66
N ALA E 176 18.45 -29.67 -37.91
CA ALA E 176 19.36 -29.28 -38.99
C ALA E 176 19.48 -27.77 -39.13
N LEU E 177 18.37 -27.07 -38.92
CA LEU E 177 18.39 -25.62 -39.09
C LEU E 177 18.57 -24.86 -37.77
N ALA E 178 18.14 -25.45 -36.66
CA ALA E 178 18.19 -24.74 -35.37
C ALA E 178 19.43 -25.05 -34.51
N GLY E 179 19.95 -26.27 -34.65
CA GLY E 179 21.10 -26.70 -33.86
C GLY E 179 20.78 -27.15 -32.45
N GLY E 180 19.51 -27.02 -32.06
CA GLY E 180 19.05 -27.42 -30.74
C GLY E 180 17.71 -26.78 -30.47
N GLY E 181 17.16 -27.04 -29.30
CA GLY E 181 15.82 -26.57 -28.97
C GLY E 181 15.78 -25.25 -28.24
N SER E 182 14.97 -25.19 -27.17
CA SER E 182 14.75 -23.94 -26.45
C SER E 182 16.04 -23.29 -25.99
N LEU E 183 17.03 -24.09 -25.59
CA LEU E 183 18.29 -23.52 -25.11
C LEU E 183 18.95 -22.64 -26.16
N MET E 184 18.94 -23.09 -27.40
CA MET E 184 19.60 -22.37 -28.47
C MET E 184 18.89 -21.04 -28.73
N ASP E 185 17.57 -21.05 -28.59
CA ASP E 185 16.77 -19.93 -29.04
C ASP E 185 16.43 -18.92 -27.96
N ILE E 186 16.01 -19.40 -26.80
CA ILE E 186 15.45 -18.53 -25.79
C ILE E 186 16.14 -18.74 -24.44
N GLY E 187 16.54 -19.97 -24.14
CA GLY E 187 17.28 -20.22 -22.91
C GLY E 187 18.60 -19.50 -22.88
N ILE E 188 19.15 -19.21 -24.06
CA ILE E 188 20.40 -18.48 -24.14
C ILE E 188 20.30 -17.12 -23.44
N TYR E 189 19.10 -16.53 -23.39
CA TYR E 189 18.92 -15.27 -22.67
C TYR E 189 19.20 -15.45 -21.16
N SER E 190 18.76 -16.58 -20.61
CA SER E 190 19.03 -16.86 -19.20
C SER E 190 20.54 -16.98 -18.97
N LEU E 191 21.20 -17.70 -19.86
CA LEU E 191 22.64 -17.92 -19.79
C LEU E 191 23.41 -16.62 -19.93
N ASN E 192 23.12 -15.86 -20.97
CA ASN E 192 23.82 -14.61 -21.23
C ASN E 192 23.67 -13.65 -20.05
N ALA E 193 22.47 -13.60 -19.48
CA ALA E 193 22.20 -12.72 -18.34
C ALA E 193 22.97 -13.15 -17.09
N ALA E 194 23.00 -14.45 -16.80
CA ALA E 194 23.80 -14.94 -15.66
C ALA E 194 25.25 -14.50 -15.81
N ARG E 195 25.75 -14.55 -17.03
CA ARG E 195 27.11 -14.15 -17.33
C ARG E 195 27.31 -12.62 -17.19
N TYR E 196 26.42 -11.79 -17.75
CA TYR E 196 26.70 -10.36 -17.67
C TYR E 196 26.27 -9.74 -16.33
N LEU E 197 25.38 -10.40 -15.59
CA LEU E 197 25.05 -9.89 -14.25
C LEU E 197 26.18 -10.21 -13.28
N THR E 198 26.73 -11.43 -13.33
CA THR E 198 27.86 -11.76 -12.46
C THR E 198 29.14 -11.11 -12.95
N GLY E 199 29.24 -10.92 -14.27
CA GLY E 199 30.49 -10.52 -14.88
C GLY E 199 31.52 -11.65 -14.86
N GLU E 200 31.05 -12.88 -14.73
CA GLU E 200 31.96 -14.03 -14.62
C GLU E 200 31.61 -15.14 -15.62
N GLU E 201 32.51 -16.12 -15.74
CA GLU E 201 32.27 -17.29 -16.56
C GLU E 201 32.12 -18.52 -15.66
N PRO E 202 31.16 -19.40 -15.98
CA PRO E 202 30.86 -20.58 -15.16
C PRO E 202 32.03 -21.58 -15.11
N VAL E 203 32.21 -22.23 -13.97
CA VAL E 203 33.20 -23.30 -13.83
C VAL E 203 32.56 -24.67 -13.59
N ALA E 204 31.27 -24.68 -13.26
CA ALA E 204 30.55 -25.95 -13.14
C ALA E 204 29.12 -25.78 -13.62
N VAL E 205 28.57 -26.86 -14.18
CA VAL E 205 27.28 -26.84 -14.83
C VAL E 205 26.48 -28.10 -14.49
N ASN E 206 25.26 -27.90 -13.99
CA ASN E 206 24.26 -28.97 -13.86
C ASN E 206 23.14 -28.72 -14.83
N ALA E 207 22.49 -29.77 -15.32
CA ALA E 207 21.28 -29.56 -16.12
C ALA E 207 20.33 -30.74 -16.05
N VAL E 208 19.04 -30.44 -16.26
CA VAL E 208 17.97 -31.42 -16.36
C VAL E 208 17.12 -31.12 -17.59
N GLU E 209 16.95 -32.10 -18.47
CA GLU E 209 16.10 -31.92 -19.63
C GLU E 209 14.74 -32.59 -19.42
N SER E 210 13.68 -31.98 -19.91
CA SER E 210 12.36 -32.61 -19.86
C SER E 210 11.59 -32.30 -21.13
N THR E 211 11.35 -33.33 -21.93
CA THR E 211 10.70 -33.15 -23.21
C THR E 211 9.74 -34.30 -23.49
N ASP E 212 8.50 -33.97 -23.81
CA ASP E 212 7.51 -34.96 -24.23
C ASP E 212 7.66 -35.19 -25.73
N ARG E 213 8.30 -36.29 -26.08
CA ARG E 213 8.59 -36.64 -27.47
C ARG E 213 7.35 -37.06 -28.27
N SER E 214 6.21 -37.26 -27.60
CA SER E 214 4.97 -37.54 -28.31
C SER E 214 4.28 -36.24 -28.75
N ASP E 215 4.79 -35.11 -28.28
CA ASP E 215 4.34 -33.80 -28.74
C ASP E 215 4.84 -33.57 -30.17
N PRO E 216 3.94 -33.15 -31.08
CA PRO E 216 4.32 -32.90 -32.48
C PRO E 216 5.43 -31.86 -32.63
N ARG E 217 5.60 -30.99 -31.64
CA ARG E 217 6.64 -29.96 -31.71
C ARG E 217 8.05 -30.51 -31.46
N PHE E 218 8.15 -31.58 -30.68
CA PHE E 218 9.42 -31.95 -30.07
C PHE E 218 9.95 -33.31 -30.52
N GLY E 219 9.82 -33.58 -31.81
CA GLY E 219 10.34 -34.81 -32.36
C GLY E 219 11.85 -34.78 -32.54
N GLU E 220 12.42 -33.58 -32.63
CA GLU E 220 13.84 -33.44 -32.94
C GLU E 220 14.65 -32.70 -31.87
N VAL E 221 14.06 -31.66 -31.25
CA VAL E 221 14.82 -30.84 -30.31
C VAL E 221 14.14 -30.74 -28.92
N GLU E 222 14.84 -30.18 -27.94
CA GLU E 222 14.34 -30.22 -26.56
C GLU E 222 13.35 -29.11 -26.27
N ASP E 223 12.42 -29.42 -25.35
CA ASP E 223 11.46 -28.45 -24.83
C ASP E 223 12.08 -27.71 -23.64
N ILE E 224 12.13 -28.39 -22.50
CA ILE E 224 12.72 -27.79 -21.31
C ILE E 224 14.13 -28.31 -21.07
N ILE E 225 15.06 -27.41 -20.82
CA ILE E 225 16.33 -27.81 -20.25
C ILE E 225 16.75 -26.75 -19.27
N ASN E 226 16.67 -27.09 -17.99
CA ASN E 226 16.99 -26.15 -16.92
C ASN E 226 18.40 -26.39 -16.46
N PHE E 227 19.10 -25.34 -16.09
CA PHE E 227 20.49 -25.56 -15.71
C PHE E 227 20.93 -24.75 -14.51
N GLN E 228 21.98 -25.23 -13.87
CA GLN E 228 22.62 -24.51 -12.77
C GLN E 228 24.05 -24.16 -13.14
N LEU E 229 24.46 -22.96 -12.74
CA LEU E 229 25.82 -22.50 -12.97
C LEU E 229 26.50 -22.11 -11.68
N LEU E 230 27.75 -22.52 -11.53
CA LEU E 230 28.59 -22.06 -10.43
C LEU E 230 29.70 -21.19 -11.01
N PHE E 231 29.96 -20.04 -10.39
CA PHE E 231 31.02 -19.13 -10.84
C PHE E 231 32.18 -19.09 -9.84
N PRO E 232 33.39 -18.69 -10.29
CA PRO E 232 34.58 -18.70 -9.42
C PRO E 232 34.39 -17.94 -8.11
N SER E 233 33.62 -16.87 -8.12
CA SER E 233 33.43 -16.07 -6.91
C SER E 233 32.56 -16.77 -5.86
N GLY E 234 31.87 -17.83 -6.27
CA GLY E 234 30.86 -18.44 -5.41
C GLY E 234 29.44 -18.10 -5.86
N ALA E 235 29.32 -17.14 -6.78
CA ALA E 235 28.01 -16.79 -7.34
C ALA E 235 27.36 -18.01 -7.99
N THR E 236 26.04 -18.12 -7.84
CA THR E 236 25.31 -19.25 -8.42
C THR E 236 24.19 -18.75 -9.31
N ALA E 237 23.79 -19.57 -10.27
CA ALA E 237 22.59 -19.29 -11.07
C ALA E 237 21.72 -20.53 -11.27
N ASN E 238 20.41 -20.32 -11.14
CA ASN E 238 19.38 -21.30 -11.47
C ASN E 238 18.67 -20.77 -12.69
N CYS E 239 18.67 -21.53 -13.78
CA CYS E 239 18.14 -21.03 -15.04
C CYS E 239 17.09 -21.95 -15.65
N VAL E 240 16.02 -21.36 -16.16
CA VAL E 240 15.03 -22.11 -16.91
C VAL E 240 15.14 -21.78 -18.41
N SER E 241 15.05 -22.81 -19.24
CA SER E 241 14.91 -22.68 -20.70
C SER E 241 13.74 -23.53 -21.14
N ALA E 242 12.77 -22.95 -21.85
CA ALA E 242 11.55 -23.71 -22.13
C ALA E 242 10.85 -23.31 -23.43
N TYR E 243 10.23 -24.30 -24.08
CA TYR E 243 9.39 -24.09 -25.25
C TYR E 243 7.92 -24.42 -24.93
N SER E 244 7.61 -24.69 -23.66
CA SER E 244 6.22 -24.98 -23.29
C SER E 244 5.63 -24.13 -22.16
N VAL E 245 6.37 -23.12 -21.70
CA VAL E 245 5.79 -22.14 -20.78
C VAL E 245 6.24 -20.76 -21.19
N ASN E 246 5.55 -19.73 -20.69
CA ASN E 246 5.93 -18.34 -20.94
C ASN E 246 6.60 -17.73 -19.73
N CYS E 247 7.85 -17.29 -19.92
CA CYS E 247 8.57 -16.59 -18.87
C CYS E 247 9.68 -15.74 -19.46
N ASN E 248 9.97 -14.63 -18.81
CA ASN E 248 11.04 -13.76 -19.26
C ASN E 248 11.42 -12.87 -18.08
N ARG E 249 12.44 -13.28 -17.33
CA ARG E 249 12.74 -12.56 -16.10
C ARG E 249 14.09 -12.94 -15.51
N TYR E 250 14.61 -12.06 -14.67
CA TYR E 250 15.69 -12.46 -13.79
C TYR E 250 15.70 -11.63 -12.52
N ARG E 251 16.17 -12.25 -11.45
CA ARG E 251 16.48 -11.53 -10.22
C ARG E 251 17.91 -11.86 -9.85
N VAL E 252 18.72 -10.85 -9.58
CA VAL E 252 20.06 -11.10 -9.06
C VAL E 252 20.11 -10.60 -7.61
N SER E 253 20.62 -11.44 -6.71
CA SER E 253 20.57 -11.16 -5.27
C SER E 253 21.95 -11.25 -4.63
N GLY E 254 22.17 -10.38 -3.65
CA GLY E 254 23.35 -10.44 -2.80
C GLY E 254 22.92 -10.16 -1.36
N PRO E 255 23.87 -10.20 -0.43
CA PRO E 255 23.54 -10.03 0.99
C PRO E 255 22.97 -8.66 1.33
N LYS E 256 23.22 -7.64 0.50
CA LYS E 256 22.68 -6.30 0.76
C LYS E 256 21.32 -6.05 0.11
N GLY E 257 20.90 -6.93 -0.79
CA GLY E 257 19.59 -6.77 -1.38
C GLY E 257 19.53 -7.43 -2.75
N TRP E 258 18.50 -7.08 -3.52
CA TRP E 258 18.35 -7.67 -4.84
C TRP E 258 17.63 -6.76 -5.82
N VAL E 259 17.71 -7.12 -7.11
CA VAL E 259 16.97 -6.39 -8.13
C VAL E 259 16.49 -7.40 -9.17
N GLU E 260 15.30 -7.16 -9.73
CA GLU E 260 14.73 -8.05 -10.72
C GLU E 260 14.10 -7.25 -11.83
N ILE E 261 14.00 -7.87 -13.01
CA ILE E 261 13.27 -7.31 -14.12
C ILE E 261 12.36 -8.38 -14.69
N ASP E 262 11.11 -8.02 -14.94
CA ASP E 262 10.12 -8.95 -15.45
C ASP E 262 9.02 -8.15 -16.15
N PRO E 263 8.95 -8.20 -17.48
CA PRO E 263 9.83 -8.97 -18.38
C PRO E 263 11.23 -8.36 -18.43
N ALA E 264 12.26 -9.18 -18.67
CA ALA E 264 13.64 -8.73 -18.56
C ALA E 264 14.26 -8.36 -19.91
N THR E 265 14.08 -9.23 -20.91
CA THR E 265 14.80 -9.09 -22.16
C THR E 265 13.86 -9.05 -23.37
N SER E 266 12.63 -8.64 -23.12
CA SER E 266 11.64 -8.53 -24.18
C SER E 266 11.92 -7.33 -25.10
N TYR E 267 11.17 -7.23 -26.19
CA TYR E 267 11.31 -6.09 -27.12
C TYR E 267 10.91 -4.80 -26.42
N GLN E 268 9.92 -4.90 -25.54
CA GLN E 268 9.42 -3.75 -24.80
C GLN E 268 8.77 -4.25 -23.53
N GLY E 269 8.38 -3.32 -22.66
CA GLY E 269 7.58 -3.66 -21.51
C GLY E 269 8.34 -3.95 -20.22
N GLN E 270 9.67 -3.82 -20.23
CA GLN E 270 10.49 -4.10 -19.04
C GLN E 270 9.99 -3.35 -17.81
N ALA E 271 10.04 -4.02 -16.67
CA ALA E 271 9.68 -3.39 -15.41
C ALA E 271 10.62 -3.92 -14.36
N MET E 272 11.21 -3.00 -13.60
CA MET E 272 12.20 -3.36 -12.60
C MET E 272 11.67 -3.19 -11.17
N ARG E 273 12.04 -4.11 -10.30
CA ARG E 273 11.70 -4.02 -8.89
C ARG E 273 12.98 -4.32 -8.12
N ALA E 274 13.23 -3.58 -7.05
CA ALA E 274 14.44 -3.80 -6.28
C ALA E 274 14.15 -3.79 -4.78
N GLN E 275 14.94 -4.55 -4.05
CA GLN E 275 14.86 -4.55 -2.59
C GLN E 275 16.24 -4.12 -2.10
N LEU E 276 16.35 -2.86 -1.68
CA LEU E 276 17.63 -2.29 -1.30
C LEU E 276 17.50 -1.51 0.01
N GLY E 277 17.78 -2.16 1.12
CA GLY E 277 17.60 -1.55 2.43
C GLY E 277 16.19 -1.72 2.94
N GLY E 278 15.21 -1.25 2.17
CA GLY E 278 13.82 -1.34 2.58
C GLY E 278 13.06 -2.37 1.78
N PRO E 279 11.73 -2.41 1.96
CA PRO E 279 10.83 -3.32 1.24
C PRO E 279 11.04 -3.24 -0.27
N PRO E 280 10.70 -4.32 -1.00
CA PRO E 280 10.76 -4.27 -2.46
C PRO E 280 9.95 -3.09 -3.00
N ALA E 281 10.49 -2.40 -3.99
CA ALA E 281 9.80 -1.25 -4.54
C ALA E 281 10.18 -1.12 -6.01
N PRO E 282 9.29 -0.52 -6.82
CA PRO E 282 9.58 -0.27 -8.23
C PRO E 282 10.79 0.61 -8.38
N ARG E 283 11.53 0.44 -9.47
CA ARG E 283 12.68 1.30 -9.73
C ARG E 283 12.70 1.65 -11.19
N GLU E 284 12.92 2.92 -11.48
CA GLU E 284 13.09 3.37 -12.86
C GLU E 284 14.56 3.46 -13.18
N PRO E 285 14.99 2.87 -14.30
CA PRO E 285 16.40 2.90 -14.66
C PRO E 285 16.82 4.27 -15.16
N ALA E 286 18.12 4.55 -15.20
CA ALA E 286 18.60 5.75 -15.86
C ALA E 286 18.19 5.68 -17.32
N PRO E 287 17.73 6.80 -17.87
CA PRO E 287 17.27 6.84 -19.27
C PRO E 287 18.42 6.61 -20.24
N GLN E 288 18.11 6.04 -21.39
CA GLN E 288 19.10 5.85 -22.44
C GLN E 288 18.71 6.70 -23.65
N PRO E 289 19.71 7.14 -24.43
CA PRO E 289 19.47 8.04 -25.58
C PRO E 289 18.67 7.38 -26.69
N LYS E 290 18.85 6.08 -26.89
CA LYS E 290 18.19 5.35 -27.96
C LYS E 290 17.63 4.01 -27.45
N ASN E 291 16.61 3.50 -28.14
CA ASN E 291 16.08 2.17 -27.83
C ASN E 291 17.16 1.10 -28.07
N GLN E 292 16.94 -0.08 -27.51
CA GLN E 292 17.98 -1.11 -27.48
C GLN E 292 18.40 -1.56 -28.89
N PHE E 293 17.48 -1.53 -29.85
CA PHE E 293 17.78 -1.99 -31.21
C PHE E 293 18.66 -1.00 -31.97
N SER E 294 18.25 0.26 -31.96
CA SER E 294 19.02 1.30 -32.63
C SER E 294 20.38 1.44 -31.96
N ALA E 295 20.38 1.31 -30.63
CA ALA E 295 21.62 1.39 -29.87
C ALA E 295 22.57 0.24 -30.21
N GLN E 296 22.00 -0.95 -30.44
CA GLN E 296 22.81 -2.11 -30.82
C GLN E 296 23.48 -1.84 -32.18
N LEU E 297 22.67 -1.39 -33.14
CA LEU E 297 23.16 -1.11 -34.49
C LEU E 297 24.26 -0.04 -34.52
N ASP E 298 24.05 1.06 -33.80
CA ASP E 298 25.04 2.13 -33.71
C ASP E 298 26.30 1.72 -32.98
N HIS E 299 26.19 0.76 -32.06
CA HIS E 299 27.37 0.37 -31.29
C HIS E 299 28.44 -0.20 -32.21
N LEU E 300 28.05 -1.05 -33.16
CA LEU E 300 29.01 -1.65 -34.08
C LEU E 300 29.59 -0.59 -35.02
N SER E 301 28.69 0.24 -35.57
CA SER E 301 29.09 1.39 -36.38
C SER E 301 30.10 2.28 -35.64
N GLU E 302 29.81 2.61 -34.38
CA GLU E 302 30.70 3.46 -33.60
C GLU E 302 32.03 2.78 -33.28
N CYS E 303 31.99 1.47 -33.04
CA CYS E 303 33.21 0.70 -32.84
C CYS E 303 34.10 0.76 -34.08
N ILE E 304 33.49 0.61 -35.24
CA ILE E 304 34.23 0.68 -36.49
C ILE E 304 34.80 2.08 -36.70
N LEU E 305 33.97 3.09 -36.55
CA LEU E 305 34.40 4.49 -36.73
C LEU E 305 35.53 4.91 -35.81
N THR E 306 35.64 4.32 -34.62
CA THR E 306 36.63 4.77 -33.64
C THR E 306 37.68 3.71 -33.35
N GLY E 307 37.58 2.57 -34.01
CA GLY E 307 38.57 1.52 -33.84
C GLY E 307 38.55 0.86 -32.48
N ARG E 308 37.36 0.65 -31.93
CA ARG E 308 37.20 -0.05 -30.66
C ARG E 308 36.52 -1.40 -30.90
N GLU E 309 36.59 -2.29 -29.91
CA GLU E 309 35.95 -3.60 -30.07
C GLU E 309 34.58 -3.61 -29.40
N PRO E 310 33.60 -4.27 -30.05
CA PRO E 310 32.24 -4.43 -29.50
C PRO E 310 32.26 -4.97 -28.08
N ILE E 311 31.34 -4.51 -27.24
CA ILE E 311 31.24 -5.04 -25.89
C ILE E 311 30.67 -6.45 -25.92
N VAL E 312 30.04 -6.80 -27.04
CA VAL E 312 29.57 -8.16 -27.25
C VAL E 312 30.11 -8.70 -28.57
N GLY E 313 31.41 -8.95 -28.61
CA GLY E 313 32.03 -9.44 -29.82
C GLY E 313 31.83 -10.93 -29.98
N GLY E 314 32.45 -11.49 -31.01
CA GLY E 314 32.36 -12.92 -31.26
C GLY E 314 32.74 -13.77 -30.05
N ASP E 315 33.64 -13.29 -29.21
CA ASP E 315 34.07 -14.07 -28.07
C ASP E 315 32.94 -14.21 -27.04
N ASP E 316 31.99 -13.28 -27.04
CA ASP E 316 30.91 -13.37 -26.08
C ASP E 316 29.94 -14.45 -26.55
N GLY E 317 29.68 -14.47 -27.85
CA GLY E 317 28.90 -15.53 -28.48
C GLY E 317 29.54 -16.89 -28.23
N LEU E 318 30.87 -16.93 -28.32
CA LEU E 318 31.61 -18.18 -28.18
C LEU E 318 31.52 -18.67 -26.74
N LYS E 319 31.64 -17.73 -25.80
CA LYS E 319 31.56 -18.07 -24.40
C LYS E 319 30.19 -18.67 -24.04
N ASP E 320 29.10 -18.17 -24.65
CA ASP E 320 27.80 -18.80 -24.48
C ASP E 320 27.78 -20.23 -25.04
N LEU E 321 28.32 -20.43 -26.24
CA LEU E 321 28.30 -21.76 -26.85
C LEU E 321 29.09 -22.77 -26.02
N ARG E 322 30.17 -22.34 -25.39
CA ARG E 322 30.94 -23.25 -24.52
C ARG E 322 30.05 -23.77 -23.40
N VAL E 323 29.30 -22.87 -22.78
CA VAL E 323 28.45 -23.28 -21.67
C VAL E 323 27.29 -24.11 -22.17
N ILE E 324 26.75 -23.74 -23.32
CA ILE E 324 25.62 -24.46 -23.91
C ILE E 324 26.02 -25.92 -24.20
N GLU E 325 27.21 -26.11 -24.76
CA GLU E 325 27.67 -27.49 -25.00
C GLU E 325 27.74 -28.25 -23.66
N ALA E 326 28.24 -27.58 -22.63
CA ALA E 326 28.32 -28.16 -21.32
C ALA E 326 26.95 -28.46 -20.70
N ILE E 327 25.97 -27.58 -20.93
CA ILE E 327 24.61 -27.79 -20.43
C ILE E 327 23.98 -29.04 -21.06
N TYR E 328 24.06 -29.15 -22.38
CA TYR E 328 23.58 -30.34 -23.07
C TYR E 328 24.30 -31.60 -22.57
N ARG E 329 25.60 -31.50 -22.35
CA ARG E 329 26.35 -32.66 -21.85
C ARG E 329 25.91 -33.06 -20.44
N ALA E 330 25.72 -32.06 -19.59
CA ALA E 330 25.36 -32.30 -18.19
C ALA E 330 24.00 -32.98 -18.10
N ALA E 331 23.08 -32.57 -18.97
CA ALA E 331 21.73 -33.15 -19.01
C ALA E 331 21.76 -34.59 -19.52
N ARG E 332 22.62 -34.84 -20.50
CA ARG E 332 22.71 -36.17 -21.11
C ARG E 332 23.38 -37.15 -20.14
N GLU E 333 24.49 -36.73 -19.53
CA GLU E 333 25.29 -37.64 -18.72
C GLU E 333 24.86 -37.68 -17.25
N GLY E 334 24.01 -36.75 -16.85
CA GLY E 334 23.53 -36.72 -15.48
C GLY E 334 24.65 -36.48 -14.49
N ARG E 335 25.50 -35.51 -14.80
CA ARG E 335 26.60 -35.18 -13.92
C ARG E 335 27.02 -33.72 -14.07
N THR E 336 27.72 -33.22 -13.08
CA THR E 336 28.19 -31.85 -13.09
C THR E 336 29.36 -31.74 -14.06
N VAL E 337 29.23 -30.89 -15.07
CA VAL E 337 30.30 -30.67 -16.03
C VAL E 337 31.17 -29.49 -15.63
N LYS E 338 32.48 -29.69 -15.57
CA LYS E 338 33.40 -28.63 -15.15
C LYS E 338 33.94 -27.87 -16.35
N LEU E 339 34.07 -26.55 -16.21
CA LEU E 339 34.63 -25.69 -17.27
C LEU E 339 35.82 -24.90 -16.78
N ARG F 5 -32.72 -14.63 32.65
CA ARG F 5 -33.61 -13.48 32.84
C ARG F 5 -33.01 -12.20 32.22
N LYS F 6 -33.82 -11.50 31.42
CA LYS F 6 -33.36 -10.32 30.70
C LYS F 6 -34.15 -9.07 31.08
N LEU F 7 -33.45 -7.96 31.35
CA LEU F 7 -34.12 -6.70 31.60
C LEU F 7 -34.36 -5.96 30.29
N GLY F 8 -35.44 -5.18 30.24
CA GLY F 8 -35.83 -4.54 29.00
C GLY F 8 -35.30 -3.10 28.88
N TYR F 9 -34.66 -2.82 27.75
CA TYR F 9 -34.14 -1.48 27.44
C TYR F 9 -35.06 -0.66 26.56
N ALA F 10 -35.23 0.61 26.92
CA ALA F 10 -35.77 1.58 25.98
C ALA F 10 -34.62 2.43 25.46
N ILE F 11 -34.47 2.48 24.13
CA ILE F 11 -33.42 3.29 23.51
C ILE F 11 -34.01 4.64 23.14
N LEU F 12 -33.37 5.69 23.62
CA LEU F 12 -33.91 7.03 23.48
C LEU F 12 -32.94 7.92 22.70
N GLY F 13 -33.40 8.40 21.54
CA GLY F 13 -32.55 9.15 20.64
C GLY F 13 -31.99 8.19 19.60
N LEU F 14 -32.72 8.03 18.50
CA LEU F 14 -32.36 7.06 17.47
C LEU F 14 -31.44 7.68 16.42
N GLY F 15 -30.22 8.02 16.82
CA GLY F 15 -29.21 8.55 15.92
C GLY F 15 -28.21 7.46 15.55
N TYR F 16 -27.01 7.87 15.13
CA TYR F 16 -26.03 6.93 14.59
C TYR F 16 -25.59 5.90 15.64
N TYR F 17 -25.26 6.36 16.84
CA TYR F 17 -24.73 5.42 17.83
C TYR F 17 -25.82 4.44 18.23
N ALA F 18 -27.03 4.95 18.48
CA ALA F 18 -28.16 4.14 18.88
C ALA F 18 -28.47 3.06 17.85
N THR F 19 -28.63 3.47 16.59
CA THR F 19 -29.15 2.55 15.59
C THR F 19 -28.07 1.71 14.90
N ARG F 20 -26.89 2.29 14.68
CA ARG F 20 -25.84 1.58 13.97
C ARG F 20 -24.92 0.79 14.90
N ILE F 21 -24.74 1.28 16.12
CA ILE F 21 -23.78 0.64 17.01
C ILE F 21 -24.44 -0.15 18.14
N ILE F 22 -25.37 0.46 18.87
CA ILE F 22 -25.92 -0.20 20.07
C ILE F 22 -27.03 -1.22 19.77
N MET F 23 -28.05 -0.82 19.03
CA MET F 23 -29.23 -1.70 18.86
C MET F 23 -28.89 -3.06 18.21
N PRO F 24 -27.96 -3.10 17.24
CA PRO F 24 -27.57 -4.45 16.77
C PRO F 24 -26.95 -5.37 17.84
N ARG F 25 -26.42 -4.81 18.92
CA ARG F 25 -25.63 -5.64 19.85
C ARG F 25 -26.46 -6.28 20.98
N PHE F 26 -27.76 -6.01 21.03
CA PHE F 26 -28.62 -6.75 21.95
C PHE F 26 -28.62 -8.26 21.63
N ALA F 27 -28.33 -8.59 20.39
CA ALA F 27 -28.30 -9.99 19.94
C ALA F 27 -27.30 -10.84 20.71
N GLU F 28 -26.20 -10.24 21.17
CA GLU F 28 -25.20 -10.99 21.92
C GLU F 28 -25.33 -10.83 23.43
N CYS F 29 -26.40 -10.16 23.87
CA CYS F 29 -26.60 -9.97 25.31
C CYS F 29 -27.21 -11.21 25.95
N GLU F 30 -26.85 -11.44 27.21
CA GLU F 30 -27.40 -12.54 27.98
C GLU F 30 -28.49 -12.09 28.93
N HIS F 31 -28.48 -10.81 29.31
CA HIS F 31 -29.40 -10.33 30.35
C HIS F 31 -30.12 -9.05 29.96
N SER F 32 -30.11 -8.73 28.68
CA SER F 32 -30.69 -7.48 28.19
C SER F 32 -31.41 -7.72 26.88
N ARG F 33 -32.54 -7.06 26.70
CA ARG F 33 -33.25 -7.12 25.43
C ARG F 33 -33.78 -5.74 25.08
N LEU F 34 -33.93 -5.50 23.78
CA LEU F 34 -34.53 -4.28 23.27
C LEU F 34 -36.04 -4.34 23.44
N ALA F 35 -36.61 -3.47 24.27
CA ALA F 35 -38.03 -3.55 24.60
C ALA F 35 -38.88 -2.37 24.09
N ALA F 36 -38.26 -1.22 23.86
CA ALA F 36 -39.01 -0.03 23.48
C ALA F 36 -38.13 0.99 22.78
N LEU F 37 -38.76 1.93 22.09
CA LEU F 37 -38.04 2.96 21.36
C LEU F 37 -38.61 4.34 21.70
N VAL F 38 -37.73 5.33 21.80
CA VAL F 38 -38.14 6.70 22.08
C VAL F 38 -37.43 7.65 21.10
N SER F 39 -38.23 8.43 20.38
CA SER F 39 -37.69 9.22 19.27
C SER F 39 -38.54 10.46 19.00
N GLY F 40 -37.89 11.53 18.53
CA GLY F 40 -38.61 12.72 18.10
C GLY F 40 -38.93 12.68 16.61
N THR F 41 -38.62 11.55 15.98
CA THR F 41 -38.80 11.37 14.55
C THR F 41 -39.74 10.18 14.27
N PRO F 42 -41.01 10.48 13.97
CA PRO F 42 -42.05 9.44 13.86
C PRO F 42 -41.72 8.32 12.88
N GLU F 43 -41.05 8.66 11.78
CA GLU F 43 -40.67 7.66 10.79
C GLU F 43 -39.64 6.69 11.34
N LYS F 44 -38.73 7.19 12.19
CA LYS F 44 -37.75 6.31 12.82
C LYS F 44 -38.43 5.28 13.71
N LEU F 45 -39.48 5.68 14.39
CA LEU F 45 -40.24 4.77 15.25
C LEU F 45 -40.86 3.63 14.44
N LYS F 46 -41.36 3.96 13.26
CA LYS F 46 -41.94 2.95 12.36
C LYS F 46 -40.86 2.03 11.80
N THR F 47 -39.84 2.62 11.17
CA THR F 47 -38.74 1.87 10.59
C THR F 47 -38.04 0.92 11.56
N TYR F 48 -37.61 1.42 12.71
CA TYR F 48 -36.89 0.56 13.65
C TYR F 48 -37.85 -0.27 14.48
N GLY F 49 -39.07 0.22 14.67
CA GLY F 49 -40.09 -0.56 15.33
C GLY F 49 -40.37 -1.81 14.52
N GLU F 50 -40.53 -1.64 13.22
CA GLU F 50 -40.83 -2.77 12.33
C GLU F 50 -39.62 -3.69 12.17
N GLN F 51 -38.44 -3.11 12.04
CA GLN F 51 -37.23 -3.90 11.91
C GLN F 51 -36.97 -4.79 13.14
N TYR F 52 -37.19 -4.26 14.34
CA TYR F 52 -36.86 -4.99 15.56
C TYR F 52 -38.08 -5.60 16.21
N GLY F 53 -39.22 -5.52 15.53
CA GLY F 53 -40.45 -6.10 16.06
C GLY F 53 -40.89 -5.43 17.34
N ILE F 54 -40.74 -4.11 17.41
CA ILE F 54 -41.20 -3.36 18.55
C ILE F 54 -42.62 -2.87 18.31
N PRO F 55 -43.59 -3.38 19.09
CA PRO F 55 -45.00 -3.02 18.92
C PRO F 55 -45.24 -1.53 19.12
N GLU F 56 -46.33 -1.02 18.56
CA GLU F 56 -46.62 0.41 18.62
C GLU F 56 -46.88 0.88 20.04
N THR F 57 -47.34 -0.04 20.88
CA THR F 57 -47.53 0.25 22.30
C THR F 57 -46.20 0.51 23.01
N HIS F 58 -45.10 0.13 22.37
CA HIS F 58 -43.77 0.29 22.94
C HIS F 58 -42.95 1.32 22.14
N ARG F 59 -43.64 2.16 21.39
CA ARG F 59 -43.00 3.28 20.71
C ARG F 59 -43.46 4.60 21.33
N TYR F 60 -42.50 5.45 21.66
CA TYR F 60 -42.79 6.72 22.33
C TYR F 60 -42.16 7.88 21.59
N SER F 61 -42.86 9.01 21.54
CA SER F 61 -42.25 10.27 21.15
C SER F 61 -41.69 10.92 22.41
N TYR F 62 -40.98 12.04 22.27
CA TYR F 62 -40.48 12.72 23.47
C TYR F 62 -41.66 13.30 24.26
N GLU F 63 -42.73 13.59 23.55
CA GLU F 63 -43.92 14.13 24.18
C GLU F 63 -44.66 13.08 25.03
N THR F 64 -44.64 11.82 24.60
CA THR F 64 -45.36 10.78 25.35
C THR F 64 -44.44 9.89 26.19
N PHE F 65 -43.14 10.23 26.21
CA PHE F 65 -42.13 9.44 26.93
C PHE F 65 -42.50 9.14 28.38
N ASP F 66 -43.12 10.12 29.05
CA ASP F 66 -43.38 9.96 30.49
C ASP F 66 -44.36 8.80 30.76
N ARG F 67 -45.16 8.43 29.76
CA ARG F 67 -46.10 7.33 29.90
C ARG F 67 -45.39 5.98 30.07
N ILE F 68 -44.09 5.97 29.78
CA ILE F 68 -43.31 4.72 29.85
C ILE F 68 -43.30 4.16 31.27
N ILE F 69 -43.64 4.99 32.24
CA ILE F 69 -43.79 4.55 33.63
C ILE F 69 -44.79 3.39 33.76
N ASP F 70 -45.73 3.30 32.83
CA ASP F 70 -46.78 2.28 32.87
C ASP F 70 -46.41 1.03 32.06
N ASN F 71 -45.19 1.02 31.51
CA ASN F 71 -44.73 -0.10 30.69
C ASN F 71 -43.80 -0.99 31.50
N PRO F 72 -44.30 -2.12 31.98
CA PRO F 72 -43.49 -3.01 32.83
C PRO F 72 -42.43 -3.81 32.03
N ASP F 73 -42.44 -3.72 30.71
CA ASP F 73 -41.40 -4.38 29.90
C ASP F 73 -40.11 -3.55 29.84
N VAL F 74 -40.19 -2.31 30.29
CA VAL F 74 -39.03 -1.42 30.25
C VAL F 74 -38.47 -1.27 31.65
N ASP F 75 -37.22 -1.69 31.82
CA ASP F 75 -36.55 -1.57 33.10
C ASP F 75 -35.52 -0.46 33.07
N ILE F 76 -34.96 -0.25 31.89
CA ILE F 76 -33.86 0.68 31.69
C ILE F 76 -34.14 1.61 30.53
N VAL F 77 -33.83 2.90 30.71
CA VAL F 77 -33.84 3.82 29.59
C VAL F 77 -32.39 4.18 29.26
N TYR F 78 -32.03 4.08 27.99
CA TYR F 78 -30.67 4.38 27.53
C TYR F 78 -30.73 5.68 26.74
N VAL F 79 -30.19 6.74 27.32
CA VAL F 79 -30.27 8.06 26.72
C VAL F 79 -29.09 8.27 25.77
N ILE F 80 -29.39 8.42 24.48
CA ILE F 80 -28.34 8.57 23.47
C ILE F 80 -28.63 9.80 22.61
N THR F 81 -28.72 10.95 23.27
CA THR F 81 -29.04 12.23 22.64
C THR F 81 -27.84 13.18 22.60
N PRO F 82 -28.00 14.34 21.93
CA PRO F 82 -27.01 15.40 22.15
C PRO F 82 -26.81 15.65 23.65
N ASN F 83 -25.62 16.11 24.02
CA ASN F 83 -25.21 16.16 25.42
C ASN F 83 -26.14 17.00 26.31
N SER F 84 -26.62 18.13 25.80
CA SER F 84 -27.43 19.04 26.63
C SER F 84 -28.77 18.43 27.02
N LEU F 85 -29.15 17.34 26.36
CA LEU F 85 -30.41 16.69 26.66
C LEU F 85 -30.26 15.50 27.61
N HIS F 86 -29.02 15.13 27.95
CA HIS F 86 -28.80 14.00 28.85
C HIS F 86 -29.49 14.20 30.21
N ARG F 87 -29.33 15.39 30.79
CA ARG F 87 -29.92 15.64 32.10
C ARG F 87 -31.46 15.55 32.08
N PRO F 88 -32.15 16.33 31.22
CA PRO F 88 -33.61 16.26 31.32
C PRO F 88 -34.22 14.87 31.02
N PHE F 89 -33.70 14.15 30.04
CA PHE F 89 -34.23 12.82 29.77
C PHE F 89 -33.90 11.84 30.90
N THR F 90 -32.73 11.98 31.50
CA THR F 90 -32.34 11.13 32.63
C THR F 90 -33.27 11.36 33.82
N GLU F 91 -33.58 12.63 34.08
CA GLU F 91 -34.47 12.97 35.19
C GLU F 91 -35.89 12.44 34.94
N ARG F 92 -36.39 12.61 33.72
CA ARG F 92 -37.71 12.09 33.37
C ARG F 92 -37.73 10.56 33.44
N ALA F 93 -36.65 9.91 33.03
CA ALA F 93 -36.59 8.45 33.09
C ALA F 93 -36.63 7.98 34.55
N ALA F 94 -35.86 8.65 35.40
CA ALA F 94 -35.85 8.34 36.83
C ALA F 94 -37.26 8.51 37.42
N ARG F 95 -37.92 9.61 37.08
CA ARG F 95 -39.26 9.86 37.58
C ARG F 95 -40.26 8.84 37.03
N ALA F 96 -39.95 8.26 35.88
CA ALA F 96 -40.78 7.19 35.32
C ALA F 96 -40.46 5.82 35.93
N GLY F 97 -39.65 5.82 36.99
CA GLY F 97 -39.27 4.61 37.69
C GLY F 97 -38.33 3.68 36.93
N LYS F 98 -37.52 4.23 36.03
CA LYS F 98 -36.60 3.40 35.26
C LYS F 98 -35.16 3.64 35.68
N HIS F 99 -34.35 2.57 35.62
CA HIS F 99 -32.91 2.71 35.72
C HIS F 99 -32.40 3.39 34.47
N VAL F 100 -31.21 4.00 34.55
CA VAL F 100 -30.73 4.80 33.42
C VAL F 100 -29.31 4.44 32.99
N MET F 101 -29.16 4.15 31.69
CA MET F 101 -27.85 4.19 31.04
C MET F 101 -27.75 5.54 30.32
N CYS F 102 -26.74 6.33 30.66
CA CYS F 102 -26.56 7.61 29.99
C CYS F 102 -25.23 7.63 29.23
N GLU F 103 -25.27 8.08 27.97
CA GLU F 103 -24.04 8.18 27.18
C GLU F 103 -23.12 9.26 27.72
N LYS F 104 -21.83 9.13 27.44
CA LYS F 104 -20.86 10.18 27.74
C LYS F 104 -21.00 11.28 26.70
N PRO F 105 -20.58 12.52 27.04
CA PRO F 105 -20.22 12.97 28.38
C PRO F 105 -21.51 12.99 29.19
N MET F 106 -21.42 12.77 30.50
CA MET F 106 -22.60 12.59 31.32
C MET F 106 -23.56 13.77 31.17
N ALA F 107 -23.03 14.96 31.36
CA ALA F 107 -23.82 16.18 31.15
C ALA F 107 -22.88 17.37 30.95
N ASN F 108 -23.44 18.57 30.83
CA ASN F 108 -22.65 19.73 30.47
C ASN F 108 -21.78 20.23 31.60
N THR F 109 -22.23 20.06 32.84
CA THR F 109 -21.52 20.60 33.98
C THR F 109 -21.54 19.65 35.16
N VAL F 110 -20.67 19.90 36.13
CA VAL F 110 -20.71 19.20 37.41
C VAL F 110 -22.09 19.28 38.06
N ALA F 111 -22.66 20.48 38.10
CA ALA F 111 -24.00 20.69 38.66
C ALA F 111 -25.05 19.82 37.97
N ASP F 112 -25.00 19.75 36.64
CA ASP F 112 -25.94 18.90 35.90
C ASP F 112 -25.80 17.42 36.33
N CYS F 113 -24.56 16.94 36.42
CA CYS F 113 -24.31 15.57 36.87
C CYS F 113 -24.85 15.33 38.27
N GLU F 114 -24.63 16.28 39.18
CA GLU F 114 -25.12 16.15 40.54
C GLU F 114 -26.65 16.01 40.57
N ALA F 115 -27.34 16.77 39.72
CA ALA F 115 -28.80 16.71 39.66
C ALA F 115 -29.28 15.35 39.17
N MET F 116 -28.59 14.81 38.17
CA MET F 116 -28.91 13.50 37.63
C MET F 116 -28.72 12.40 38.66
N ILE F 117 -27.62 12.46 39.39
CA ILE F 117 -27.35 11.51 40.46
C ILE F 117 -28.44 11.55 41.54
N ALA F 118 -28.85 12.77 41.91
CA ALA F 118 -29.85 12.98 42.95
C ALA F 118 -31.22 12.44 42.52
N ALA F 119 -31.58 12.67 41.26
CA ALA F 119 -32.84 12.21 40.72
C ALA F 119 -32.93 10.69 40.74
N CYS F 120 -31.86 10.02 40.29
CA CYS F 120 -31.86 8.56 40.27
C CYS F 120 -31.86 8.02 41.70
N LYS F 121 -31.11 8.67 42.59
CA LYS F 121 -31.08 8.23 43.99
C LYS F 121 -32.47 8.38 44.63
N LYS F 122 -33.14 9.50 44.34
CA LYS F 122 -34.47 9.75 44.86
C LYS F 122 -35.45 8.68 44.37
N ALA F 123 -35.29 8.28 43.12
CA ALA F 123 -36.16 7.26 42.52
C ALA F 123 -35.79 5.85 42.97
N GLY F 124 -34.64 5.71 43.62
CA GLY F 124 -34.16 4.40 44.04
C GLY F 124 -33.80 3.55 42.82
N ARG F 125 -33.20 4.22 41.84
CA ARG F 125 -32.86 3.57 40.58
C ARG F 125 -31.38 3.72 40.28
N LYS F 126 -30.83 2.77 39.51
CA LYS F 126 -29.40 2.81 39.22
C LYS F 126 -29.10 3.69 38.00
N LEU F 127 -27.87 4.20 37.98
CA LEU F 127 -27.42 5.10 36.93
C LEU F 127 -26.04 4.66 36.48
N MET F 128 -25.86 4.49 35.18
CA MET F 128 -24.56 4.09 34.63
C MET F 128 -24.20 4.95 33.42
N ILE F 129 -22.91 5.30 33.31
CA ILE F 129 -22.47 6.09 32.16
C ILE F 129 -21.81 5.17 31.11
N GLY F 130 -22.08 5.43 29.83
CA GLY F 130 -21.63 4.54 28.76
C GLY F 130 -20.15 4.58 28.40
N TYR F 131 -19.29 4.26 29.37
CA TYR F 131 -17.88 4.13 29.09
C TYR F 131 -17.57 2.70 28.64
N ARG F 132 -17.93 2.38 27.41
CA ARG F 132 -17.79 1.01 26.90
C ARG F 132 -16.37 0.45 26.96
N SER F 133 -15.37 1.33 26.92
CA SER F 133 -13.98 0.87 26.87
C SER F 133 -13.62 0.10 28.14
N ARG F 134 -14.36 0.31 29.23
CA ARG F 134 -14.08 -0.43 30.46
C ARG F 134 -14.46 -1.92 30.29
N PHE F 135 -15.13 -2.26 29.20
CA PHE F 135 -15.53 -3.66 28.94
C PHE F 135 -14.85 -4.21 27.69
N GLN F 136 -13.84 -3.49 27.20
CA GLN F 136 -13.18 -3.85 25.96
C GLN F 136 -11.89 -4.60 26.31
N ALA F 137 -11.67 -5.73 25.62
CA ALA F 137 -10.61 -6.67 26.00
C ALA F 137 -9.21 -6.06 26.15
N HIS F 138 -8.80 -5.26 25.18
CA HIS F 138 -7.45 -4.68 25.22
C HIS F 138 -7.33 -3.67 26.36
N ASN F 139 -8.38 -2.87 26.55
CA ASN F 139 -8.37 -1.90 27.64
C ASN F 139 -8.31 -2.61 28.99
N ILE F 140 -9.07 -3.68 29.13
CA ILE F 140 -9.04 -4.45 30.38
C ILE F 140 -7.64 -5.01 30.62
N GLU F 141 -6.98 -5.45 29.54
CA GLU F 141 -5.65 -6.04 29.66
C GLU F 141 -4.64 -4.98 30.09
N ALA F 142 -4.76 -3.78 29.55
CA ALA F 142 -3.85 -2.69 29.92
C ALA F 142 -4.00 -2.36 31.41
N ILE F 143 -5.24 -2.23 31.86
CA ILE F 143 -5.50 -1.98 33.28
C ILE F 143 -4.91 -3.10 34.14
N LYS F 144 -5.10 -4.34 33.69
CA LYS F 144 -4.55 -5.50 34.40
C LYS F 144 -3.02 -5.43 34.56
N LEU F 145 -2.32 -5.15 33.46
CA LEU F 145 -0.86 -5.07 33.50
C LEU F 145 -0.40 -4.00 34.48
N VAL F 146 -1.12 -2.87 34.52
CA VAL F 146 -0.77 -1.81 35.46
C VAL F 146 -0.99 -2.26 36.90
N ARG F 147 -2.18 -2.79 37.18
CA ARG F 147 -2.52 -3.24 38.53
C ARG F 147 -1.60 -4.37 38.99
N ASP F 148 -1.19 -5.22 38.06
CA ASP F 148 -0.31 -6.34 38.40
C ASP F 148 1.13 -5.89 38.63
N GLY F 149 1.41 -4.61 38.41
CA GLY F 149 2.74 -4.09 38.66
C GLY F 149 3.74 -4.43 37.55
N ALA F 150 3.23 -4.78 36.38
CA ALA F 150 4.12 -5.13 35.27
C ALA F 150 4.95 -3.95 34.79
N LEU F 151 4.46 -2.73 35.04
CA LEU F 151 5.15 -1.54 34.56
C LEU F 151 5.94 -0.86 35.67
N GLY F 152 5.75 -1.33 36.90
CA GLY F 152 6.14 -0.57 38.07
C GLY F 152 5.13 0.56 38.25
N PRO F 153 5.48 1.57 39.06
CA PRO F 153 4.56 2.69 39.26
C PRO F 153 4.30 3.42 37.95
N VAL F 154 3.05 3.80 37.68
CA VAL F 154 2.76 4.56 36.47
C VAL F 154 3.48 5.91 36.53
N ARG F 155 4.28 6.21 35.50
CA ARG F 155 4.94 7.52 35.43
C ARG F 155 4.27 8.44 34.40
N THR F 156 3.99 7.90 33.21
CA THR F 156 3.36 8.69 32.16
C THR F 156 2.19 7.95 31.50
N VAL F 157 1.17 8.72 31.15
CA VAL F 157 0.12 8.31 30.24
C VAL F 157 0.08 9.33 29.12
N VAL F 158 0.30 8.86 27.91
CA VAL F 158 0.24 9.74 26.74
C VAL F 158 -0.89 9.25 25.87
N THR F 159 -1.92 10.07 25.73
CA THR F 159 -3.13 9.61 25.07
C THR F 159 -3.72 10.74 24.20
N ASP F 160 -4.04 10.39 22.95
CA ASP F 160 -4.53 11.32 21.94
C ASP F 160 -5.85 10.79 21.40
N HIS F 161 -6.88 11.64 21.44
CA HIS F 161 -8.17 11.30 20.86
C HIS F 161 -8.67 12.48 20.04
N GLY F 162 -9.05 12.19 18.81
CA GLY F 162 -9.54 13.25 17.94
C GLY F 162 -10.06 12.63 16.66
N PHE F 163 -10.93 13.37 15.97
CA PHE F 163 -11.24 13.03 14.60
C PHE F 163 -11.49 14.33 13.86
N THR F 164 -11.33 14.27 12.54
CA THR F 164 -11.54 15.43 11.69
C THR F 164 -13.03 15.61 11.51
N ILE F 165 -13.62 16.54 12.25
CA ILE F 165 -15.08 16.71 12.22
C ILE F 165 -15.49 17.42 10.91
N GLY F 166 -16.70 17.13 10.44
CA GLY F 166 -17.15 17.66 9.17
C GLY F 166 -18.22 18.73 9.28
N ASP F 167 -19.45 18.37 8.92
CA ASP F 167 -20.57 19.31 8.79
C ASP F 167 -20.73 20.34 9.92
N PRO F 168 -20.43 21.62 9.64
CA PRO F 168 -20.52 22.72 10.61
C PRO F 168 -21.88 22.86 11.30
N LYS F 169 -22.93 22.31 10.71
CA LYS F 169 -24.28 22.48 11.26
C LYS F 169 -24.69 21.41 12.27
N GLN F 170 -23.86 20.40 12.45
CA GLN F 170 -24.22 19.28 13.33
C GLN F 170 -24.24 19.73 14.79
N TRP F 171 -24.94 18.98 15.63
CA TRP F 171 -25.16 19.43 16.99
C TRP F 171 -23.86 19.50 17.79
N ARG F 172 -22.87 18.68 17.45
CA ARG F 172 -21.59 18.69 18.17
C ARG F 172 -20.88 20.05 18.11
N LEU F 173 -21.17 20.84 17.07
CA LEU F 173 -20.51 22.12 16.90
C LEU F 173 -21.40 23.30 17.31
N ASN F 174 -22.48 22.97 17.99
CA ASN F 174 -23.41 23.95 18.51
C ASN F 174 -23.37 23.96 20.04
N ARG F 175 -22.91 25.05 20.66
CA ARG F 175 -22.68 25.02 22.12
C ARG F 175 -23.95 24.68 22.92
N ALA F 176 -25.10 25.22 22.53
CA ALA F 176 -26.35 24.94 23.25
C ALA F 176 -26.72 23.45 23.32
N LEU F 177 -26.34 22.68 22.30
CA LEU F 177 -26.64 21.25 22.29
C LEU F 177 -25.48 20.35 22.74
N ALA F 178 -24.25 20.81 22.57
CA ALA F 178 -23.09 19.96 22.85
C ALA F 178 -22.42 20.27 24.18
N GLY F 179 -22.54 21.51 24.66
CA GLY F 179 -21.92 21.90 25.92
C GLY F 179 -20.45 22.28 25.82
N GLY F 180 -19.88 22.12 24.64
CA GLY F 180 -18.46 22.38 24.43
C GLY F 180 -17.99 21.64 23.19
N GLY F 181 -16.71 21.77 22.85
CA GLY F 181 -16.18 21.17 21.63
C GLY F 181 -15.58 19.79 21.79
N SER F 182 -14.37 19.61 21.25
CA SER F 182 -13.78 18.28 21.15
C SER F 182 -13.65 17.61 22.52
N LEU F 183 -13.36 18.38 23.56
CA LEU F 183 -13.15 17.81 24.89
C LEU F 183 -14.41 17.09 25.38
N MET F 184 -15.58 17.65 25.08
CA MET F 184 -16.83 17.02 25.51
C MET F 184 -17.07 15.71 24.76
N ASP F 185 -16.70 15.68 23.49
CA ASP F 185 -17.08 14.56 22.66
C ASP F 185 -16.06 13.44 22.58
N ILE F 186 -14.79 13.79 22.36
CA ILE F 186 -13.77 12.80 22.03
C ILE F 186 -12.57 12.93 22.97
N GLY F 187 -12.28 14.16 23.40
CA GLY F 187 -11.22 14.37 24.37
C GLY F 187 -11.45 13.66 25.69
N ILE F 188 -12.72 13.44 26.00
CA ILE F 188 -13.09 12.78 27.24
C ILE F 188 -12.53 11.34 27.32
N TYR F 189 -12.35 10.69 26.17
CA TYR F 189 -11.72 9.36 26.14
C TYR F 189 -10.29 9.44 26.66
N SER F 190 -9.58 10.52 26.32
CA SER F 190 -8.23 10.71 26.83
C SER F 190 -8.26 10.88 28.35
N LEU F 191 -9.19 11.68 28.83
CA LEU F 191 -9.32 11.95 30.25
C LEU F 191 -9.70 10.69 31.00
N ASN F 192 -10.72 10.02 30.49
CA ASN F 192 -11.25 8.83 31.13
C ASN F 192 -10.16 7.75 31.21
N ALA F 193 -9.36 7.60 30.16
CA ALA F 193 -8.30 6.59 30.12
C ALA F 193 -7.18 6.91 31.11
N ALA F 194 -6.73 8.17 31.15
CA ALA F 194 -5.74 8.57 32.14
C ALA F 194 -6.22 8.20 33.56
N ARG F 195 -7.51 8.40 33.82
CA ARG F 195 -8.06 8.08 35.14
C ARG F 195 -8.10 6.56 35.39
N TYR F 196 -8.63 5.77 34.45
CA TYR F 196 -8.71 4.34 34.76
C TYR F 196 -7.37 3.63 34.61
N LEU F 197 -6.44 4.20 33.86
CA LEU F 197 -5.12 3.58 33.77
C LEU F 197 -4.31 3.83 35.04
N THR F 198 -4.36 5.06 35.58
CA THR F 198 -3.69 5.32 36.85
C THR F 198 -4.47 4.75 38.01
N GLY F 199 -5.79 4.71 37.88
CA GLY F 199 -6.65 4.41 39.02
C GLY F 199 -6.67 5.56 39.99
N GLU F 200 -6.33 6.76 39.51
CA GLU F 200 -6.24 7.93 40.37
C GLU F 200 -7.09 9.09 39.87
N GLU F 201 -7.25 10.12 40.70
CA GLU F 201 -7.91 11.36 40.31
C GLU F 201 -6.88 12.47 40.30
N PRO F 202 -6.92 13.35 39.28
CA PRO F 202 -5.85 14.35 39.18
C PRO F 202 -5.94 15.43 40.25
N VAL F 203 -4.79 15.98 40.64
CA VAL F 203 -4.75 17.05 41.63
C VAL F 203 -4.33 18.36 40.96
N ALA F 204 -3.84 18.29 39.73
CA ALA F 204 -3.46 19.51 39.02
C ALA F 204 -3.62 19.35 37.51
N VAL F 205 -4.02 20.45 36.87
CA VAL F 205 -4.41 20.47 35.45
C VAL F 205 -3.81 21.69 34.71
N ASN F 206 -3.10 21.43 33.61
CA ASN F 206 -2.73 22.45 32.62
C ASN F 206 -3.52 22.22 31.33
N ALA F 207 -3.74 23.27 30.54
CA ALA F 207 -4.35 23.12 29.23
C ALA F 207 -4.02 24.26 28.29
N VAL F 208 -4.02 23.96 26.99
CA VAL F 208 -3.86 24.97 25.96
C VAL F 208 -4.90 24.70 24.86
N GLU F 209 -5.65 25.72 24.55
CA GLU F 209 -6.66 25.59 23.50
C GLU F 209 -6.12 26.18 22.22
N SER F 210 -6.43 25.55 21.09
CA SER F 210 -6.08 26.14 19.79
C SER F 210 -7.20 25.91 18.78
N THR F 211 -7.84 27.01 18.40
CA THR F 211 -8.98 26.96 17.51
C THR F 211 -8.93 28.10 16.50
N ASP F 212 -9.05 27.76 15.22
CA ASP F 212 -9.13 28.74 14.14
C ASP F 212 -10.58 29.21 14.00
N ARG F 213 -10.89 30.38 14.54
CA ARG F 213 -12.28 30.83 14.59
C ARG F 213 -12.81 31.29 13.23
N SER F 214 -11.95 31.35 12.22
CA SER F 214 -12.44 31.63 10.87
C SER F 214 -12.91 30.35 10.19
N ASP F 215 -12.61 29.19 10.79
CA ASP F 215 -13.10 27.92 10.29
C ASP F 215 -14.61 27.87 10.51
N PRO F 216 -15.36 27.59 9.44
CA PRO F 216 -16.83 27.55 9.58
C PRO F 216 -17.31 26.51 10.60
N ARG F 217 -16.47 25.53 10.95
CA ARG F 217 -16.83 24.54 11.95
C ARG F 217 -16.76 25.06 13.40
N PHE F 218 -15.93 26.07 13.64
CA PHE F 218 -15.51 26.38 15.01
C PHE F 218 -15.88 27.80 15.46
N GLY F 219 -17.07 28.24 15.05
CA GLY F 219 -17.58 29.52 15.51
C GLY F 219 -18.02 29.54 16.96
N GLU F 220 -18.35 28.37 17.50
CA GLU F 220 -18.96 28.28 18.84
C GLU F 220 -18.16 27.46 19.86
N VAL F 221 -17.53 26.37 19.43
CA VAL F 221 -16.83 25.47 20.37
C VAL F 221 -15.38 25.25 19.97
N GLU F 222 -14.58 24.62 20.83
CA GLU F 222 -13.16 24.50 20.57
C GLU F 222 -12.80 23.33 19.62
N ASP F 223 -11.72 23.52 18.88
CA ASP F 223 -11.14 22.47 18.06
C ASP F 223 -10.17 21.65 18.93
N ILE F 224 -9.00 22.22 19.18
CA ILE F 224 -7.98 21.51 19.96
C ILE F 224 -7.95 22.08 21.38
N ILE F 225 -7.99 21.20 22.36
CA ILE F 225 -7.66 21.61 23.73
C ILE F 225 -6.88 20.46 24.37
N ASN F 226 -5.56 20.63 24.42
CA ASN F 226 -4.68 19.60 24.96
C ASN F 226 -4.44 19.89 26.42
N PHE F 227 -4.28 18.85 27.22
CA PHE F 227 -4.16 19.07 28.65
C PHE F 227 -3.17 18.13 29.36
N GLN F 228 -2.67 18.60 30.49
CA GLN F 228 -1.78 17.79 31.33
C GLN F 228 -2.42 17.52 32.67
N LEU F 229 -2.24 16.31 33.18
CA LEU F 229 -2.76 15.92 34.48
C LEU F 229 -1.62 15.50 35.38
N LEU F 230 -1.68 15.93 36.63
CA LEU F 230 -0.79 15.38 37.66
C LEU F 230 -1.63 14.66 38.68
N PHE F 231 -1.19 13.47 39.10
CA PHE F 231 -1.89 12.62 40.07
C PHE F 231 -1.12 12.55 41.41
N PRO F 232 -1.81 12.20 42.51
CA PRO F 232 -1.14 12.17 43.82
C PRO F 232 0.11 11.30 43.87
N SER F 233 0.11 10.18 43.14
CA SER F 233 1.25 9.28 43.14
C SER F 233 2.49 9.86 42.45
N GLY F 234 2.31 10.97 41.73
CA GLY F 234 3.35 11.49 40.87
C GLY F 234 3.18 11.09 39.41
N ALA F 235 2.18 10.25 39.13
CA ALA F 235 1.91 9.88 37.75
C ALA F 235 1.47 11.12 36.96
N THR F 236 1.83 11.16 35.68
CA THR F 236 1.47 12.31 34.84
C THR F 236 0.76 11.84 33.57
N ALA F 237 -0.04 12.73 33.00
CA ALA F 237 -0.63 12.47 31.68
C ALA F 237 -0.52 13.69 30.76
N ASN F 238 -0.22 13.44 29.51
CA ASN F 238 -0.27 14.40 28.41
C ASN F 238 -1.37 13.95 27.49
N CYS F 239 -2.40 14.78 27.32
CA CYS F 239 -3.60 14.38 26.58
C CYS F 239 -3.89 15.33 25.43
N VAL F 240 -4.22 14.75 24.27
CA VAL F 240 -4.69 15.52 23.13
C VAL F 240 -6.21 15.30 22.96
N SER F 241 -6.93 16.40 22.72
CA SER F 241 -8.33 16.40 22.32
C SER F 241 -8.45 17.28 21.07
N ALA F 242 -9.00 16.76 19.98
CA ALA F 242 -8.97 17.52 18.73
C ALA F 242 -10.14 17.23 17.79
N TYR F 243 -10.55 18.25 17.05
CA TYR F 243 -11.56 18.09 16.02
C TYR F 243 -10.95 18.31 14.62
N SER F 244 -9.63 18.42 14.54
CA SER F 244 -8.99 18.65 13.23
C SER F 244 -7.89 17.65 12.88
N VAL F 245 -7.74 16.59 13.69
CA VAL F 245 -6.84 15.49 13.37
C VAL F 245 -7.48 14.17 13.81
N ASN F 246 -7.04 13.08 13.20
CA ASN F 246 -7.51 11.75 13.59
C ASN F 246 -6.49 11.02 14.44
N CYS F 247 -6.89 10.67 15.66
CA CYS F 247 -6.02 9.90 16.56
C CYS F 247 -6.88 9.19 17.57
N ASN F 248 -6.38 8.03 18.01
CA ASN F 248 -7.09 7.24 18.99
C ASN F 248 -6.10 6.24 19.55
N ARG F 249 -5.50 6.58 20.69
CA ARG F 249 -4.41 5.78 21.21
C ARG F 249 -4.07 6.19 22.63
N TYR F 250 -3.46 5.26 23.35
CA TYR F 250 -2.72 5.62 24.53
C TYR F 250 -1.55 4.69 24.78
N ARG F 251 -0.52 5.22 25.45
CA ARG F 251 0.57 4.43 26.01
C ARG F 251 0.73 4.77 27.49
N VAL F 252 0.75 3.77 28.35
CA VAL F 252 1.05 3.99 29.76
C VAL F 252 2.41 3.37 30.03
N SER F 253 3.27 4.11 30.71
CA SER F 253 4.67 3.73 30.91
C SER F 253 5.08 3.83 32.37
N GLY F 254 5.92 2.89 32.82
CA GLY F 254 6.57 2.96 34.12
C GLY F 254 8.03 2.55 33.96
N PRO F 255 8.80 2.52 35.06
CA PRO F 255 10.23 2.19 34.98
C PRO F 255 10.50 0.77 34.46
N LYS F 256 9.53 -0.13 34.57
CA LYS F 256 9.75 -1.52 34.16
C LYS F 256 9.31 -1.81 32.73
N GLY F 257 8.60 -0.86 32.11
CA GLY F 257 8.14 -1.07 30.75
C GLY F 257 6.89 -0.27 30.40
N TRP F 258 6.31 -0.56 29.24
CA TRP F 258 5.11 0.15 28.83
C TRP F 258 4.17 -0.71 28.00
N VAL F 259 2.92 -0.24 27.88
CA VAL F 259 1.95 -0.87 27.01
C VAL F 259 1.13 0.19 26.32
N GLU F 260 0.84 -0.04 25.03
CA GLU F 260 0.05 0.91 24.28
C GLU F 260 -1.05 0.22 23.48
N ILE F 261 -2.10 0.96 23.18
CA ILE F 261 -3.15 0.48 22.27
C ILE F 261 -3.42 1.56 21.24
N ASP F 262 -3.47 1.17 19.97
CA ASP F 262 -3.65 2.09 18.85
C ASP F 262 -4.22 1.30 17.67
N PRO F 263 -5.52 1.46 17.36
CA PRO F 263 -6.46 2.35 18.04
C PRO F 263 -6.84 1.83 19.42
N ALA F 264 -7.20 2.72 20.35
CA ALA F 264 -7.41 2.32 21.74
C ALA F 264 -8.88 2.13 22.11
N THR F 265 -9.73 3.08 21.71
CA THR F 265 -11.09 3.12 22.20
C THR F 265 -12.12 3.16 21.07
N SER F 266 -11.70 2.68 19.91
CA SER F 266 -12.57 2.57 18.73
C SER F 266 -13.63 1.48 18.92
N TYR F 267 -14.59 1.42 17.99
CA TYR F 267 -15.62 0.39 18.03
C TYR F 267 -15.04 -0.99 17.79
N GLN F 268 -13.96 -1.04 17.01
CA GLN F 268 -13.27 -2.29 16.71
C GLN F 268 -11.85 -1.99 16.26
N GLY F 269 -11.07 -3.05 16.05
CA GLY F 269 -9.74 -2.93 15.50
C GLY F 269 -8.60 -2.62 16.46
N GLN F 270 -8.88 -2.64 17.77
CA GLN F 270 -7.84 -2.44 18.79
C GLN F 270 -6.61 -3.31 18.55
N ALA F 271 -5.43 -2.70 18.70
CA ALA F 271 -4.17 -3.43 18.54
C ALA F 271 -3.21 -2.98 19.64
N MET F 272 -2.75 -3.94 20.44
CA MET F 272 -1.91 -3.64 21.60
C MET F 272 -0.46 -4.05 21.33
N ARG F 273 0.47 -3.17 21.73
CA ARG F 273 1.92 -3.47 21.74
C ARG F 273 2.46 -3.17 23.13
N ALA F 274 3.45 -3.93 23.55
CA ALA F 274 4.03 -3.72 24.87
C ALA F 274 5.52 -3.95 24.86
N GLN F 275 6.19 -3.31 25.80
CA GLN F 275 7.62 -3.45 25.99
C GLN F 275 7.79 -3.84 27.45
N LEU F 276 7.97 -5.14 27.69
CA LEU F 276 7.99 -5.68 29.04
C LEU F 276 9.19 -6.61 29.21
N GLY F 277 10.34 -6.02 29.51
CA GLY F 277 11.54 -6.82 29.76
C GLY F 277 12.26 -7.21 28.49
N GLY F 278 11.62 -7.02 27.36
CA GLY F 278 12.25 -7.25 26.07
C GLY F 278 11.87 -6.16 25.11
N PRO F 279 12.18 -6.34 23.83
CA PRO F 279 11.87 -5.37 22.78
C PRO F 279 10.36 -5.23 22.62
N PRO F 280 9.90 -4.12 22.05
CA PRO F 280 8.47 -3.94 21.82
C PRO F 280 7.88 -5.06 20.95
N ALA F 281 6.73 -5.58 21.33
CA ALA F 281 6.10 -6.64 20.55
C ALA F 281 4.59 -6.56 20.70
N PRO F 282 3.85 -7.06 19.70
CA PRO F 282 2.40 -7.19 19.86
C PRO F 282 2.03 -8.01 21.09
N ARG F 283 0.91 -7.69 21.70
CA ARG F 283 0.41 -8.52 22.79
C ARG F 283 -1.09 -8.70 22.61
N GLU F 284 -1.52 -9.95 22.68
CA GLU F 284 -2.94 -10.29 22.68
C GLU F 284 -3.47 -10.18 24.09
N PRO F 285 -4.65 -9.59 24.24
CA PRO F 285 -5.29 -9.49 25.56
C PRO F 285 -5.99 -10.81 25.91
N ALA F 286 -6.22 -11.07 27.19
CA ALA F 286 -7.09 -12.18 27.59
C ALA F 286 -8.44 -12.01 26.93
N PRO F 287 -9.03 -13.12 26.43
CA PRO F 287 -10.31 -13.01 25.73
C PRO F 287 -11.44 -12.62 26.68
N GLN F 288 -12.44 -11.90 26.15
CA GLN F 288 -13.64 -11.59 26.90
C GLN F 288 -14.79 -12.38 26.30
N PRO F 289 -15.80 -12.73 27.11
CA PRO F 289 -16.92 -13.52 26.60
C PRO F 289 -17.83 -12.75 25.64
N LYS F 290 -17.87 -11.43 25.74
CA LYS F 290 -18.77 -10.63 24.91
C LYS F 290 -18.09 -9.37 24.40
N ASN F 291 -18.55 -8.87 23.26
CA ASN F 291 -18.04 -7.60 22.73
C ASN F 291 -18.35 -6.49 23.72
N GLN F 292 -17.61 -5.39 23.62
CA GLN F 292 -17.68 -4.30 24.60
C GLN F 292 -19.10 -3.72 24.77
N PHE F 293 -19.89 -3.72 23.69
CA PHE F 293 -21.20 -3.09 23.70
C PHE F 293 -22.20 -3.95 24.47
N SER F 294 -22.30 -5.22 24.08
CA SER F 294 -23.17 -6.17 24.77
C SER F 294 -22.77 -6.29 26.24
N ALA F 295 -21.47 -6.33 26.48
CA ALA F 295 -20.94 -6.36 27.85
C ALA F 295 -21.40 -5.14 28.66
N GLN F 296 -21.33 -3.96 28.06
CA GLN F 296 -21.76 -2.73 28.74
C GLN F 296 -23.24 -2.82 29.10
N LEU F 297 -24.06 -3.14 28.12
CA LEU F 297 -25.50 -3.32 28.33
C LEU F 297 -25.81 -4.35 29.42
N ASP F 298 -25.15 -5.51 29.36
CA ASP F 298 -25.37 -6.54 30.36
C ASP F 298 -24.85 -6.16 31.75
N HIS F 299 -23.80 -5.35 31.82
CA HIS F 299 -23.27 -4.95 33.13
C HIS F 299 -24.34 -4.25 33.97
N LEU F 300 -25.07 -3.33 33.35
CA LEU F 300 -26.12 -2.60 34.07
C LEU F 300 -27.22 -3.56 34.49
N SER F 301 -27.71 -4.35 33.53
CA SER F 301 -28.74 -5.36 33.84
C SER F 301 -28.33 -6.27 34.98
N GLU F 302 -27.11 -6.77 34.93
CA GLU F 302 -26.60 -7.65 35.98
C GLU F 302 -26.49 -6.94 37.33
N CYS F 303 -26.09 -5.67 37.33
CA CYS F 303 -26.04 -4.90 38.58
C CYS F 303 -27.42 -4.77 39.21
N ILE F 304 -28.43 -4.54 38.38
CA ILE F 304 -29.79 -4.43 38.85
C ILE F 304 -30.28 -5.76 39.43
N LEU F 305 -30.02 -6.84 38.70
CA LEU F 305 -30.43 -8.17 39.14
C LEU F 305 -29.75 -8.61 40.44
N THR F 306 -28.50 -8.21 40.63
CA THR F 306 -27.75 -8.67 41.80
C THR F 306 -27.71 -7.62 42.91
N GLY F 307 -28.16 -6.42 42.60
CA GLY F 307 -28.16 -5.35 43.58
C GLY F 307 -26.76 -4.85 43.83
N ARG F 308 -25.97 -4.69 42.77
CA ARG F 308 -24.62 -4.14 42.88
C ARG F 308 -24.54 -2.80 42.15
N GLU F 309 -23.47 -2.05 42.40
CA GLU F 309 -23.31 -0.76 41.73
C GLU F 309 -22.42 -0.91 40.50
N PRO F 310 -22.78 -0.22 39.41
CA PRO F 310 -22.00 -0.28 38.17
C PRO F 310 -20.57 0.18 38.41
N ILE F 311 -19.60 -0.38 37.69
CA ILE F 311 -18.22 0.06 37.85
C ILE F 311 -18.03 1.44 37.24
N VAL F 312 -18.95 1.86 36.36
CA VAL F 312 -18.93 3.22 35.87
C VAL F 312 -20.28 3.89 36.14
N GLY F 313 -20.50 4.29 37.40
CA GLY F 313 -21.75 4.94 37.79
C GLY F 313 -21.71 6.43 37.52
N GLY F 314 -22.77 7.12 37.94
CA GLY F 314 -22.84 8.56 37.77
C GLY F 314 -21.65 9.27 38.39
N ASP F 315 -21.11 8.72 39.47
CA ASP F 315 -19.95 9.34 40.10
C ASP F 315 -18.72 9.34 39.19
N ASP F 316 -18.60 8.36 38.30
CA ASP F 316 -17.47 8.33 37.38
C ASP F 316 -17.67 9.41 36.33
N GLY F 317 -18.90 9.53 35.83
CA GLY F 317 -19.23 10.57 34.90
C GLY F 317 -19.00 11.96 35.50
N LEU F 318 -19.36 12.11 36.76
CA LEU F 318 -19.19 13.40 37.48
C LEU F 318 -17.72 13.77 37.65
N LYS F 319 -16.90 12.77 38.00
CA LYS F 319 -15.47 12.97 38.15
C LYS F 319 -14.82 13.46 36.84
N ASP F 320 -15.31 12.94 35.72
CA ASP F 320 -14.81 13.45 34.44
C ASP F 320 -15.19 14.91 34.28
N LEU F 321 -16.44 15.25 34.58
CA LEU F 321 -16.90 16.63 34.37
C LEU F 321 -16.17 17.62 35.28
N ARG F 322 -15.80 17.19 36.49
CA ARG F 322 -14.97 18.00 37.39
C ARG F 322 -13.66 18.38 36.72
N VAL F 323 -13.01 17.41 36.08
CA VAL F 323 -11.73 17.68 35.46
C VAL F 323 -11.93 18.50 34.18
N ILE F 324 -12.97 18.19 33.43
CA ILE F 324 -13.30 18.95 32.22
C ILE F 324 -13.50 20.45 32.52
N GLU F 325 -14.25 20.76 33.58
CA GLU F 325 -14.40 22.16 33.99
C GLU F 325 -13.02 22.77 34.32
N ALA F 326 -12.18 22.02 35.00
CA ALA F 326 -10.83 22.49 35.33
C ALA F 326 -9.96 22.70 34.08
N ILE F 327 -10.14 21.83 33.09
CA ILE F 327 -9.35 21.90 31.86
C ILE F 327 -9.71 23.16 31.09
N TYR F 328 -11.01 23.41 30.94
CA TYR F 328 -11.48 24.63 30.30
C TYR F 328 -10.98 25.87 31.06
N ARG F 329 -11.04 25.83 32.38
CA ARG F 329 -10.57 26.96 33.20
C ARG F 329 -9.06 27.20 33.01
N ALA F 330 -8.27 26.12 33.03
CA ALA F 330 -6.82 26.22 32.87
C ALA F 330 -6.42 26.82 31.52
N ALA F 331 -7.15 26.43 30.47
CA ALA F 331 -6.89 26.98 29.14
C ALA F 331 -7.31 28.45 29.06
N ARG F 332 -8.39 28.81 29.73
CA ARG F 332 -8.83 30.21 29.69
C ARG F 332 -7.93 31.13 30.50
N GLU F 333 -7.51 30.68 31.67
CA GLU F 333 -6.75 31.55 32.57
C GLU F 333 -5.23 31.43 32.39
N GLY F 334 -4.80 30.44 31.61
CA GLY F 334 -3.38 30.24 31.40
C GLY F 334 -2.65 29.94 32.71
N ARG F 335 -3.22 29.06 33.51
CA ARG F 335 -2.55 28.65 34.74
C ARG F 335 -2.88 27.21 35.14
N THR F 336 -2.09 26.66 36.04
CA THR F 336 -2.32 25.35 36.57
C THR F 336 -3.50 25.39 37.55
N VAL F 337 -4.54 24.62 37.28
CA VAL F 337 -5.71 24.56 38.14
C VAL F 337 -5.55 23.37 39.10
N LYS F 338 -5.74 23.61 40.39
CA LYS F 338 -5.57 22.56 41.38
C LYS F 338 -6.92 21.96 41.75
N LEU F 339 -6.94 20.65 41.97
CA LEU F 339 -8.17 19.94 42.30
C LEU F 339 -7.94 19.10 43.55
#